data_6JTC
#
_entry.id   6JTC
#
_cell.length_a   102.337
_cell.length_b   116.960
_cell.length_c   148.200
_cell.angle_alpha   90.00
_cell.angle_beta   90.00
_cell.angle_gamma   90.00
#
_symmetry.space_group_name_H-M   'P 21 21 21'
#
loop_
_entity.id
_entity.type
_entity.pdbx_description
1 polymer 'Asp/Glu-specific dipeptidyl-peptidase'
2 non-polymer GLYCEROL
3 non-polymer '2-(2-azanylethylamino)-5-nitro-benzoic acid'
4 water water
#
_entity_poly.entity_id   1
_entity_poly.type   'polypeptide(L)'
_entity_poly.pdbx_seq_one_letter_code
;MKKRLLLPLFAALCLSQIAHADEGMWLMQQLGRKYAQMKERGLKMKEYDLYNPNGTSLKDAVVLFDGGCTGEVVSDRGLV
LTNHHCGYDMIQAHSTLEHNYLENGFWAMREADELPNKDISVVFIDKIEDVTDYVKKELKAIKDPNSMDYLSPKYLQKLA
DKKAGKNFSAKNPGLSVEIKAFYGGNLYLMFTKKTYTDVRLVGAPPSSIGKFGADTDNWIWPRHTGDFSIFRIYADKNGN
PAPYSEDNVPLKPKRFFNISLGGVQENDYAMIMGFPGTTHRYFTASEVDEWKSIDNDIRIRMRDIRQGVMLREMLADPQI
KIMYSAKYAASQNAYKRAIGANWAIKTRGLRQNKQAMQDRLIAWGAKQGTPRYEEAVHEIDATVAKRADLRRRYWMIEEG
IIRGIEFARSPIPTEDETKALQGNDASARKEAIDKIRTRYSKFANKDYSAEVDKKVAVAMLTEYLKEIPYENLPLHLRLV
KDRFAGDVQAYVDDIFARSVFGSEAQFDAFAAVPSVEKLAEDPMVLFASSVFDEYRKLYNELRPYDDPILRAQRTYIAGL
LEMDGDQDQFPDANLTLRFTYGQVKGYSPRDNVYYGHQTTLDGVMEKEDPDNWEFVVDPKLKAVYERKDFGRYADRSGRM
PVAFCATTHTTGGNSGSPVMNANGELIGLNFDRNWEGVGGDIQYLADYQRSIIVDIRYVLLVIDKVGGCQRLLDEMNIVP
;
_entity_poly.pdbx_strand_id   A,B
#
loop_
_chem_comp.id
_chem_comp.type
_chem_comp.name
_chem_comp.formula
C8O non-polymer '2-(2-azanylethylamino)-5-nitro-benzoic acid' 'C9 H11 N3 O4'
GOL non-polymer GLYCEROL 'C3 H8 O3'
#
# COMPACT_ATOMS: atom_id res chain seq x y z
N ASP A 22 -22.08 -9.70 -15.17
CA ASP A 22 -22.36 -9.22 -16.52
C ASP A 22 -23.03 -7.84 -16.44
N GLU A 23 -22.99 -7.11 -17.56
CA GLU A 23 -23.45 -5.73 -17.69
C GLU A 23 -24.95 -5.62 -17.46
N GLY A 24 -25.37 -4.56 -16.76
CA GLY A 24 -26.72 -4.01 -16.86
C GLY A 24 -27.43 -3.95 -15.52
N MET A 25 -28.18 -2.87 -15.33
CA MET A 25 -29.13 -2.72 -14.22
C MET A 25 -30.52 -2.69 -14.86
N TRP A 26 -31.14 -3.88 -14.89
CA TRP A 26 -32.25 -4.23 -15.80
C TRP A 26 -33.56 -3.93 -15.08
N LEU A 27 -34.51 -3.35 -15.78
CA LEU A 27 -35.91 -3.22 -15.29
C LEU A 27 -36.49 -4.63 -15.09
N MET A 28 -37.36 -4.77 -14.10
CA MET A 28 -38.11 -6.04 -13.86
C MET A 28 -38.78 -6.48 -15.17
N GLN A 29 -39.39 -5.55 -15.91
CA GLN A 29 -40.11 -5.90 -17.16
C GLN A 29 -39.12 -6.32 -18.26
N GLN A 30 -37.81 -6.33 -17.98
CA GLN A 30 -36.76 -6.76 -18.94
C GLN A 30 -36.35 -8.19 -18.60
N LEU A 31 -36.95 -8.81 -17.59
CA LEU A 31 -36.54 -10.19 -17.20
C LEU A 31 -36.69 -11.12 -18.39
N GLY A 32 -37.82 -11.06 -19.10
CA GLY A 32 -38.12 -11.94 -20.24
C GLY A 32 -37.09 -11.81 -21.35
N ARG A 33 -36.71 -10.57 -21.70
CA ARG A 33 -35.66 -10.28 -22.71
C ARG A 33 -34.28 -10.76 -22.23
N LYS A 34 -34.06 -10.97 -20.92
CA LYS A 34 -32.71 -11.31 -20.39
C LYS A 34 -32.63 -12.77 -19.94
N TYR A 35 -33.76 -13.45 -19.68
CA TYR A 35 -33.84 -14.80 -19.07
C TYR A 35 -32.86 -15.77 -19.74
N ALA A 36 -32.66 -15.66 -21.05
CA ALA A 36 -31.86 -16.61 -21.85
C ALA A 36 -30.39 -16.51 -21.44
N GLN A 37 -29.84 -15.29 -21.42
CA GLN A 37 -28.46 -15.02 -20.96
C GLN A 37 -28.31 -15.51 -19.51
N MET A 38 -29.31 -15.29 -18.67
CA MET A 38 -29.21 -15.64 -17.23
C MET A 38 -29.24 -17.16 -17.09
N LYS A 39 -30.14 -17.82 -17.81
CA LYS A 39 -30.30 -19.30 -17.83
C LYS A 39 -28.96 -19.92 -18.24
N GLU A 40 -28.23 -19.25 -19.13
CA GLU A 40 -26.92 -19.71 -19.66
C GLU A 40 -25.80 -19.44 -18.63
N ARG A 41 -25.94 -18.39 -17.83
CA ARG A 41 -24.91 -18.05 -16.80
C ARG A 41 -25.13 -18.98 -15.58
N GLY A 42 -26.20 -19.77 -15.61
CA GLY A 42 -26.47 -20.82 -14.61
C GLY A 42 -27.75 -20.61 -13.80
N LEU A 43 -28.64 -19.66 -14.17
CA LEU A 43 -29.94 -19.47 -13.48
C LEU A 43 -30.84 -20.71 -13.72
N LYS A 44 -31.55 -21.16 -12.67
CA LYS A 44 -32.40 -22.37 -12.62
C LYS A 44 -33.84 -22.03 -12.19
N MET A 45 -34.09 -20.87 -11.58
CA MET A 45 -35.47 -20.51 -11.14
C MET A 45 -36.38 -20.45 -12.37
N LYS A 46 -37.68 -20.63 -12.18
CA LYS A 46 -38.69 -20.22 -13.19
C LYS A 46 -38.77 -18.69 -13.19
N GLU A 47 -38.85 -18.08 -14.36
CA GLU A 47 -39.00 -16.61 -14.54
C GLU A 47 -40.00 -15.99 -13.54
N TYR A 48 -41.26 -16.46 -13.52
CA TYR A 48 -42.36 -15.83 -12.73
C TYR A 48 -42.17 -16.05 -11.22
N ASP A 49 -41.25 -16.92 -10.81
CA ASP A 49 -40.86 -17.06 -9.39
C ASP A 49 -39.92 -15.90 -9.01
N LEU A 50 -39.14 -15.36 -9.96
CA LEU A 50 -38.24 -14.19 -9.72
C LEU A 50 -39.05 -12.89 -9.75
N TYR A 51 -39.83 -12.71 -10.81
CA TYR A 51 -40.68 -11.50 -10.99
C TYR A 51 -41.89 -11.90 -11.80
N ASN A 52 -43.05 -11.61 -11.25
CA ASN A 52 -44.36 -11.92 -11.87
C ASN A 52 -45.15 -10.63 -11.76
N PRO A 53 -45.56 -10.00 -12.86
CA PRO A 53 -46.31 -8.75 -12.74
C PRO A 53 -47.71 -9.01 -12.15
N ASN A 54 -48.15 -10.27 -12.08
CA ASN A 54 -49.57 -10.58 -11.73
C ASN A 54 -49.70 -11.50 -10.51
N GLY A 55 -48.62 -11.71 -9.76
CA GLY A 55 -48.62 -12.68 -8.66
C GLY A 55 -47.41 -12.49 -7.78
N THR A 56 -47.34 -13.24 -6.69
CA THR A 56 -46.22 -13.21 -5.71
C THR A 56 -44.94 -13.73 -6.39
N SER A 57 -43.82 -13.07 -6.10
CA SER A 57 -42.48 -13.37 -6.66
C SER A 57 -41.41 -12.95 -5.65
N LEU A 58 -40.17 -13.34 -5.89
CA LEU A 58 -39.05 -13.03 -4.96
C LEU A 58 -38.89 -11.51 -4.87
N LYS A 59 -39.28 -10.79 -5.93
CA LYS A 59 -39.28 -9.32 -5.94
C LYS A 59 -39.98 -8.76 -4.69
N ASP A 60 -41.07 -9.38 -4.24
CA ASP A 60 -41.85 -8.91 -3.07
C ASP A 60 -41.07 -9.08 -1.75
N ALA A 61 -39.94 -9.80 -1.74
CA ALA A 61 -39.02 -9.88 -0.58
C ALA A 61 -37.99 -8.73 -0.59
N VAL A 62 -38.04 -7.79 -1.53
CA VAL A 62 -37.00 -6.73 -1.66
C VAL A 62 -37.59 -5.43 -1.12
N VAL A 63 -36.82 -4.67 -0.34
CA VAL A 63 -37.27 -3.35 0.15
C VAL A 63 -36.23 -2.30 -0.15
N LEU A 64 -36.71 -1.07 -0.36
CA LEU A 64 -35.88 0.14 -0.24
C LEU A 64 -35.86 0.47 1.25
N PHE A 65 -34.70 0.34 1.87
CA PHE A 65 -34.50 0.54 3.33
C PHE A 65 -34.04 1.97 3.60
N ASP A 66 -34.86 2.70 4.35
CA ASP A 66 -34.59 4.05 4.89
C ASP A 66 -34.22 5.02 3.77
N GLY A 67 -34.90 4.90 2.63
CA GLY A 67 -34.85 5.86 1.52
C GLY A 67 -33.56 5.84 0.72
N GLY A 68 -32.63 4.90 0.93
CA GLY A 68 -31.37 4.91 0.14
C GLY A 68 -30.81 3.52 -0.09
N CYS A 69 -30.70 2.76 0.98
CA CYS A 69 -30.16 1.39 1.00
C CYS A 69 -31.21 0.42 0.48
N THR A 70 -30.78 -0.79 0.13
CA THR A 70 -31.64 -1.95 -0.11
C THR A 70 -31.62 -2.82 1.15
N GLY A 71 -32.71 -3.54 1.37
CA GLY A 71 -32.83 -4.60 2.39
C GLY A 71 -33.58 -5.78 1.80
N GLU A 72 -33.78 -6.84 2.59
CA GLU A 72 -34.53 -8.04 2.15
C GLU A 72 -35.20 -8.71 3.35
N VAL A 73 -36.36 -9.29 3.11
CA VAL A 73 -37.16 -9.98 4.16
C VAL A 73 -36.75 -11.46 4.19
N VAL A 74 -36.36 -11.94 5.37
CA VAL A 74 -35.69 -13.26 5.59
C VAL A 74 -36.48 -14.10 6.60
N SER A 75 -37.77 -13.81 6.82
CA SER A 75 -38.66 -14.67 7.67
C SER A 75 -40.15 -14.33 7.47
N ASP A 76 -41.00 -15.29 7.84
CA ASP A 76 -42.49 -15.15 7.86
C ASP A 76 -42.91 -14.21 9.01
N ARG A 77 -41.96 -13.59 9.72
CA ARG A 77 -42.25 -12.65 10.83
C ARG A 77 -41.52 -11.33 10.54
N GLY A 78 -41.26 -11.03 9.27
CA GLY A 78 -40.87 -9.69 8.78
C GLY A 78 -39.49 -9.26 9.23
N LEU A 79 -38.60 -10.22 9.49
CA LEU A 79 -37.16 -9.93 9.75
C LEU A 79 -36.54 -9.33 8.48
N VAL A 80 -35.74 -8.29 8.63
CA VAL A 80 -35.13 -7.59 7.47
C VAL A 80 -33.62 -7.60 7.69
N LEU A 81 -32.89 -7.97 6.66
CA LEU A 81 -31.42 -7.85 6.57
C LEU A 81 -31.09 -6.64 5.70
N THR A 82 -30.13 -5.85 6.14
CA THR A 82 -29.45 -4.80 5.35
C THR A 82 -27.99 -4.72 5.85
N ASN A 83 -27.24 -3.74 5.40
CA ASN A 83 -25.84 -3.52 5.82
C ASN A 83 -25.80 -2.94 7.23
N HIS A 84 -24.63 -3.07 7.86
CA HIS A 84 -24.35 -2.42 9.16
C HIS A 84 -24.32 -0.90 8.90
N HIS A 85 -23.78 -0.47 7.78
CA HIS A 85 -23.62 0.97 7.49
C HIS A 85 -24.99 1.60 7.18
N CYS A 86 -25.98 0.78 6.80
CA CYS A 86 -27.38 1.20 6.53
C CYS A 86 -28.15 1.34 7.83
N GLY A 87 -27.84 0.51 8.83
CA GLY A 87 -28.49 0.53 10.15
C GLY A 87 -27.69 1.30 11.17
N TYR A 88 -26.62 1.96 10.75
CA TYR A 88 -25.63 2.63 11.65
C TYR A 88 -26.35 3.68 12.53
N ASP A 89 -27.08 4.62 11.91
CA ASP A 89 -27.65 5.80 12.59
C ASP A 89 -28.62 5.34 13.68
N MET A 90 -29.37 4.28 13.42
CA MET A 90 -30.41 3.78 14.35
C MET A 90 -29.75 2.95 15.47
N ILE A 91 -28.61 2.30 15.19
CA ILE A 91 -27.84 1.55 16.23
C ILE A 91 -27.21 2.58 17.17
N GLN A 92 -26.80 3.74 16.61
CA GLN A 92 -26.20 4.87 17.37
C GLN A 92 -27.28 5.60 18.19
N ALA A 93 -28.49 5.81 17.66
CA ALA A 93 -29.59 6.52 18.36
C ALA A 93 -29.96 5.79 19.66
N HIS A 94 -29.91 4.46 19.68
CA HIS A 94 -30.20 3.60 20.86
C HIS A 94 -28.95 3.34 21.70
N SER A 95 -27.82 3.97 21.39
CA SER A 95 -26.52 3.79 22.10
C SER A 95 -26.32 4.91 23.14
N THR A 96 -26.22 4.53 24.42
CA THR A 96 -25.72 5.39 25.52
C THR A 96 -24.38 4.81 25.99
N LEU A 97 -23.67 5.53 26.86
CA LEU A 97 -22.34 5.08 27.37
C LEU A 97 -22.53 3.87 28.29
N GLU A 98 -23.67 3.74 28.99
CA GLU A 98 -23.98 2.52 29.78
C GLU A 98 -24.04 1.32 28.82
N HIS A 99 -25.03 1.31 27.94
CA HIS A 99 -25.32 0.20 26.98
C HIS A 99 -24.92 0.65 25.57
N ASN A 100 -23.63 0.50 25.22
CA ASN A 100 -23.04 0.95 23.94
C ASN A 100 -23.18 -0.17 22.90
N TYR A 101 -24.29 -0.14 22.15
CA TYR A 101 -24.68 -1.19 21.17
C TYR A 101 -23.81 -1.05 19.92
N LEU A 102 -23.45 0.19 19.54
CA LEU A 102 -22.55 0.49 18.39
C LEU A 102 -21.21 -0.23 18.56
N GLU A 103 -20.73 -0.34 19.81
CA GLU A 103 -19.43 -0.97 20.16
C GLU A 103 -19.61 -2.48 20.32
N ASN A 104 -20.54 -2.94 21.16
CA ASN A 104 -20.66 -4.37 21.59
C ASN A 104 -21.66 -5.12 20.70
N GLY A 105 -22.39 -4.40 19.85
CA GLY A 105 -23.55 -4.97 19.12
C GLY A 105 -24.80 -4.97 19.98
N PHE A 106 -25.87 -5.57 19.47
CA PHE A 106 -27.22 -5.53 20.07
C PHE A 106 -27.96 -6.79 19.63
N TRP A 107 -28.57 -7.53 20.57
CA TRP A 107 -29.21 -8.84 20.26
C TRP A 107 -30.45 -8.98 21.14
N ALA A 108 -31.52 -8.31 20.75
CA ALA A 108 -32.87 -8.48 21.35
C ALA A 108 -33.15 -9.98 21.51
N MET A 109 -33.42 -10.41 22.74
CA MET A 109 -33.63 -11.85 23.02
C MET A 109 -35.12 -12.19 22.91
N ARG A 110 -36.02 -11.20 22.91
CA ARG A 110 -37.41 -11.46 22.45
C ARG A 110 -37.88 -10.29 21.58
N GLU A 111 -38.93 -10.55 20.80
CA GLU A 111 -39.64 -9.59 19.91
C GLU A 111 -39.88 -8.29 20.67
N ALA A 112 -40.32 -8.38 21.92
CA ALA A 112 -40.73 -7.23 22.76
C ALA A 112 -39.55 -6.30 23.04
N ASP A 113 -38.31 -6.78 22.99
CA ASP A 113 -37.09 -5.98 23.29
C ASP A 113 -36.56 -5.28 22.02
N GLU A 114 -37.18 -5.56 20.87
CA GLU A 114 -36.80 -4.91 19.58
C GLU A 114 -37.19 -3.44 19.65
N LEU A 115 -36.21 -2.56 19.36
CA LEU A 115 -36.28 -1.10 19.55
C LEU A 115 -36.86 -0.40 18.31
N PRO A 116 -37.93 0.40 18.46
CA PRO A 116 -38.43 1.21 17.34
C PRO A 116 -37.51 2.42 17.05
N ASN A 117 -37.64 3.03 15.87
CA ASN A 117 -36.70 4.06 15.35
C ASN A 117 -37.46 5.31 14.87
N LYS A 118 -36.97 6.49 15.25
CA LYS A 118 -37.56 7.84 15.01
C LYS A 118 -38.16 7.94 13.60
N ASP A 119 -37.37 7.90 12.54
CA ASP A 119 -37.86 8.37 11.20
C ASP A 119 -37.52 7.34 10.13
N ILE A 120 -37.99 6.11 10.27
CA ILE A 120 -37.52 4.97 9.45
C ILE A 120 -38.63 4.57 8.47
N SER A 121 -38.25 3.95 7.36
CA SER A 121 -39.19 3.38 6.37
C SER A 121 -38.56 2.14 5.76
N VAL A 122 -39.41 1.24 5.27
CA VAL A 122 -39.05 0.29 4.19
C VAL A 122 -40.17 0.41 3.18
N VAL A 123 -39.83 0.29 1.91
CA VAL A 123 -40.78 0.49 0.80
C VAL A 123 -40.74 -0.79 -0.03
N PHE A 124 -41.89 -1.47 -0.14
CA PHE A 124 -42.08 -2.61 -1.07
C PHE A 124 -42.51 -2.03 -2.41
N ILE A 125 -42.04 -2.63 -3.48
CA ILE A 125 -42.51 -2.30 -4.85
C ILE A 125 -43.67 -3.25 -5.20
N ASP A 126 -44.87 -2.92 -4.72
CA ASP A 126 -46.10 -3.73 -4.89
C ASP A 126 -46.39 -4.05 -6.36
N LYS A 127 -46.44 -3.02 -7.21
CA LYS A 127 -46.74 -3.17 -8.67
C LYS A 127 -45.86 -2.19 -9.45
N ILE A 128 -45.53 -2.57 -10.68
CA ILE A 128 -44.79 -1.78 -11.69
C ILE A 128 -45.57 -1.92 -13.00
N GLU A 129 -46.01 -0.81 -13.60
CA GLU A 129 -46.69 -0.82 -14.93
C GLU A 129 -45.90 0.08 -15.89
N ASP A 130 -45.67 -0.41 -17.11
CA ASP A 130 -45.21 0.42 -18.25
C ASP A 130 -46.34 1.37 -18.68
N VAL A 131 -46.18 2.68 -18.42
CA VAL A 131 -47.20 3.74 -18.71
C VAL A 131 -46.66 4.70 -19.79
N THR A 132 -45.85 4.20 -20.73
CA THR A 132 -45.16 5.01 -21.76
C THR A 132 -46.23 5.69 -22.63
N ASP A 133 -47.05 4.88 -23.33
CA ASP A 133 -48.08 5.33 -24.31
C ASP A 133 -48.96 6.38 -23.64
N TYR A 134 -49.37 6.14 -22.39
CA TYR A 134 -50.19 7.12 -21.61
C TYR A 134 -49.45 8.45 -21.46
N VAL A 135 -48.20 8.41 -20.98
CA VAL A 135 -47.42 9.64 -20.66
C VAL A 135 -47.13 10.39 -21.97
N LYS A 136 -46.71 9.69 -23.04
CA LYS A 136 -46.38 10.32 -24.36
C LYS A 136 -47.64 11.00 -24.92
N LYS A 137 -48.81 10.40 -24.69
CA LYS A 137 -50.13 10.90 -25.15
C LYS A 137 -50.46 12.19 -24.39
N GLU A 138 -50.33 12.22 -23.07
CA GLU A 138 -50.56 13.45 -22.26
C GLU A 138 -49.61 14.56 -22.74
N LEU A 139 -48.37 14.18 -23.08
CA LEU A 139 -47.24 15.08 -23.44
C LEU A 139 -47.59 15.92 -24.68
N LYS A 140 -48.39 15.37 -25.61
CA LYS A 140 -48.78 16.08 -26.86
C LYS A 140 -49.68 17.30 -26.58
N ALA A 141 -50.29 17.40 -25.39
CA ALA A 141 -51.16 18.53 -24.97
C ALA A 141 -50.30 19.69 -24.40
N ILE A 142 -49.00 19.66 -24.66
CA ILE A 142 -48.04 20.75 -24.28
C ILE A 142 -47.55 21.40 -25.58
N LYS A 143 -47.73 22.73 -25.67
CA LYS A 143 -47.51 23.54 -26.90
C LYS A 143 -45.99 23.66 -27.14
N ASP A 144 -45.27 24.22 -26.17
CA ASP A 144 -43.79 24.45 -26.18
C ASP A 144 -43.09 23.13 -26.45
N PRO A 145 -42.43 22.91 -27.61
CA PRO A 145 -41.81 21.62 -27.92
C PRO A 145 -40.47 21.44 -27.17
N ASN A 146 -40.03 22.49 -26.47
CA ASN A 146 -38.78 22.52 -25.65
C ASN A 146 -39.13 22.38 -24.17
N SER A 147 -40.40 22.09 -23.83
CA SER A 147 -40.86 21.90 -22.44
C SER A 147 -40.08 20.77 -21.76
N MET A 148 -39.66 21.00 -20.51
CA MET A 148 -38.88 20.02 -19.70
C MET A 148 -39.83 19.25 -18.76
N ASP A 149 -41.14 19.33 -18.99
CA ASP A 149 -42.18 18.62 -18.18
C ASP A 149 -42.02 17.10 -18.28
N TYR A 150 -41.43 16.58 -19.35
CA TYR A 150 -41.29 15.12 -19.60
C TYR A 150 -40.37 14.47 -18.55
N LEU A 151 -39.55 15.26 -17.83
CA LEU A 151 -38.58 14.78 -16.80
C LEU A 151 -38.89 15.42 -15.45
N SER A 152 -40.01 16.13 -15.31
CA SER A 152 -40.33 16.97 -14.12
C SER A 152 -41.09 16.13 -13.10
N PRO A 153 -40.57 15.97 -11.87
CA PRO A 153 -41.30 15.26 -10.82
C PRO A 153 -42.73 15.78 -10.58
N LYS A 154 -42.95 17.11 -10.61
CA LYS A 154 -44.31 17.70 -10.47
C LYS A 154 -45.25 17.05 -11.49
N TYR A 155 -44.89 17.13 -12.77
CA TYR A 155 -45.82 16.82 -13.88
C TYR A 155 -46.09 15.33 -13.92
N LEU A 156 -45.04 14.51 -13.75
CA LEU A 156 -45.14 13.02 -13.73
C LEU A 156 -46.01 12.61 -12.54
N GLN A 157 -45.88 13.28 -11.40
CA GLN A 157 -46.68 12.99 -10.19
C GLN A 157 -48.16 13.31 -10.42
N LYS A 158 -48.48 14.41 -11.12
CA LYS A 158 -49.88 14.78 -11.45
C LYS A 158 -50.42 13.75 -12.44
N LEU A 159 -49.60 13.28 -13.37
CA LEU A 159 -49.98 12.23 -14.35
C LEU A 159 -50.27 10.92 -13.61
N ALA A 160 -49.65 10.75 -12.43
CA ALA A 160 -49.76 9.54 -11.57
C ALA A 160 -51.06 9.60 -10.76
N ASP A 161 -51.26 10.67 -9.99
CA ASP A 161 -52.53 11.01 -9.30
C ASP A 161 -53.73 10.85 -10.27
N LYS A 162 -53.68 11.50 -11.43
CA LYS A 162 -54.74 11.37 -12.47
C LYS A 162 -55.01 9.88 -12.73
N LYS A 163 -53.98 9.12 -13.06
CA LYS A 163 -54.17 7.71 -13.50
C LYS A 163 -54.60 6.84 -12.32
N ALA A 164 -54.26 7.21 -11.08
CA ALA A 164 -54.56 6.41 -9.88
C ALA A 164 -55.99 6.71 -9.42
N GLY A 165 -56.35 7.99 -9.35
CA GLY A 165 -57.61 8.50 -8.82
C GLY A 165 -57.37 9.60 -7.80
N LYS A 166 -58.40 10.39 -7.50
CA LYS A 166 -58.41 11.30 -6.32
C LYS A 166 -58.62 10.44 -5.07
N ASN A 167 -57.89 10.77 -4.00
CA ASN A 167 -57.97 10.12 -2.65
C ASN A 167 -57.66 8.63 -2.82
N PHE A 168 -56.63 8.30 -3.62
CA PHE A 168 -56.09 6.93 -3.77
C PHE A 168 -55.32 6.59 -2.50
N SER A 169 -54.49 7.51 -2.02
CA SER A 169 -53.65 7.36 -0.79
C SER A 169 -54.59 7.17 0.41
N ALA A 170 -55.81 7.71 0.33
CA ALA A 170 -56.87 7.59 1.35
C ALA A 170 -57.68 6.29 1.17
N LYS A 171 -57.99 5.91 -0.08
CA LYS A 171 -58.74 4.66 -0.40
C LYS A 171 -57.90 3.44 0.04
N ASN A 172 -56.67 3.30 -0.45
CA ASN A 172 -55.76 2.15 -0.15
C ASN A 172 -54.65 2.65 0.77
N PRO A 173 -54.81 2.68 2.12
CA PRO A 173 -53.79 3.28 2.98
C PRO A 173 -52.48 2.44 2.96
N GLY A 174 -51.34 3.10 3.17
CA GLY A 174 -50.02 2.47 3.01
C GLY A 174 -49.49 2.47 1.57
N LEU A 175 -50.37 2.53 0.55
CA LEU A 175 -50.03 2.57 -0.89
C LEU A 175 -49.81 4.03 -1.38
N SER A 176 -48.95 4.21 -2.37
CA SER A 176 -48.65 5.51 -3.05
C SER A 176 -48.21 5.17 -4.46
N VAL A 177 -48.34 6.12 -5.38
CA VAL A 177 -47.92 5.94 -6.80
C VAL A 177 -46.86 6.98 -7.15
N GLU A 178 -46.04 6.65 -8.14
CA GLU A 178 -44.94 7.48 -8.66
C GLU A 178 -44.75 7.08 -10.11
N ILE A 179 -44.58 8.05 -10.99
CA ILE A 179 -44.10 7.79 -12.37
C ILE A 179 -42.68 8.31 -12.48
N LYS A 180 -41.83 7.55 -13.17
CA LYS A 180 -40.42 7.95 -13.35
C LYS A 180 -40.10 7.78 -14.83
N ALA A 181 -39.20 8.64 -15.31
CA ALA A 181 -38.68 8.61 -16.69
C ALA A 181 -37.48 7.67 -16.73
N PHE A 182 -37.32 7.01 -17.86
CA PHE A 182 -36.21 6.10 -18.18
C PHE A 182 -35.77 6.40 -19.60
N TYR A 183 -34.55 5.99 -19.94
CA TYR A 183 -33.95 6.12 -21.29
C TYR A 183 -34.09 7.57 -21.78
N GLY A 184 -33.80 8.55 -20.90
CA GLY A 184 -33.82 9.98 -21.22
C GLY A 184 -35.19 10.46 -21.68
N GLY A 185 -36.26 9.82 -21.19
CA GLY A 185 -37.66 10.17 -21.47
C GLY A 185 -38.26 9.37 -22.61
N ASN A 186 -37.67 8.25 -23.02
CA ASN A 186 -38.27 7.35 -24.02
C ASN A 186 -39.13 6.23 -23.39
N LEU A 187 -39.14 6.07 -22.06
CA LEU A 187 -39.92 4.98 -21.38
C LEU A 187 -40.36 5.48 -20.00
N TYR A 188 -41.63 5.31 -19.64
CA TYR A 188 -42.13 5.67 -18.27
C TYR A 188 -42.74 4.44 -17.60
N LEU A 189 -42.48 4.32 -16.30
CA LEU A 189 -42.99 3.21 -15.45
C LEU A 189 -43.77 3.85 -14.32
N MET A 190 -44.91 3.27 -13.97
CA MET A 190 -45.65 3.65 -12.73
C MET A 190 -45.38 2.58 -11.68
N PHE A 191 -44.98 3.05 -10.51
CA PHE A 191 -44.66 2.23 -9.33
C PHE A 191 -45.81 2.44 -8.34
N THR A 192 -46.39 1.33 -7.88
CA THR A 192 -47.23 1.31 -6.66
C THR A 192 -46.35 0.81 -5.51
N LYS A 193 -46.13 1.69 -4.54
CA LYS A 193 -45.23 1.53 -3.38
C LYS A 193 -46.05 1.33 -2.11
N LYS A 194 -45.66 0.37 -1.29
CA LYS A 194 -46.28 0.07 0.02
C LYS A 194 -45.25 0.43 1.09
N THR A 195 -45.58 1.37 1.99
CA THR A 195 -44.58 1.94 2.93
C THR A 195 -44.91 1.54 4.37
N TYR A 196 -43.97 0.90 5.08
CA TYR A 196 -44.05 0.61 6.52
C TYR A 196 -43.09 1.54 7.28
N THR A 197 -43.47 1.96 8.47
CA THR A 197 -42.87 3.12 9.19
C THR A 197 -42.51 2.68 10.61
N ASP A 198 -43.02 1.52 11.05
CA ASP A 198 -42.61 0.86 12.30
C ASP A 198 -41.58 -0.21 11.94
N VAL A 199 -40.30 0.13 11.98
CA VAL A 199 -39.21 -0.84 11.65
C VAL A 199 -38.22 -0.84 12.82
N ARG A 200 -38.12 -1.99 13.50
CA ARG A 200 -37.41 -2.06 14.80
C ARG A 200 -36.05 -2.69 14.59
N LEU A 201 -35.05 -2.19 15.33
CA LEU A 201 -33.71 -2.79 15.47
C LEU A 201 -33.83 -4.14 16.20
N VAL A 202 -33.42 -5.23 15.55
CA VAL A 202 -33.44 -6.61 16.11
C VAL A 202 -32.02 -7.01 16.50
N GLY A 203 -31.05 -6.77 15.63
CA GLY A 203 -29.65 -7.22 15.81
C GLY A 203 -28.63 -6.36 15.08
N ALA A 204 -27.46 -6.21 15.68
CA ALA A 204 -26.26 -5.62 15.05
C ALA A 204 -25.03 -6.36 15.56
N PRO A 205 -24.05 -6.62 14.69
CA PRO A 205 -22.74 -7.09 15.15
C PRO A 205 -22.05 -5.91 15.83
N PRO A 206 -20.99 -6.13 16.62
CA PRO A 206 -20.14 -5.03 17.08
C PRO A 206 -19.58 -4.36 15.85
N SER A 207 -19.28 -3.08 15.94
CA SER A 207 -18.71 -2.29 14.82
C SER A 207 -17.32 -2.84 14.42
N SER A 208 -16.64 -3.56 15.31
CA SER A 208 -15.34 -4.21 15.00
C SER A 208 -15.55 -5.12 13.78
N ILE A 209 -16.63 -5.90 13.80
CA ILE A 209 -17.12 -6.77 12.70
C ILE A 209 -17.86 -5.97 11.61
N GLY A 210 -18.86 -5.15 12.00
CA GLY A 210 -19.69 -4.36 11.06
C GLY A 210 -18.89 -3.37 10.24
N LYS A 211 -17.77 -2.87 10.77
CA LYS A 211 -16.94 -1.82 10.14
C LYS A 211 -15.45 -2.23 10.08
N PHE A 212 -15.12 -3.52 10.14
CA PHE A 212 -13.71 -4.01 10.01
C PHE A 212 -13.04 -3.35 8.81
N GLY A 213 -11.90 -2.70 9.03
CA GLY A 213 -11.13 -1.96 8.00
C GLY A 213 -11.87 -0.73 7.52
N ALA A 214 -12.80 -0.23 8.32
CA ALA A 214 -13.78 0.82 7.95
C ALA A 214 -13.22 1.77 6.89
N ASP A 215 -12.13 2.48 7.18
CA ASP A 215 -11.60 3.53 6.26
C ASP A 215 -10.51 2.95 5.36
N THR A 216 -9.64 2.07 5.86
CA THR A 216 -8.46 1.57 5.10
C THR A 216 -8.95 0.76 3.90
N ASP A 217 -9.83 -0.19 4.20
CA ASP A 217 -10.38 -1.24 3.30
C ASP A 217 -11.64 -0.73 2.59
N ASN A 218 -11.96 0.56 2.64
CA ASN A 218 -13.09 1.16 1.88
C ASN A 218 -12.77 1.11 0.38
N TRP A 219 -13.74 0.64 -0.42
CA TRP A 219 -13.63 0.38 -1.88
C TRP A 219 -12.61 -0.74 -2.15
N ILE A 220 -12.20 -1.51 -1.13
CA ILE A 220 -11.07 -2.49 -1.27
C ILE A 220 -11.60 -3.93 -1.33
N TRP A 221 -11.20 -4.64 -2.37
CA TRP A 221 -11.17 -6.13 -2.39
C TRP A 221 -9.71 -6.52 -2.41
N PRO A 222 -9.29 -7.58 -1.69
CA PRO A 222 -10.14 -8.37 -0.79
C PRO A 222 -10.66 -7.62 0.44
N ARG A 223 -11.72 -8.13 1.09
CA ARG A 223 -12.40 -7.40 2.19
C ARG A 223 -12.90 -8.39 3.22
N HIS A 224 -12.91 -8.03 4.51
CA HIS A 224 -13.15 -8.98 5.64
C HIS A 224 -14.21 -8.46 6.62
N THR A 225 -15.10 -7.57 6.15
CA THR A 225 -16.12 -6.85 6.95
C THR A 225 -17.42 -7.66 6.98
N GLY A 226 -17.97 -7.91 8.16
CA GLY A 226 -19.32 -8.49 8.32
C GLY A 226 -20.34 -7.38 8.33
N ASP A 227 -20.48 -6.66 7.21
CA ASP A 227 -21.31 -5.42 7.07
C ASP A 227 -22.80 -5.79 6.94
N PHE A 228 -23.46 -6.04 8.08
CA PHE A 228 -24.89 -6.40 8.16
C PHE A 228 -25.48 -5.91 9.47
N SER A 229 -26.80 -5.64 9.44
CA SER A 229 -27.67 -5.38 10.63
C SER A 229 -29.03 -5.98 10.34
N ILE A 230 -29.84 -6.15 11.38
CA ILE A 230 -31.13 -6.90 11.35
C ILE A 230 -32.22 -5.99 11.92
N PHE A 231 -33.34 -5.86 11.20
CA PHE A 231 -34.51 -5.09 11.65
C PHE A 231 -35.73 -5.98 11.51
N ARG A 232 -36.88 -5.54 12.05
CA ARG A 232 -38.17 -6.23 11.84
C ARG A 232 -39.24 -5.21 11.43
N ILE A 233 -40.02 -5.56 10.42
CA ILE A 233 -41.18 -4.77 9.95
C ILE A 233 -42.35 -5.10 10.86
N TYR A 234 -42.88 -4.12 11.58
CA TYR A 234 -44.15 -4.20 12.36
C TYR A 234 -45.25 -3.45 11.62
N ALA A 235 -46.48 -3.97 11.71
CA ALA A 235 -47.70 -3.49 11.04
C ALA A 235 -48.89 -3.63 12.01
N ASP A 236 -50.08 -3.23 11.58
CA ASP A 236 -51.34 -3.46 12.34
C ASP A 236 -51.67 -4.95 12.23
N LYS A 237 -52.71 -5.35 12.97
CA LYS A 237 -53.31 -6.71 13.04
C LYS A 237 -53.46 -7.33 11.64
N ASN A 238 -53.82 -6.56 10.60
CA ASN A 238 -54.09 -7.08 9.23
C ASN A 238 -52.79 -7.11 8.39
N GLY A 239 -51.65 -6.71 8.95
CA GLY A 239 -50.38 -6.55 8.20
C GLY A 239 -50.41 -5.35 7.27
N ASN A 240 -51.30 -4.37 7.53
CA ASN A 240 -51.36 -3.04 6.86
C ASN A 240 -50.40 -2.08 7.56
N PRO A 241 -49.71 -1.22 6.78
CA PRO A 241 -48.82 -0.18 7.32
C PRO A 241 -49.42 0.63 8.46
N ALA A 242 -48.62 0.93 9.47
CA ALA A 242 -49.05 1.75 10.62
C ALA A 242 -47.82 2.39 11.24
N PRO A 243 -47.92 3.66 11.68
CA PRO A 243 -46.82 4.26 12.45
C PRO A 243 -46.69 3.47 13.76
N TYR A 244 -45.63 3.75 14.50
CA TYR A 244 -45.29 3.03 15.76
C TYR A 244 -46.48 3.06 16.71
N SER A 245 -46.91 1.87 17.16
CA SER A 245 -47.81 1.68 18.32
C SER A 245 -47.34 0.44 19.10
N GLU A 246 -47.36 0.54 20.43
CA GLU A 246 -47.16 -0.59 21.38
C GLU A 246 -47.98 -1.82 20.93
N ASP A 247 -49.09 -1.64 20.20
CA ASP A 247 -50.02 -2.74 19.77
C ASP A 247 -49.68 -3.29 18.36
N ASN A 248 -48.70 -2.72 17.65
CA ASN A 248 -48.22 -3.25 16.34
C ASN A 248 -47.64 -4.65 16.57
N VAL A 249 -47.88 -5.59 15.63
CA VAL A 249 -47.34 -6.97 15.63
C VAL A 249 -46.51 -7.19 14.37
N PRO A 250 -45.50 -8.10 14.39
CA PRO A 250 -44.66 -8.35 13.22
C PRO A 250 -45.48 -8.57 11.94
N LEU A 251 -44.99 -8.14 10.78
CA LEU A 251 -45.66 -8.39 9.49
C LEU A 251 -45.41 -9.84 9.07
N LYS A 252 -46.48 -10.56 8.73
CA LYS A 252 -46.43 -11.77 7.88
C LYS A 252 -46.36 -11.28 6.43
N PRO A 253 -45.21 -11.43 5.74
CA PRO A 253 -45.05 -10.97 4.36
C PRO A 253 -45.52 -11.96 3.29
N LYS A 254 -45.82 -11.49 2.08
CA LYS A 254 -46.19 -12.37 0.94
C LYS A 254 -45.04 -13.34 0.65
N ARG A 255 -43.80 -12.89 0.84
CA ARG A 255 -42.59 -13.63 0.38
C ARG A 255 -41.37 -13.20 1.21
N PHE A 256 -40.52 -14.16 1.56
CA PHE A 256 -39.19 -13.92 2.18
C PHE A 256 -38.18 -14.81 1.44
N PHE A 257 -36.90 -14.47 1.50
CA PHE A 257 -35.79 -15.32 1.00
C PHE A 257 -35.60 -16.54 1.93
N ASN A 258 -35.40 -17.71 1.36
CA ASN A 258 -34.75 -18.85 2.05
C ASN A 258 -33.25 -18.54 2.12
N ILE A 259 -32.59 -18.88 3.22
CA ILE A 259 -31.12 -18.76 3.41
C ILE A 259 -30.42 -20.05 2.98
N SER A 260 -29.48 -20.00 2.04
CA SER A 260 -28.66 -21.18 1.65
C SER A 260 -27.42 -21.30 2.56
N LEU A 261 -27.14 -22.54 2.97
CA LEU A 261 -25.84 -22.98 3.53
C LEU A 261 -24.95 -23.59 2.42
N GLY A 262 -25.51 -23.84 1.24
CA GLY A 262 -24.83 -24.40 0.06
C GLY A 262 -23.49 -23.75 -0.24
N GLY A 263 -23.32 -22.49 0.15
CA GLY A 263 -22.10 -21.71 -0.12
C GLY A 263 -22.01 -21.26 -1.57
N VAL A 264 -20.85 -20.75 -1.95
CA VAL A 264 -20.55 -20.39 -3.36
C VAL A 264 -19.28 -21.14 -3.77
N GLN A 265 -19.09 -21.37 -5.06
CA GLN A 265 -17.77 -21.75 -5.62
C GLN A 265 -17.50 -20.87 -6.83
N GLU A 266 -16.24 -20.80 -7.23
CA GLU A 266 -15.79 -19.97 -8.38
C GLU A 266 -16.70 -20.28 -9.58
N ASN A 267 -17.20 -19.24 -10.25
CA ASN A 267 -18.00 -19.34 -11.51
C ASN A 267 -19.46 -19.68 -11.19
N ASP A 268 -19.84 -19.73 -9.91
CA ASP A 268 -21.27 -19.86 -9.52
C ASP A 268 -22.07 -18.64 -10.00
N TYR A 269 -23.31 -18.88 -10.42
CA TYR A 269 -24.29 -17.86 -10.81
C TYR A 269 -24.68 -17.09 -9.56
N ALA A 270 -24.51 -15.77 -9.61
CA ALA A 270 -25.03 -14.84 -8.60
C ALA A 270 -25.98 -13.87 -9.31
N MET A 271 -27.00 -13.39 -8.61
CA MET A 271 -27.81 -12.27 -9.11
C MET A 271 -28.29 -11.44 -7.91
N ILE A 272 -28.63 -10.18 -8.19
CA ILE A 272 -28.91 -9.14 -7.17
C ILE A 272 -30.17 -8.39 -7.59
N MET A 273 -30.96 -7.95 -6.62
CA MET A 273 -32.06 -6.97 -6.83
C MET A 273 -31.82 -5.83 -5.83
N GLY A 274 -31.94 -4.58 -6.27
CA GLY A 274 -31.83 -3.43 -5.35
C GLY A 274 -32.10 -2.13 -6.06
N PHE A 275 -31.66 -1.01 -5.50
CA PHE A 275 -32.09 0.33 -5.97
C PHE A 275 -30.86 1.15 -6.32
N PRO A 276 -30.12 0.80 -7.39
CA PRO A 276 -28.98 1.61 -7.85
C PRO A 276 -29.39 3.07 -8.16
N GLY A 277 -28.60 4.06 -7.73
CA GLY A 277 -28.94 5.49 -7.75
C GLY A 277 -28.76 6.14 -9.11
N THR A 278 -27.53 6.30 -9.59
CA THR A 278 -27.32 6.95 -10.91
C THR A 278 -26.24 6.19 -11.66
N THR A 279 -26.37 6.16 -13.00
CA THR A 279 -25.31 5.76 -13.95
C THR A 279 -25.27 6.82 -15.07
N HIS A 280 -24.24 6.78 -15.92
CA HIS A 280 -24.06 7.70 -17.07
C HIS A 280 -23.60 6.87 -18.30
N ARG A 281 -24.36 5.82 -18.60
CA ARG A 281 -24.08 4.87 -19.69
C ARG A 281 -24.11 5.54 -21.07
N TYR A 282 -24.76 6.70 -21.22
CA TYR A 282 -25.06 7.33 -22.54
C TYR A 282 -24.36 8.67 -22.70
N PHE A 283 -23.41 8.97 -21.80
CA PHE A 283 -22.39 10.04 -21.97
C PHE A 283 -21.87 9.92 -23.39
N THR A 284 -21.74 11.05 -24.07
CA THR A 284 -20.95 11.19 -25.32
C THR A 284 -19.47 11.26 -24.96
N ALA A 285 -18.60 11.11 -25.95
CA ALA A 285 -17.15 11.20 -25.77
C ALA A 285 -16.81 12.59 -25.20
N SER A 286 -17.43 13.64 -25.69
CA SER A 286 -17.16 15.03 -25.19
C SER A 286 -17.46 15.11 -23.68
N GLU A 287 -18.48 14.36 -23.20
CA GLU A 287 -18.92 14.36 -21.80
C GLU A 287 -17.91 13.60 -20.92
N VAL A 288 -17.33 12.53 -21.45
CA VAL A 288 -16.28 11.78 -20.71
C VAL A 288 -15.06 12.68 -20.54
N ASP A 289 -14.70 13.44 -21.58
CA ASP A 289 -13.53 14.36 -21.57
C ASP A 289 -13.76 15.46 -20.51
N GLU A 290 -14.97 15.99 -20.45
CA GLU A 290 -15.41 17.04 -19.49
C GLU A 290 -15.42 16.44 -18.08
N TRP A 291 -15.85 15.20 -17.94
CA TRP A 291 -15.85 14.52 -16.62
C TRP A 291 -14.41 14.45 -16.11
N LYS A 292 -13.48 14.05 -17.00
CA LYS A 292 -12.02 13.87 -16.70
C LYS A 292 -11.43 15.22 -16.35
N SER A 293 -11.44 16.12 -17.32
CA SER A 293 -10.60 17.34 -17.44
C SER A 293 -11.11 18.46 -16.54
N ILE A 294 -12.38 18.44 -16.16
CA ILE A 294 -12.93 19.51 -15.27
C ILE A 294 -13.34 18.85 -13.95
N ASP A 295 -14.44 18.11 -13.96
CA ASP A 295 -15.04 17.57 -12.70
C ASP A 295 -13.95 16.83 -11.91
N ASN A 296 -13.32 15.80 -12.50
CA ASN A 296 -12.39 14.88 -11.80
C ASN A 296 -11.05 15.58 -11.53
N ASP A 297 -10.40 16.20 -12.52
CA ASP A 297 -9.03 16.76 -12.32
C ASP A 297 -9.08 17.88 -11.26
N ILE A 298 -10.13 18.71 -11.25
CA ILE A 298 -10.25 19.84 -10.30
C ILE A 298 -10.47 19.31 -8.88
N ARG A 299 -11.37 18.34 -8.71
CA ARG A 299 -11.64 17.68 -7.40
C ARG A 299 -10.33 17.04 -6.90
N ILE A 300 -9.59 16.36 -7.77
CA ILE A 300 -8.31 15.70 -7.38
C ILE A 300 -7.33 16.79 -6.93
N ARG A 301 -7.05 17.80 -7.76
CA ARG A 301 -6.07 18.87 -7.49
C ARG A 301 -6.36 19.44 -6.10
N MET A 302 -7.60 19.90 -5.91
CA MET A 302 -7.98 20.81 -4.81
C MET A 302 -8.07 20.03 -3.50
N ARG A 303 -8.61 18.82 -3.53
CA ARG A 303 -8.74 17.96 -2.33
C ARG A 303 -7.36 17.44 -1.91
N ASP A 304 -6.42 17.34 -2.86
CA ASP A 304 -5.03 16.94 -2.59
C ASP A 304 -4.40 18.03 -1.72
N ILE A 305 -4.55 19.30 -2.12
CA ILE A 305 -4.03 20.47 -1.37
C ILE A 305 -4.69 20.46 0.01
N ARG A 306 -6.03 20.50 0.06
CA ARG A 306 -6.79 20.50 1.33
C ARG A 306 -6.38 19.31 2.19
N GLN A 307 -6.27 18.11 1.61
CA GLN A 307 -5.97 16.87 2.39
C GLN A 307 -4.53 16.91 2.91
N GLY A 308 -3.55 17.34 2.10
CA GLY A 308 -2.15 17.60 2.50
C GLY A 308 -2.04 18.50 3.75
N VAL A 309 -2.72 19.64 3.77
CA VAL A 309 -2.61 20.59 4.92
C VAL A 309 -3.28 19.99 6.15
N MET A 310 -4.46 19.38 5.99
CA MET A 310 -5.17 18.74 7.12
C MET A 310 -4.31 17.63 7.76
N LEU A 311 -3.80 16.71 6.94
CA LEU A 311 -2.94 15.57 7.41
C LEU A 311 -1.77 16.12 8.24
N ARG A 312 -0.98 17.04 7.67
CA ARG A 312 0.19 17.65 8.34
C ARG A 312 -0.21 18.08 9.75
N GLU A 313 -1.36 18.75 9.91
CA GLU A 313 -1.79 19.35 11.19
C GLU A 313 -2.35 18.26 12.09
N MET A 314 -2.98 17.24 11.53
CA MET A 314 -3.47 16.08 12.32
C MET A 314 -2.27 15.30 12.92
N LEU A 315 -1.17 15.11 12.16
CA LEU A 315 0.04 14.39 12.65
C LEU A 315 0.70 15.19 13.77
N ALA A 316 0.79 16.51 13.60
CA ALA A 316 1.49 17.46 14.51
C ALA A 316 0.82 17.55 15.89
N ASP A 317 -0.49 17.32 16.00
CA ASP A 317 -1.26 17.64 17.25
C ASP A 317 -2.39 16.64 17.43
N PRO A 318 -2.35 15.80 18.49
CA PRO A 318 -3.35 14.74 18.65
C PRO A 318 -4.80 15.25 18.78
N GLN A 319 -4.97 16.50 19.22
CA GLN A 319 -6.28 17.17 19.39
C GLN A 319 -6.82 17.55 18.00
N ILE A 320 -5.99 18.08 17.11
CA ILE A 320 -6.43 18.43 15.73
C ILE A 320 -6.90 17.15 15.02
N LYS A 321 -6.20 16.02 15.20
CA LYS A 321 -6.57 14.70 14.62
C LYS A 321 -8.00 14.33 15.05
N ILE A 322 -8.31 14.46 16.34
CA ILE A 322 -9.68 14.18 16.87
C ILE A 322 -10.65 15.13 16.15
N MET A 323 -10.32 16.42 16.11
CA MET A 323 -11.20 17.49 15.57
C MET A 323 -11.44 17.27 14.07
N TYR A 324 -10.42 16.83 13.32
CA TYR A 324 -10.41 16.85 11.85
C TYR A 324 -10.46 15.45 11.21
N SER A 325 -10.51 14.36 12.00
CA SER A 325 -10.49 12.98 11.47
C SER A 325 -11.67 12.78 10.52
N ALA A 326 -12.88 13.19 10.92
CA ALA A 326 -14.11 12.90 10.16
C ALA A 326 -14.16 13.78 8.90
N LYS A 327 -13.84 15.07 9.00
CA LYS A 327 -13.77 16.00 7.83
C LYS A 327 -12.74 15.48 6.83
N TYR A 328 -11.64 14.88 7.30
CA TYR A 328 -10.56 14.35 6.42
C TYR A 328 -11.11 13.16 5.62
N ALA A 329 -11.65 12.18 6.34
CA ALA A 329 -12.27 10.96 5.79
C ALA A 329 -13.31 11.34 4.73
N ALA A 330 -14.13 12.36 5.02
CA ALA A 330 -15.27 12.75 4.18
C ALA A 330 -14.76 13.27 2.83
N SER A 331 -13.79 14.20 2.81
CA SER A 331 -13.10 14.71 1.58
C SER A 331 -12.49 13.55 0.79
N GLN A 332 -11.83 12.65 1.51
CA GLN A 332 -11.17 11.45 0.97
C GLN A 332 -12.17 10.61 0.13
N ASN A 333 -13.43 10.52 0.55
CA ASN A 333 -14.43 9.64 -0.11
C ASN A 333 -14.47 9.93 -1.62
N ALA A 334 -14.88 11.14 -2.03
CA ALA A 334 -15.07 11.49 -3.47
C ALA A 334 -13.72 11.72 -4.14
N TYR A 335 -12.69 12.01 -3.36
CA TYR A 335 -11.28 12.05 -3.83
C TYR A 335 -10.89 10.69 -4.41
N LYS A 336 -11.10 9.61 -3.67
CA LYS A 336 -10.69 8.26 -4.14
C LYS A 336 -11.55 7.90 -5.36
N ARG A 337 -12.84 8.25 -5.34
CA ARG A 337 -13.80 7.89 -6.40
C ARG A 337 -13.31 8.53 -7.70
N ALA A 338 -12.94 9.82 -7.68
CA ALA A 338 -12.39 10.55 -8.85
C ALA A 338 -11.10 9.91 -9.35
N ILE A 339 -10.20 9.46 -8.46
CA ILE A 339 -8.91 8.79 -8.83
C ILE A 339 -9.29 7.50 -9.55
N GLY A 340 -10.17 6.67 -8.96
CA GLY A 340 -10.70 5.43 -9.56
C GLY A 340 -11.27 5.70 -10.94
N ALA A 341 -12.10 6.75 -11.03
CA ALA A 341 -12.78 7.17 -12.26
C ALA A 341 -11.75 7.49 -13.34
N ASN A 342 -10.81 8.39 -13.05
CA ASN A 342 -9.77 8.87 -14.01
C ASN A 342 -8.87 7.71 -14.44
N TRP A 343 -8.64 6.74 -13.55
CA TRP A 343 -7.83 5.54 -13.86
C TRP A 343 -8.51 4.77 -15.01
N ALA A 344 -9.85 4.66 -14.92
CA ALA A 344 -10.64 3.94 -15.93
C ALA A 344 -10.60 4.72 -17.24
N ILE A 345 -10.75 6.04 -17.19
CA ILE A 345 -10.69 6.85 -18.43
C ILE A 345 -9.31 6.63 -19.06
N LYS A 346 -8.27 6.62 -18.24
CA LYS A 346 -6.88 6.54 -18.72
C LYS A 346 -6.63 5.15 -19.33
N THR A 347 -7.13 4.06 -18.72
CA THR A 347 -6.64 2.68 -19.04
C THR A 347 -7.70 1.78 -19.68
N ARG A 348 -9.00 2.01 -19.50
CA ARG A 348 -10.07 1.04 -19.90
C ARG A 348 -10.83 1.52 -21.16
N GLY A 349 -10.33 2.52 -21.86
CA GLY A 349 -10.88 3.02 -23.13
C GLY A 349 -12.33 3.53 -23.04
N LEU A 350 -12.74 4.14 -21.92
CA LEU A 350 -14.09 4.72 -21.72
C LEU A 350 -14.42 5.74 -22.82
N ARG A 351 -13.54 6.71 -23.04
CA ARG A 351 -13.75 7.75 -24.08
C ARG A 351 -13.96 7.07 -25.44
N GLN A 352 -13.06 6.17 -25.83
CA GLN A 352 -13.10 5.45 -27.14
C GLN A 352 -14.45 4.73 -27.31
N ASN A 353 -14.96 4.07 -26.26
CA ASN A 353 -16.15 3.20 -26.40
C ASN A 353 -17.38 4.09 -26.57
N LYS A 354 -17.43 5.25 -25.93
CA LYS A 354 -18.54 6.22 -26.13
C LYS A 354 -18.48 6.81 -27.54
N GLN A 355 -17.27 7.11 -28.01
CA GLN A 355 -17.03 7.65 -29.37
C GLN A 355 -17.56 6.65 -30.40
N ALA A 356 -17.27 5.37 -30.19
CA ALA A 356 -17.67 4.24 -31.07
C ALA A 356 -19.20 4.14 -31.11
N MET A 357 -19.87 4.13 -29.95
CA MET A 357 -21.35 4.02 -29.81
C MET A 357 -22.00 5.14 -30.63
N GLN A 358 -21.52 6.38 -30.48
CA GLN A 358 -22.13 7.56 -31.17
C GLN A 358 -21.81 7.49 -32.68
N ASP A 359 -20.61 7.05 -33.06
CA ASP A 359 -20.24 6.91 -34.50
C ASP A 359 -21.07 5.78 -35.14
N ARG A 360 -21.39 4.71 -34.44
CA ARG A 360 -22.21 3.60 -35.00
C ARG A 360 -23.62 4.15 -35.29
N LEU A 361 -24.17 4.90 -34.34
CA LEU A 361 -25.50 5.54 -34.49
C LEU A 361 -25.44 6.63 -35.58
N ILE A 362 -24.40 7.46 -35.67
CA ILE A 362 -24.32 8.49 -36.75
C ILE A 362 -24.41 7.78 -38.11
N ALA A 363 -23.69 6.64 -38.23
CA ALA A 363 -23.50 5.85 -39.47
C ALA A 363 -24.85 5.23 -39.89
N TRP A 364 -25.48 4.52 -38.96
CA TRP A 364 -26.83 3.93 -39.09
C TRP A 364 -27.84 5.02 -39.49
N GLY A 365 -27.68 6.25 -38.98
CA GLY A 365 -28.62 7.36 -39.17
C GLY A 365 -28.55 7.92 -40.59
N ALA A 366 -27.34 8.02 -41.13
CA ALA A 366 -27.08 8.45 -42.52
C ALA A 366 -27.85 7.51 -43.46
N LYS A 367 -27.75 6.20 -43.24
CA LYS A 367 -28.32 5.14 -44.11
C LYS A 367 -29.84 5.12 -43.97
N GLN A 368 -30.34 5.25 -42.74
CA GLN A 368 -31.79 5.36 -42.42
C GLN A 368 -32.41 6.61 -43.06
N GLY A 369 -31.59 7.56 -43.54
CA GLY A 369 -32.03 8.86 -44.10
C GLY A 369 -32.54 9.88 -43.06
N THR A 370 -32.12 9.79 -41.79
CA THR A 370 -32.40 10.80 -40.73
C THR A 370 -31.10 11.34 -40.15
N PRO A 371 -30.87 12.67 -40.18
CA PRO A 371 -29.67 13.26 -39.56
C PRO A 371 -29.89 13.61 -38.07
N ARG A 372 -31.08 13.32 -37.55
CA ARG A 372 -31.56 13.72 -36.20
C ARG A 372 -30.57 13.29 -35.12
N TYR A 373 -29.93 12.13 -35.30
CA TYR A 373 -29.08 11.50 -34.26
C TYR A 373 -27.77 12.29 -34.24
N GLU A 374 -27.23 12.56 -35.43
CA GLU A 374 -25.99 13.34 -35.65
C GLU A 374 -26.19 14.78 -35.15
N GLU A 375 -27.33 15.40 -35.49
CA GLU A 375 -27.72 16.75 -34.99
C GLU A 375 -27.76 16.70 -33.45
N ALA A 376 -28.25 15.61 -32.86
CA ALA A 376 -28.35 15.47 -31.40
C ALA A 376 -26.93 15.38 -30.78
N VAL A 377 -26.05 14.52 -31.29
CA VAL A 377 -24.68 14.36 -30.72
C VAL A 377 -23.96 15.70 -30.87
N HIS A 378 -24.13 16.37 -32.01
CA HIS A 378 -23.52 17.69 -32.29
C HIS A 378 -23.98 18.72 -31.26
N GLU A 379 -25.28 18.75 -30.94
CA GLU A 379 -25.86 19.69 -29.94
C GLU A 379 -25.16 19.49 -28.59
N ILE A 380 -24.91 18.23 -28.21
CA ILE A 380 -24.28 17.91 -26.89
C ILE A 380 -22.83 18.41 -26.93
N ASP A 381 -22.07 18.01 -27.94
CA ASP A 381 -20.65 18.42 -28.14
C ASP A 381 -20.50 19.95 -28.06
N ALA A 382 -21.27 20.69 -28.88
CA ALA A 382 -21.23 22.16 -28.91
C ALA A 382 -21.59 22.75 -27.53
N THR A 383 -22.55 22.13 -26.82
CA THR A 383 -23.02 22.66 -25.52
C THR A 383 -21.90 22.48 -24.50
N VAL A 384 -21.27 21.30 -24.51
CA VAL A 384 -20.13 20.96 -23.58
C VAL A 384 -18.97 21.93 -23.81
N ALA A 385 -18.58 22.14 -25.08
CA ALA A 385 -17.51 23.08 -25.49
C ALA A 385 -17.86 24.49 -24.98
N LYS A 386 -19.11 24.89 -25.12
CA LYS A 386 -19.53 26.27 -24.82
C LYS A 386 -19.47 26.51 -23.31
N ARG A 387 -19.86 25.54 -22.47
CA ARG A 387 -19.97 25.75 -21.01
C ARG A 387 -18.64 25.55 -20.28
N ALA A 388 -17.56 25.17 -20.98
CA ALA A 388 -16.29 24.68 -20.40
C ALA A 388 -15.71 25.70 -19.42
N ASP A 389 -15.70 26.99 -19.78
CA ASP A 389 -15.11 28.03 -18.91
C ASP A 389 -15.95 28.17 -17.63
N LEU A 390 -17.24 28.48 -17.77
CA LEU A 390 -18.21 28.57 -16.64
C LEU A 390 -18.03 27.32 -15.74
N ARG A 391 -17.98 26.12 -16.32
CA ARG A 391 -17.99 24.86 -15.52
C ARG A 391 -16.66 24.74 -14.77
N ARG A 392 -15.54 25.07 -15.43
CA ARG A 392 -14.18 25.06 -14.82
C ARG A 392 -14.19 25.99 -13.60
N ARG A 393 -14.70 27.20 -13.76
CA ARG A 393 -14.85 28.23 -12.68
C ARG A 393 -15.76 27.68 -11.57
N TYR A 394 -16.87 27.05 -11.92
CA TYR A 394 -17.83 26.53 -10.91
C TYR A 394 -17.11 25.52 -10.01
N TRP A 395 -16.44 24.57 -10.63
CA TRP A 395 -15.76 23.46 -9.90
C TRP A 395 -14.62 24.02 -9.06
N MET A 396 -13.84 24.91 -9.65
CA MET A 396 -12.74 25.62 -8.95
C MET A 396 -13.30 26.26 -7.66
N ILE A 397 -14.43 26.97 -7.72
CA ILE A 397 -14.95 27.69 -6.51
C ILE A 397 -15.57 26.68 -5.54
N GLU A 398 -16.18 25.63 -6.05
CA GLU A 398 -16.88 24.64 -5.19
C GLU A 398 -15.82 23.80 -4.48
N GLU A 399 -14.90 23.18 -5.22
CA GLU A 399 -13.83 22.34 -4.62
C GLU A 399 -12.86 23.24 -3.84
N GLY A 400 -12.55 24.43 -4.35
CA GLY A 400 -11.48 25.30 -3.83
C GLY A 400 -11.85 26.03 -2.55
N ILE A 401 -13.11 26.47 -2.42
CA ILE A 401 -13.55 27.51 -1.44
C ILE A 401 -14.81 27.04 -0.71
N ILE A 402 -15.90 26.72 -1.43
CA ILE A 402 -17.20 26.34 -0.79
C ILE A 402 -16.98 25.08 0.06
N ARG A 403 -16.26 24.06 -0.44
CA ARG A 403 -15.93 22.85 0.37
C ARG A 403 -14.54 22.99 1.02
N GLY A 404 -13.63 23.73 0.39
CA GLY A 404 -12.19 23.80 0.77
C GLY A 404 -11.96 24.51 2.10
N ILE A 405 -12.67 25.61 2.34
CA ILE A 405 -12.36 26.60 3.42
C ILE A 405 -13.57 26.69 4.33
N GLU A 406 -13.40 26.32 5.58
CA GLU A 406 -14.53 26.29 6.53
C GLU A 406 -15.09 27.72 6.69
N PHE A 407 -14.26 28.76 6.62
CA PHE A 407 -14.75 30.14 6.95
C PHE A 407 -15.55 30.70 5.76
N ALA A 408 -15.67 29.99 4.65
CA ALA A 408 -16.63 30.33 3.58
C ALA A 408 -18.05 30.16 4.10
N ARG A 409 -18.28 29.18 4.99
CA ARG A 409 -19.58 28.80 5.59
C ARG A 409 -19.74 29.49 6.95
N SER A 410 -19.04 30.60 7.18
CA SER A 410 -19.25 31.47 8.38
C SER A 410 -20.56 32.23 8.26
N PRO A 411 -21.11 32.82 9.34
CA PRO A 411 -22.45 33.40 9.30
C PRO A 411 -22.56 34.64 8.41
N ILE A 412 -23.59 34.69 7.53
CA ILE A 412 -24.04 35.91 6.80
C ILE A 412 -25.24 36.46 7.56
N PRO A 413 -25.20 37.68 8.14
CA PRO A 413 -26.41 38.31 8.66
C PRO A 413 -27.51 38.34 7.58
N THR A 414 -28.66 37.75 7.88
CA THR A 414 -29.83 37.62 6.96
C THR A 414 -30.38 39.03 6.71
N GLU A 415 -31.21 39.22 5.66
CA GLU A 415 -31.76 40.56 5.30
C GLU A 415 -32.56 41.09 6.51
N ASP A 416 -33.41 40.25 7.11
CA ASP A 416 -34.20 40.51 8.35
C ASP A 416 -33.27 40.90 9.50
N GLU A 417 -32.12 40.24 9.63
CA GLU A 417 -31.19 40.41 10.78
C GLU A 417 -30.52 41.79 10.69
N THR A 418 -30.00 42.15 9.52
CA THR A 418 -29.39 43.48 9.24
C THR A 418 -30.42 44.56 9.56
N LYS A 419 -31.66 44.37 9.09
CA LYS A 419 -32.80 45.30 9.31
C LYS A 419 -32.98 45.53 10.82
N ALA A 420 -33.18 44.44 11.58
CA ALA A 420 -33.62 44.45 12.99
C ALA A 420 -32.50 44.92 13.93
N LEU A 421 -31.30 45.21 13.40
CA LEU A 421 -30.15 45.83 14.14
C LEU A 421 -30.24 47.37 14.03
N GLN A 422 -30.81 47.87 12.92
CA GLN A 422 -31.19 49.30 12.70
C GLN A 422 -32.61 49.54 13.20
N GLY A 423 -33.25 48.50 13.75
CA GLY A 423 -34.63 48.54 14.28
C GLY A 423 -34.73 49.40 15.52
N ASN A 424 -35.66 50.38 15.50
CA ASN A 424 -36.14 51.14 16.68
C ASN A 424 -36.28 50.15 17.86
N ASP A 425 -37.03 49.05 17.67
CA ASP A 425 -37.37 48.02 18.69
C ASP A 425 -36.11 47.29 19.17
N ALA A 426 -35.84 47.33 20.48
CA ALA A 426 -34.60 46.81 21.12
C ALA A 426 -34.72 45.31 21.40
N SER A 427 -35.93 44.79 21.56
CA SER A 427 -36.22 43.35 21.77
C SER A 427 -35.70 42.55 20.57
N ALA A 428 -35.77 43.12 19.36
CA ALA A 428 -35.55 42.44 18.07
C ALA A 428 -34.08 42.51 17.62
N ARG A 429 -33.26 43.40 18.23
CA ARG A 429 -31.78 43.38 18.06
C ARG A 429 -31.21 42.23 18.91
N LYS A 430 -31.64 42.10 20.17
CA LYS A 430 -31.17 41.01 21.06
C LYS A 430 -31.50 39.67 20.44
N GLU A 431 -32.65 39.54 19.76
CA GLU A 431 -33.09 38.27 19.13
C GLU A 431 -32.28 38.05 17.83
N ALA A 432 -31.89 39.09 17.09
CA ALA A 432 -31.06 38.97 15.87
C ALA A 432 -29.65 38.47 16.24
N ILE A 433 -29.06 39.07 17.27
CA ILE A 433 -27.72 38.71 17.81
C ILE A 433 -27.78 37.30 18.46
N ASP A 434 -28.93 36.85 18.93
CA ASP A 434 -29.08 35.51 19.56
C ASP A 434 -28.87 34.40 18.52
N LYS A 435 -29.39 34.60 17.30
CA LYS A 435 -29.32 33.55 16.25
C LYS A 435 -28.13 33.82 15.32
N ILE A 436 -27.48 34.98 15.42
CA ILE A 436 -26.14 35.14 14.83
C ILE A 436 -25.12 34.49 15.77
N ARG A 437 -25.35 34.50 17.08
CA ARG A 437 -24.50 33.75 18.05
C ARG A 437 -24.71 32.25 17.81
N THR A 438 -25.96 31.81 17.62
CA THR A 438 -26.30 30.39 17.39
C THR A 438 -25.51 29.90 16.16
N ARG A 439 -25.47 30.71 15.10
CA ARG A 439 -24.83 30.35 13.81
C ARG A 439 -23.30 30.41 13.92
N TYR A 440 -22.77 31.31 14.74
CA TYR A 440 -21.32 31.38 15.03
C TYR A 440 -20.91 30.14 15.83
N SER A 441 -21.70 29.75 16.82
CA SER A 441 -21.43 28.56 17.68
C SER A 441 -21.43 27.27 16.86
N LYS A 442 -22.26 27.20 15.83
CA LYS A 442 -22.35 25.99 14.95
C LYS A 442 -21.11 25.99 14.02
N PHE A 443 -20.63 27.15 13.58
CA PHE A 443 -19.44 27.28 12.69
C PHE A 443 -18.12 27.04 13.47
N ALA A 444 -17.92 27.76 14.59
CA ALA A 444 -16.78 27.56 15.52
C ALA A 444 -17.19 26.60 16.62
N ASN A 445 -17.45 25.34 16.24
CA ASN A 445 -17.88 24.23 17.14
C ASN A 445 -16.65 23.61 17.82
N LYS A 446 -16.88 22.60 18.65
CA LYS A 446 -15.86 21.75 19.32
C LYS A 446 -14.75 21.29 18.34
N ASP A 447 -15.03 21.19 17.03
CA ASP A 447 -14.13 20.58 16.00
C ASP A 447 -13.53 21.61 15.04
N TYR A 448 -13.74 22.90 15.29
CA TYR A 448 -13.22 23.99 14.42
C TYR A 448 -11.92 24.53 15.01
N SER A 449 -10.91 24.70 14.16
CA SER A 449 -9.64 25.40 14.49
C SER A 449 -9.40 26.47 13.42
N ALA A 450 -9.42 27.75 13.83
CA ALA A 450 -9.05 28.90 13.00
C ALA A 450 -7.60 28.74 12.50
N GLU A 451 -6.70 28.22 13.33
CA GLU A 451 -5.28 28.05 12.93
C GLU A 451 -5.21 27.07 11.76
N VAL A 452 -5.90 25.92 11.86
CA VAL A 452 -5.98 24.93 10.76
C VAL A 452 -6.65 25.60 9.55
N ASP A 453 -7.81 26.25 9.74
CA ASP A 453 -8.60 26.82 8.61
C ASP A 453 -7.76 27.86 7.85
N LYS A 454 -7.00 28.68 8.58
CA LYS A 454 -6.15 29.73 7.98
C LYS A 454 -5.10 29.08 7.06
N LYS A 455 -4.49 27.97 7.49
CA LYS A 455 -3.45 27.26 6.70
C LYS A 455 -4.06 26.58 5.47
N VAL A 456 -5.16 25.85 5.65
CA VAL A 456 -5.93 25.28 4.51
C VAL A 456 -6.22 26.44 3.56
N ALA A 457 -6.80 27.52 4.06
CA ALA A 457 -7.29 28.67 3.25
C ALA A 457 -6.14 29.29 2.47
N VAL A 458 -4.97 29.46 3.08
CA VAL A 458 -3.78 30.04 2.37
C VAL A 458 -3.44 29.14 1.18
N ALA A 459 -3.35 27.84 1.38
CA ALA A 459 -2.92 26.91 0.31
C ALA A 459 -4.01 26.88 -0.77
N MET A 460 -5.28 26.74 -0.38
CA MET A 460 -6.43 26.59 -1.31
C MET A 460 -6.56 27.88 -2.12
N LEU A 461 -6.53 29.04 -1.45
CA LEU A 461 -6.65 30.36 -2.12
C LEU A 461 -5.46 30.59 -3.08
N THR A 462 -4.24 30.16 -2.72
CA THR A 462 -3.04 30.32 -3.59
C THR A 462 -3.31 29.62 -4.92
N GLU A 463 -3.80 28.38 -4.87
CA GLU A 463 -4.09 27.57 -6.08
C GLU A 463 -5.23 28.24 -6.84
N TYR A 464 -6.28 28.65 -6.13
CA TYR A 464 -7.46 29.35 -6.70
C TYR A 464 -7.00 30.61 -7.44
N LEU A 465 -6.18 31.47 -6.83
CA LEU A 465 -5.71 32.74 -7.46
C LEU A 465 -4.86 32.42 -8.71
N LYS A 466 -4.07 31.33 -8.70
CA LYS A 466 -3.28 30.90 -9.89
C LYS A 466 -4.23 30.56 -11.05
N GLU A 467 -5.34 29.83 -10.81
CA GLU A 467 -6.19 29.33 -11.92
C GLU A 467 -7.21 30.39 -12.36
N ILE A 468 -7.81 31.16 -11.44
CA ILE A 468 -8.92 32.09 -11.79
C ILE A 468 -8.37 33.50 -11.99
N PRO A 469 -8.41 34.06 -13.21
CA PRO A 469 -7.92 35.41 -13.45
C PRO A 469 -8.74 36.39 -12.59
N TYR A 470 -8.17 37.59 -12.38
CA TYR A 470 -8.70 38.69 -11.52
C TYR A 470 -10.15 39.08 -11.87
N GLU A 471 -10.51 39.14 -13.16
CA GLU A 471 -11.84 39.65 -13.62
C GLU A 471 -12.94 38.63 -13.32
N ASN A 472 -12.59 37.37 -13.06
CA ASN A 472 -13.55 36.28 -12.74
C ASN A 472 -13.57 36.00 -11.23
N LEU A 473 -12.79 36.72 -10.43
CA LEU A 473 -12.63 36.45 -8.98
C LEU A 473 -13.92 36.88 -8.29
N PRO A 474 -14.30 36.24 -7.18
CA PRO A 474 -15.31 36.80 -6.29
C PRO A 474 -14.75 38.17 -5.88
N LEU A 475 -15.61 39.19 -5.74
CA LEU A 475 -15.18 40.61 -5.61
C LEU A 475 -14.14 40.74 -4.48
N HIS A 476 -14.38 40.17 -3.31
CA HIS A 476 -13.47 40.32 -2.14
C HIS A 476 -12.07 39.76 -2.44
N LEU A 477 -11.95 38.70 -3.24
CA LEU A 477 -10.64 38.04 -3.51
C LEU A 477 -9.78 38.99 -4.35
N ARG A 478 -10.40 40.02 -4.95
CA ARG A 478 -9.66 41.05 -5.73
C ARG A 478 -8.63 41.73 -4.83
N LEU A 479 -8.97 41.94 -3.56
CA LEU A 479 -8.15 42.67 -2.55
C LEU A 479 -6.77 42.01 -2.34
N VAL A 480 -6.61 40.70 -2.58
CA VAL A 480 -5.27 40.06 -2.48
C VAL A 480 -4.32 40.88 -3.36
N LYS A 481 -4.70 41.16 -4.61
CA LYS A 481 -3.89 41.92 -5.61
C LYS A 481 -3.88 43.41 -5.22
N ASP A 482 -5.03 43.99 -4.91
CA ASP A 482 -5.26 45.46 -4.84
C ASP A 482 -4.80 46.06 -3.50
N ARG A 483 -4.91 45.32 -2.39
CA ARG A 483 -4.63 45.84 -1.02
C ARG A 483 -3.39 45.16 -0.41
N PHE A 484 -3.11 43.88 -0.70
CA PHE A 484 -2.11 43.06 0.04
C PHE A 484 -0.93 42.63 -0.85
N ALA A 485 -0.82 43.17 -2.07
CA ALA A 485 0.37 43.00 -2.95
C ALA A 485 0.67 41.52 -3.21
N GLY A 486 -0.37 40.68 -3.30
CA GLY A 486 -0.26 39.25 -3.66
C GLY A 486 -0.06 38.35 -2.45
N ASP A 487 0.05 38.92 -1.24
CA ASP A 487 0.33 38.14 0.00
C ASP A 487 -0.99 37.54 0.49
N VAL A 488 -1.24 36.27 0.11
CA VAL A 488 -2.45 35.49 0.51
C VAL A 488 -2.50 35.37 2.03
N GLN A 489 -1.36 35.04 2.66
CA GLN A 489 -1.20 34.90 4.14
C GLN A 489 -1.71 36.16 4.87
N ALA A 490 -1.29 37.35 4.42
CA ALA A 490 -1.68 38.66 5.00
C ALA A 490 -3.20 38.83 4.87
N TYR A 491 -3.75 38.59 3.69
CA TYR A 491 -5.22 38.68 3.39
C TYR A 491 -5.98 37.82 4.42
N VAL A 492 -5.54 36.57 4.61
CA VAL A 492 -6.25 35.62 5.51
C VAL A 492 -6.03 36.04 6.98
N ASP A 493 -4.80 36.40 7.37
CA ASP A 493 -4.48 36.90 8.73
C ASP A 493 -5.43 38.06 9.08
N ASP A 494 -5.62 38.98 8.14
CA ASP A 494 -6.48 40.18 8.31
C ASP A 494 -7.94 39.77 8.54
N ILE A 495 -8.41 38.78 7.77
CA ILE A 495 -9.83 38.32 7.85
C ILE A 495 -10.10 37.94 9.29
N PHE A 496 -9.20 37.23 9.94
CA PHE A 496 -9.38 36.73 11.33
C PHE A 496 -9.05 37.81 12.37
N ALA A 497 -8.08 38.70 12.11
CA ALA A 497 -7.68 39.79 13.03
C ALA A 497 -8.91 40.67 13.31
N ARG A 498 -9.64 41.03 12.25
CA ARG A 498 -10.66 42.12 12.27
C ARG A 498 -12.09 41.59 12.33
N SER A 499 -12.34 40.30 12.12
CA SER A 499 -13.74 39.83 11.97
C SER A 499 -14.33 39.54 13.34
N VAL A 500 -15.63 39.83 13.48
CA VAL A 500 -16.42 39.48 14.68
C VAL A 500 -16.47 37.96 14.84
N PHE A 501 -16.04 37.19 13.83
CA PHE A 501 -16.05 35.71 13.87
C PHE A 501 -14.63 35.17 13.91
N GLY A 502 -13.61 36.05 14.03
CA GLY A 502 -12.20 35.66 14.21
C GLY A 502 -11.95 34.89 15.49
N SER A 503 -12.69 35.17 16.56
CA SER A 503 -12.46 34.55 17.89
C SER A 503 -13.71 34.73 18.74
N GLU A 504 -13.91 33.89 19.75
CA GLU A 504 -15.02 34.07 20.71
C GLU A 504 -15.02 35.53 21.22
N ALA A 505 -13.88 36.01 21.73
CA ALA A 505 -13.71 37.35 22.33
C ALA A 505 -14.19 38.42 21.35
N GLN A 506 -13.86 38.28 20.06
CA GLN A 506 -14.11 39.33 19.04
C GLN A 506 -15.62 39.39 18.79
N PHE A 507 -16.28 38.24 18.82
CA PHE A 507 -17.74 38.12 18.64
C PHE A 507 -18.43 38.69 19.88
N ASP A 508 -17.90 38.36 21.06
CA ASP A 508 -18.41 38.86 22.36
C ASP A 508 -18.29 40.40 22.37
N ALA A 509 -17.23 40.97 21.81
CA ALA A 509 -17.05 42.45 21.75
C ALA A 509 -18.11 43.02 20.78
N PHE A 510 -18.33 42.35 19.65
CA PHE A 510 -19.36 42.75 18.66
C PHE A 510 -20.73 42.73 19.30
N ALA A 511 -21.08 41.65 20.00
CA ALA A 511 -22.47 41.37 20.44
C ALA A 511 -22.92 42.40 21.50
N ALA A 512 -21.97 42.90 22.28
CA ALA A 512 -22.24 43.88 23.35
C ALA A 512 -22.57 45.27 22.73
N VAL A 513 -21.99 45.57 21.58
CA VAL A 513 -22.13 46.89 20.88
C VAL A 513 -22.23 46.61 19.38
N PRO A 514 -23.38 46.04 18.94
CA PRO A 514 -23.57 45.70 17.53
C PRO A 514 -24.07 46.86 16.66
N SER A 515 -23.24 47.32 15.73
CA SER A 515 -23.67 48.15 14.57
C SER A 515 -23.68 47.27 13.31
N VAL A 516 -24.65 47.49 12.42
CA VAL A 516 -24.65 46.89 11.05
C VAL A 516 -23.45 47.39 10.24
N GLU A 517 -22.96 48.61 10.52
CA GLU A 517 -21.85 49.23 9.77
C GLU A 517 -20.61 48.36 10.00
N LYS A 518 -20.55 47.67 11.15
CA LYS A 518 -19.49 46.68 11.50
C LYS A 518 -19.66 45.44 10.62
N LEU A 519 -20.78 44.73 10.76
CA LEU A 519 -21.14 43.54 9.93
C LEU A 519 -20.94 43.83 8.44
N ALA A 520 -21.52 44.91 7.92
CA ALA A 520 -21.47 45.28 6.48
C ALA A 520 -20.03 45.23 5.96
N GLU A 521 -19.07 45.72 6.76
CA GLU A 521 -17.65 45.90 6.37
C GLU A 521 -16.78 44.77 6.94
N ASP A 522 -17.37 43.84 7.69
CA ASP A 522 -16.62 42.70 8.29
C ASP A 522 -15.96 41.88 7.18
N PRO A 523 -14.61 41.74 7.16
CA PRO A 523 -13.91 41.09 6.06
C PRO A 523 -14.28 39.61 5.86
N MET A 524 -14.66 38.91 6.93
CA MET A 524 -15.10 37.49 6.84
C MET A 524 -16.53 37.43 6.27
N VAL A 525 -17.44 38.33 6.68
CA VAL A 525 -18.81 38.38 6.08
C VAL A 525 -18.69 38.76 4.60
N LEU A 526 -17.78 39.66 4.23
CA LEU A 526 -17.57 40.11 2.82
C LEU A 526 -17.04 38.93 2.00
N PHE A 527 -16.04 38.21 2.51
CA PHE A 527 -15.43 37.03 1.86
C PHE A 527 -16.50 35.98 1.61
N ALA A 528 -17.27 35.63 2.64
CA ALA A 528 -18.28 34.55 2.63
C ALA A 528 -19.41 34.89 1.65
N SER A 529 -19.93 36.11 1.73
CA SER A 529 -21.06 36.53 0.87
C SER A 529 -20.53 36.71 -0.56
N SER A 530 -19.34 37.26 -0.73
CA SER A 530 -18.70 37.46 -2.06
C SER A 530 -18.56 36.10 -2.77
N VAL A 531 -18.25 35.07 -2.00
CA VAL A 531 -17.90 33.73 -2.54
C VAL A 531 -19.19 33.01 -2.89
N PHE A 532 -20.20 33.08 -2.03
CA PHE A 532 -21.51 32.48 -2.33
C PHE A 532 -22.19 33.24 -3.49
N ASP A 533 -21.94 34.54 -3.67
CA ASP A 533 -22.44 35.32 -4.83
C ASP A 533 -21.90 34.73 -6.14
N GLU A 534 -20.58 34.51 -6.25
CA GLU A 534 -19.96 34.01 -7.51
C GLU A 534 -20.31 32.54 -7.71
N TYR A 535 -20.51 31.78 -6.63
CA TYR A 535 -20.98 30.37 -6.67
C TYR A 535 -22.38 30.34 -7.31
N ARG A 536 -23.32 31.11 -6.74
CA ARG A 536 -24.72 31.23 -7.21
C ARG A 536 -24.75 31.68 -8.68
N LYS A 537 -24.01 32.74 -9.01
CA LYS A 537 -24.00 33.38 -10.35
C LYS A 537 -23.55 32.36 -11.41
N LEU A 538 -22.54 31.56 -11.10
CA LEU A 538 -22.02 30.53 -12.04
C LEU A 538 -23.07 29.42 -12.16
N TYR A 539 -23.70 29.03 -11.06
CA TYR A 539 -24.79 28.03 -11.06
C TYR A 539 -25.86 28.52 -12.04
N ASN A 540 -26.24 29.78 -11.93
CA ASN A 540 -27.38 30.38 -12.68
C ASN A 540 -27.01 30.41 -14.17
N GLU A 541 -25.80 30.81 -14.56
CA GLU A 541 -25.38 30.87 -15.99
C GLU A 541 -25.17 29.47 -16.56
N LEU A 542 -24.99 28.49 -15.69
CA LEU A 542 -24.67 27.10 -16.11
C LEU A 542 -25.98 26.32 -16.30
N ARG A 543 -27.04 26.68 -15.56
CA ARG A 543 -28.34 25.95 -15.54
C ARG A 543 -28.90 25.86 -16.96
N PRO A 544 -28.99 26.96 -17.74
CA PRO A 544 -29.60 26.93 -19.07
C PRO A 544 -29.04 25.86 -20.02
N TYR A 545 -27.80 25.41 -19.79
CA TYR A 545 -27.04 24.51 -20.71
C TYR A 545 -27.47 23.07 -20.49
N ASP A 546 -28.14 22.75 -19.38
CA ASP A 546 -28.56 21.36 -19.04
C ASP A 546 -29.66 20.92 -19.99
N ASP A 547 -30.64 21.80 -20.25
CA ASP A 547 -31.88 21.46 -20.99
C ASP A 547 -31.53 20.95 -22.38
N PRO A 548 -30.76 21.69 -23.22
CA PRO A 548 -30.43 21.26 -24.58
C PRO A 548 -29.73 19.90 -24.68
N ILE A 549 -28.93 19.55 -23.66
CA ILE A 549 -28.25 18.24 -23.54
C ILE A 549 -29.31 17.19 -23.21
N LEU A 550 -30.13 17.44 -22.18
CA LEU A 550 -31.24 16.55 -21.73
C LEU A 550 -32.11 16.23 -22.95
N ARG A 551 -32.52 17.23 -23.72
CA ARG A 551 -33.39 17.07 -24.93
C ARG A 551 -32.66 16.30 -26.04
N ALA A 552 -31.37 16.56 -26.29
CA ALA A 552 -30.62 15.84 -27.35
C ALA A 552 -30.41 14.39 -26.90
N GLN A 553 -30.40 14.16 -25.59
CA GLN A 553 -30.14 12.83 -25.00
C GLN A 553 -31.36 11.97 -25.27
N ARG A 554 -32.55 12.56 -25.16
CA ARG A 554 -33.82 11.87 -25.48
C ARG A 554 -33.67 11.32 -26.90
N THR A 555 -33.26 12.15 -27.86
CA THR A 555 -33.09 11.74 -29.26
C THR A 555 -31.98 10.70 -29.38
N TYR A 556 -30.84 10.94 -28.75
CA TYR A 556 -29.65 10.04 -28.86
C TYR A 556 -30.06 8.61 -28.42
N ILE A 557 -30.64 8.50 -27.21
CA ILE A 557 -31.00 7.18 -26.63
C ILE A 557 -32.11 6.57 -27.50
N ALA A 558 -33.10 7.39 -27.89
CA ALA A 558 -34.19 6.92 -28.78
C ALA A 558 -33.57 6.17 -29.97
N GLY A 559 -32.55 6.77 -30.62
CA GLY A 559 -31.85 6.22 -31.78
C GLY A 559 -31.10 4.94 -31.44
N LEU A 560 -30.36 4.95 -30.33
CA LEU A 560 -29.58 3.78 -29.84
C LEU A 560 -30.54 2.59 -29.69
N LEU A 561 -31.70 2.79 -29.05
CA LEU A 561 -32.74 1.73 -28.82
C LEU A 561 -33.31 1.20 -30.15
N GLU A 562 -33.79 2.10 -31.02
CA GLU A 562 -34.35 1.77 -32.36
C GLU A 562 -33.33 0.94 -33.14
N MET A 563 -32.04 1.28 -33.05
CA MET A 563 -30.93 0.63 -33.80
C MET A 563 -30.67 -0.80 -33.27
N ASP A 564 -30.33 -0.95 -31.99
CA ASP A 564 -29.75 -2.18 -31.41
C ASP A 564 -30.71 -2.89 -30.46
N GLY A 565 -31.82 -2.25 -30.08
CA GLY A 565 -32.75 -2.77 -29.07
C GLY A 565 -32.24 -2.57 -27.66
N ASP A 566 -33.07 -2.92 -26.69
CA ASP A 566 -32.79 -2.71 -25.25
C ASP A 566 -32.09 -3.96 -24.67
N GLN A 567 -31.88 -4.99 -25.50
CA GLN A 567 -31.24 -6.28 -25.14
C GLN A 567 -29.90 -6.03 -24.43
N ASP A 568 -28.98 -5.29 -25.06
CA ASP A 568 -27.62 -5.06 -24.51
C ASP A 568 -27.39 -3.56 -24.29
N GLN A 569 -28.44 -2.85 -23.90
CA GLN A 569 -28.44 -1.39 -23.64
C GLN A 569 -29.43 -1.09 -22.50
N PHE A 570 -28.94 -1.10 -21.26
CA PHE A 570 -29.78 -0.98 -20.06
C PHE A 570 -30.07 0.51 -19.85
N PRO A 571 -31.20 0.85 -19.19
CA PRO A 571 -31.54 2.23 -18.85
C PRO A 571 -30.72 2.74 -17.66
N ASP A 572 -30.21 3.98 -17.70
CA ASP A 572 -29.37 4.48 -16.58
C ASP A 572 -30.14 4.21 -15.28
N ALA A 573 -29.43 3.96 -14.18
CA ALA A 573 -30.03 3.86 -12.84
C ALA A 573 -30.67 5.21 -12.48
N ASN A 574 -31.81 5.19 -11.78
CA ASN A 574 -32.55 6.40 -11.33
C ASN A 574 -33.26 6.08 -10.02
N LEU A 575 -32.65 5.30 -9.13
CA LEU A 575 -33.18 5.01 -7.77
C LEU A 575 -34.41 4.09 -7.87
N THR A 576 -34.42 3.24 -8.87
CA THR A 576 -35.53 2.32 -9.22
C THR A 576 -35.06 0.88 -9.02
N LEU A 577 -36.01 -0.03 -8.74
CA LEU A 577 -35.75 -1.47 -8.55
C LEU A 577 -35.18 -2.02 -9.86
N ARG A 578 -34.02 -2.68 -9.79
CA ARG A 578 -33.33 -3.30 -10.96
C ARG A 578 -32.75 -4.64 -10.50
N PHE A 579 -32.58 -5.57 -11.44
CA PHE A 579 -31.85 -6.84 -11.19
C PHE A 579 -30.55 -6.80 -12.00
N THR A 580 -29.50 -7.45 -11.47
CA THR A 580 -28.21 -7.67 -12.16
C THR A 580 -27.76 -9.12 -11.90
N TYR A 581 -27.04 -9.71 -12.84
CA TYR A 581 -26.61 -11.12 -12.75
C TYR A 581 -25.16 -11.20 -13.18
N GLY A 582 -24.49 -12.27 -12.77
CA GLY A 582 -23.10 -12.57 -13.13
C GLY A 582 -22.67 -13.83 -12.41
N GLN A 583 -21.37 -13.96 -12.17
CA GLN A 583 -20.80 -15.13 -11.48
C GLN A 583 -19.90 -14.66 -10.33
N VAL A 584 -19.73 -15.55 -9.36
CA VAL A 584 -18.74 -15.40 -8.28
C VAL A 584 -17.35 -15.63 -8.90
N LYS A 585 -16.52 -14.59 -8.90
CA LYS A 585 -15.30 -14.54 -9.72
C LYS A 585 -14.36 -13.44 -9.18
N GLY A 586 -13.11 -13.80 -8.89
CA GLY A 586 -12.03 -12.84 -8.59
C GLY A 586 -11.50 -12.22 -9.88
N TYR A 587 -10.36 -11.55 -9.81
CA TYR A 587 -9.77 -10.76 -10.93
C TYR A 587 -8.31 -10.46 -10.64
N SER A 588 -7.59 -10.01 -11.66
CA SER A 588 -6.20 -9.49 -11.60
C SER A 588 -6.18 -7.96 -11.62
N PRO A 589 -5.84 -7.28 -10.49
CA PRO A 589 -5.81 -5.83 -10.48
C PRO A 589 -4.64 -5.25 -11.27
N ARG A 590 -3.53 -5.99 -11.34
CA ARG A 590 -2.26 -5.54 -11.99
C ARG A 590 -1.36 -6.75 -12.24
N ASP A 591 -0.26 -6.54 -12.95
CA ASP A 591 0.70 -7.57 -13.39
C ASP A 591 1.12 -8.47 -12.22
N ASN A 592 0.88 -9.77 -12.37
CA ASN A 592 1.38 -10.87 -11.51
C ASN A 592 0.66 -10.86 -10.15
N VAL A 593 -0.51 -10.21 -10.04
CA VAL A 593 -1.34 -10.20 -8.79
C VAL A 593 -2.74 -10.73 -9.13
N TYR A 594 -3.28 -11.63 -8.32
CA TYR A 594 -4.58 -12.31 -8.52
C TYR A 594 -5.32 -12.31 -7.18
N TYR A 595 -6.51 -11.70 -7.15
CA TYR A 595 -7.43 -11.72 -6.00
C TYR A 595 -8.48 -12.82 -6.26
N GLY A 596 -8.68 -13.71 -5.32
CA GLY A 596 -9.67 -14.79 -5.49
C GLY A 596 -11.10 -14.31 -5.23
N HIS A 597 -12.05 -15.21 -5.40
CA HIS A 597 -13.49 -14.90 -5.29
C HIS A 597 -13.93 -14.81 -3.82
N GLN A 598 -13.15 -15.32 -2.87
CA GLN A 598 -13.63 -15.56 -1.47
C GLN A 598 -12.56 -15.24 -0.43
N THR A 599 -12.88 -14.34 0.50
CA THR A 599 -12.10 -14.13 1.75
C THR A 599 -12.61 -15.07 2.84
N THR A 600 -11.74 -15.36 3.81
CA THR A 600 -12.05 -16.26 4.95
C THR A 600 -11.71 -15.55 6.26
N LEU A 601 -12.21 -16.13 7.35
CA LEU A 601 -12.00 -15.58 8.71
C LEU A 601 -10.50 -15.38 8.97
N ASP A 602 -9.63 -16.25 8.42
CA ASP A 602 -8.14 -16.16 8.53
C ASP A 602 -7.67 -14.80 8.02
N GLY A 603 -8.35 -14.19 7.06
CA GLY A 603 -8.04 -12.81 6.63
C GLY A 603 -8.26 -11.83 7.78
N VAL A 604 -9.25 -12.09 8.62
CA VAL A 604 -9.57 -11.26 9.82
C VAL A 604 -8.34 -11.25 10.74
N MET A 605 -7.92 -12.44 11.15
CA MET A 605 -6.78 -12.64 12.09
C MET A 605 -5.51 -11.98 11.55
N GLU A 606 -5.21 -12.10 10.26
CA GLU A 606 -3.95 -11.57 9.68
C GLU A 606 -3.90 -10.04 9.82
N LYS A 607 -5.05 -9.38 9.84
CA LYS A 607 -5.15 -7.90 9.73
C LYS A 607 -5.29 -7.28 11.14
N GLU A 608 -5.61 -8.12 12.13
CA GLU A 608 -5.75 -7.76 13.58
C GLU A 608 -4.60 -6.86 14.02
N ASP A 609 -4.89 -5.89 14.88
CA ASP A 609 -3.95 -4.87 15.42
C ASP A 609 -4.72 -4.16 16.52
N PRO A 610 -4.72 -4.69 17.77
CA PRO A 610 -5.60 -4.22 18.84
C PRO A 610 -5.41 -2.73 19.18
N ASP A 611 -4.36 -2.10 18.63
CA ASP A 611 -3.96 -0.68 18.82
C ASP A 611 -4.33 0.16 17.60
N ASN A 612 -5.28 -0.31 16.79
CA ASN A 612 -5.90 0.40 15.62
C ASN A 612 -7.39 0.08 15.63
N TRP A 613 -8.25 1.05 15.95
CA TRP A 613 -9.71 0.87 16.13
C TRP A 613 -10.31 0.15 14.91
N GLU A 614 -9.82 0.50 13.71
CA GLU A 614 -10.21 -0.06 12.39
C GLU A 614 -10.12 -1.60 12.38
N PHE A 615 -9.18 -2.20 13.11
CA PHE A 615 -8.74 -3.61 12.91
C PHE A 615 -8.74 -4.38 14.22
N VAL A 616 -9.49 -3.89 15.21
CA VAL A 616 -9.79 -4.64 16.45
C VAL A 616 -10.56 -5.89 16.02
N VAL A 617 -10.23 -7.05 16.56
CA VAL A 617 -11.01 -8.31 16.40
C VAL A 617 -11.78 -8.58 17.70
N ASP A 618 -13.10 -8.69 17.61
CA ASP A 618 -13.96 -9.12 18.74
C ASP A 618 -13.39 -10.41 19.30
N PRO A 619 -13.09 -10.49 20.62
CA PRO A 619 -12.62 -11.73 21.23
C PRO A 619 -13.58 -12.93 21.08
N LYS A 620 -14.89 -12.72 20.97
CA LYS A 620 -15.85 -13.86 20.85
C LYS A 620 -15.61 -14.57 19.50
N LEU A 621 -15.21 -13.81 18.47
CA LEU A 621 -14.96 -14.29 17.09
C LEU A 621 -13.58 -14.95 17.05
N LYS A 622 -12.55 -14.25 17.54
CA LYS A 622 -11.20 -14.79 17.87
C LYS A 622 -11.29 -16.24 18.38
N ALA A 623 -12.05 -16.48 19.45
CA ALA A 623 -12.21 -17.80 20.08
C ALA A 623 -12.89 -18.77 19.10
N VAL A 624 -14.03 -18.36 18.50
CA VAL A 624 -14.78 -19.16 17.50
C VAL A 624 -13.80 -19.69 16.45
N TYR A 625 -12.91 -18.81 15.97
CA TYR A 625 -11.81 -19.14 15.03
C TYR A 625 -10.92 -20.24 15.62
N GLU A 626 -10.31 -20.02 16.79
CA GLU A 626 -9.33 -20.96 17.41
C GLU A 626 -9.98 -22.31 17.70
N ARG A 627 -11.26 -22.35 18.10
CA ARG A 627 -12.04 -23.60 18.38
C ARG A 627 -12.48 -24.29 17.07
N LYS A 628 -12.39 -23.59 15.92
CA LYS A 628 -12.99 -24.00 14.60
C LYS A 628 -14.49 -24.26 14.79
N ASP A 629 -15.17 -23.39 15.55
CA ASP A 629 -16.58 -23.64 15.97
C ASP A 629 -17.51 -23.02 14.92
N PHE A 630 -17.62 -23.67 13.76
CA PHE A 630 -18.26 -23.17 12.52
C PHE A 630 -19.51 -23.98 12.15
N GLY A 631 -19.90 -24.97 12.94
CA GLY A 631 -21.15 -25.74 12.73
C GLY A 631 -21.35 -25.98 11.25
N ARG A 632 -22.55 -25.70 10.73
CA ARG A 632 -22.92 -26.05 9.33
C ARG A 632 -22.49 -24.91 8.37
N TYR A 633 -21.68 -23.94 8.83
CA TYR A 633 -21.38 -22.66 8.12
C TYR A 633 -20.01 -22.68 7.44
N ALA A 634 -19.15 -23.67 7.69
CA ALA A 634 -17.78 -23.69 7.12
C ALA A 634 -17.85 -24.21 5.68
N ASP A 635 -16.88 -23.84 4.82
CA ASP A 635 -16.73 -24.45 3.46
C ASP A 635 -16.09 -25.84 3.66
N ARG A 636 -16.42 -26.82 2.81
CA ARG A 636 -16.23 -28.27 3.11
C ARG A 636 -14.75 -28.60 3.35
N SER A 637 -13.83 -27.66 3.09
CA SER A 637 -12.41 -27.73 3.52
C SER A 637 -12.24 -27.25 4.98
N GLY A 638 -13.33 -26.83 5.65
CA GLY A 638 -13.33 -26.37 7.05
C GLY A 638 -12.76 -24.97 7.23
N ARG A 639 -12.54 -24.24 6.15
CA ARG A 639 -12.27 -22.77 6.15
C ARG A 639 -13.61 -22.06 6.43
N MET A 640 -13.59 -20.88 7.08
CA MET A 640 -14.82 -20.08 7.37
C MET A 640 -14.87 -18.89 6.42
N PRO A 641 -15.87 -18.84 5.52
CA PRO A 641 -16.03 -17.76 4.56
C PRO A 641 -16.39 -16.48 5.30
N VAL A 642 -15.90 -15.35 4.81
CA VAL A 642 -16.35 -14.02 5.30
C VAL A 642 -17.14 -13.35 4.17
N ALA A 643 -16.44 -12.96 3.10
CA ALA A 643 -16.97 -12.17 1.97
C ALA A 643 -16.68 -12.92 0.67
N PHE A 644 -17.41 -12.61 -0.40
CA PHE A 644 -17.09 -13.04 -1.78
C PHE A 644 -17.41 -11.89 -2.73
N CYS A 645 -16.93 -11.96 -3.97
CA CYS A 645 -17.11 -10.90 -4.98
C CYS A 645 -17.64 -11.50 -6.29
N ALA A 646 -18.42 -10.73 -7.03
CA ALA A 646 -19.15 -11.19 -8.24
C ALA A 646 -19.09 -10.13 -9.33
N THR A 647 -19.29 -10.57 -10.58
CA THR A 647 -19.18 -9.73 -11.81
C THR A 647 -20.52 -9.06 -12.09
N THR A 648 -21.34 -9.05 -11.07
CA THR A 648 -22.65 -8.39 -11.03
C THR A 648 -22.37 -6.87 -11.21
N HIS A 649 -23.37 -6.11 -11.67
CA HIS A 649 -23.27 -4.67 -12.02
C HIS A 649 -24.06 -3.85 -11.00
N THR A 650 -23.35 -3.22 -10.05
CA THR A 650 -23.95 -2.49 -8.91
C THR A 650 -23.38 -1.07 -8.89
N THR A 651 -24.08 -0.19 -8.16
CA THR A 651 -23.59 1.17 -7.83
C THR A 651 -24.21 1.55 -6.50
N GLY A 652 -23.85 2.71 -5.96
CA GLY A 652 -24.48 3.28 -4.75
C GLY A 652 -25.99 3.20 -4.84
N GLY A 653 -26.66 2.81 -3.76
CA GLY A 653 -28.07 2.39 -3.81
C GLY A 653 -28.20 0.89 -3.66
N ASN A 654 -27.13 0.12 -3.93
CA ASN A 654 -27.14 -1.38 -3.91
C ASN A 654 -26.62 -1.87 -2.55
N SER A 655 -26.27 -0.97 -1.63
CA SER A 655 -25.99 -1.35 -0.22
C SER A 655 -27.14 -2.19 0.34
N GLY A 656 -26.84 -3.35 0.91
CA GLY A 656 -27.81 -4.21 1.59
C GLY A 656 -28.57 -5.13 0.62
N SER A 657 -28.28 -5.09 -0.68
CA SER A 657 -29.03 -5.83 -1.74
C SER A 657 -28.92 -7.33 -1.51
N PRO A 658 -30.01 -8.11 -1.63
CA PRO A 658 -29.91 -9.56 -1.53
C PRO A 658 -29.10 -10.13 -2.71
N VAL A 659 -28.22 -11.09 -2.41
CA VAL A 659 -27.47 -11.88 -3.44
C VAL A 659 -28.03 -13.30 -3.45
N MET A 660 -28.57 -13.72 -4.58
CA MET A 660 -29.26 -15.01 -4.78
C MET A 660 -28.36 -15.93 -5.61
N ASN A 661 -28.43 -17.23 -5.31
CA ASN A 661 -27.81 -18.31 -6.12
C ASN A 661 -28.77 -18.63 -7.26
N ALA A 662 -28.47 -19.71 -8.00
CA ALA A 662 -29.19 -20.12 -9.23
C ALA A 662 -30.68 -20.40 -8.93
N ASN A 663 -31.03 -20.67 -7.67
CA ASN A 663 -32.38 -21.10 -7.25
C ASN A 663 -33.08 -19.99 -6.48
N GLY A 664 -32.49 -18.79 -6.42
CA GLY A 664 -33.09 -17.63 -5.72
C GLY A 664 -32.91 -17.72 -4.22
N GLU A 665 -32.04 -18.57 -3.71
CA GLU A 665 -31.74 -18.64 -2.26
C GLU A 665 -30.69 -17.57 -1.92
N LEU A 666 -30.83 -16.94 -0.76
CA LEU A 666 -29.87 -15.92 -0.29
C LEU A 666 -28.55 -16.62 0.00
N ILE A 667 -27.48 -16.21 -0.68
CA ILE A 667 -26.06 -16.61 -0.41
C ILE A 667 -25.27 -15.46 0.19
N GLY A 668 -25.80 -14.24 0.17
CA GLY A 668 -25.05 -13.08 0.67
C GLY A 668 -25.80 -11.77 0.61
N LEU A 669 -25.06 -10.74 1.00
CA LEU A 669 -25.53 -9.36 1.23
C LEU A 669 -24.49 -8.46 0.59
N ASN A 670 -24.85 -7.80 -0.52
CA ASN A 670 -23.98 -6.78 -1.15
C ASN A 670 -23.71 -5.66 -0.14
N PHE A 671 -22.50 -5.08 -0.14
CA PHE A 671 -22.19 -3.95 0.77
C PHE A 671 -21.14 -2.99 0.23
N ASP A 672 -20.48 -3.30 -0.86
CA ASP A 672 -19.55 -2.31 -1.44
C ASP A 672 -19.25 -2.69 -2.88
N ARG A 673 -18.38 -1.92 -3.51
CA ARG A 673 -17.88 -2.16 -4.88
C ARG A 673 -16.41 -1.73 -4.94
N ASN A 674 -15.57 -2.48 -5.64
CA ASN A 674 -14.11 -2.21 -5.61
C ASN A 674 -13.84 -0.94 -6.39
N TRP A 675 -12.72 -0.26 -6.07
CA TRP A 675 -12.40 1.09 -6.61
C TRP A 675 -12.11 0.99 -8.12
N GLU A 676 -11.61 -0.15 -8.59
CA GLU A 676 -11.24 -0.34 -10.01
C GLU A 676 -12.52 -0.34 -10.85
N GLY A 677 -13.68 -0.55 -10.23
CA GLY A 677 -14.97 -0.59 -10.94
C GLY A 677 -15.77 0.70 -10.86
N VAL A 678 -15.24 1.78 -10.26
CA VAL A 678 -16.00 3.06 -10.10
C VAL A 678 -16.46 3.56 -11.49
N GLY A 679 -15.62 3.46 -12.50
CA GLY A 679 -15.92 3.89 -13.88
C GLY A 679 -16.99 3.02 -14.53
N GLY A 680 -17.42 1.93 -13.85
CA GLY A 680 -18.51 1.03 -14.25
C GLY A 680 -19.83 1.77 -14.36
N ASP A 681 -19.97 2.90 -13.65
CA ASP A 681 -21.12 3.84 -13.75
C ASP A 681 -21.21 4.45 -15.16
N ILE A 682 -20.13 4.43 -15.93
CA ILE A 682 -20.12 4.94 -17.34
C ILE A 682 -19.97 3.75 -18.31
N GLN A 683 -19.14 2.77 -17.99
CA GLN A 683 -18.88 1.61 -18.87
C GLN A 683 -18.54 0.43 -17.97
N TYR A 684 -19.36 -0.61 -18.01
CA TYR A 684 -19.15 -1.89 -17.30
C TYR A 684 -17.73 -2.41 -17.58
N LEU A 685 -17.02 -2.92 -16.56
CA LEU A 685 -15.61 -3.36 -16.68
C LEU A 685 -15.51 -4.84 -16.30
N ALA A 686 -15.70 -5.74 -17.26
CA ALA A 686 -15.81 -7.20 -17.06
C ALA A 686 -14.63 -7.73 -16.22
N ASP A 687 -13.39 -7.26 -16.44
CA ASP A 687 -12.18 -7.87 -15.84
C ASP A 687 -11.66 -7.11 -14.61
N TYR A 688 -12.38 -6.12 -14.09
CA TYR A 688 -11.95 -5.34 -12.90
C TYR A 688 -13.10 -5.12 -11.92
N GLN A 689 -14.28 -4.72 -12.42
CA GLN A 689 -15.43 -4.30 -11.57
C GLN A 689 -16.01 -5.51 -10.83
N ARG A 690 -16.16 -5.41 -9.51
CA ARG A 690 -16.78 -6.50 -8.72
C ARG A 690 -17.67 -5.93 -7.64
N SER A 691 -18.81 -6.57 -7.41
CA SER A 691 -19.63 -6.36 -6.20
C SER A 691 -18.99 -7.12 -5.05
N ILE A 692 -18.90 -6.46 -3.90
CA ILE A 692 -18.26 -6.95 -2.65
C ILE A 692 -19.41 -7.32 -1.72
N ILE A 693 -19.45 -8.57 -1.32
CA ILE A 693 -20.64 -9.26 -0.76
C ILE A 693 -20.20 -9.95 0.52
N VAL A 694 -20.97 -9.81 1.60
CA VAL A 694 -20.72 -10.54 2.87
C VAL A 694 -21.41 -11.90 2.74
N ASP A 695 -20.68 -12.98 3.02
CA ASP A 695 -21.17 -14.37 2.81
C ASP A 695 -22.31 -14.59 3.81
N ILE A 696 -23.43 -15.19 3.40
CA ILE A 696 -24.58 -15.32 4.34
C ILE A 696 -24.18 -16.31 5.44
N ARG A 697 -23.27 -17.24 5.14
CA ARG A 697 -22.75 -18.22 6.14
C ARG A 697 -22.03 -17.47 7.28
N TYR A 698 -21.21 -16.45 7.00
CA TYR A 698 -20.58 -15.59 8.04
C TYR A 698 -21.66 -14.84 8.84
N VAL A 699 -22.72 -14.38 8.16
CA VAL A 699 -23.80 -13.61 8.83
C VAL A 699 -24.42 -14.54 9.86
N LEU A 700 -24.83 -15.73 9.43
CA LEU A 700 -25.33 -16.80 10.33
C LEU A 700 -24.29 -17.08 11.43
N LEU A 701 -23.01 -17.23 11.08
CA LEU A 701 -21.97 -17.48 12.12
C LEU A 701 -22.08 -16.40 13.20
N VAL A 702 -22.04 -15.12 12.85
CA VAL A 702 -21.91 -14.02 13.84
C VAL A 702 -23.18 -13.95 14.71
N ILE A 703 -24.36 -14.18 14.12
CA ILE A 703 -25.66 -14.27 14.84
C ILE A 703 -25.57 -15.38 15.90
N ASP A 704 -25.12 -16.57 15.49
CA ASP A 704 -25.12 -17.82 16.29
C ASP A 704 -24.11 -17.70 17.44
N LYS A 705 -22.85 -17.47 17.07
CA LYS A 705 -21.66 -17.70 17.92
C LYS A 705 -21.16 -16.38 18.53
N VAL A 706 -21.53 -15.22 18.00
CA VAL A 706 -21.15 -13.92 18.64
C VAL A 706 -22.34 -13.34 19.41
N GLY A 707 -23.57 -13.49 18.91
CA GLY A 707 -24.76 -12.85 19.49
C GLY A 707 -25.59 -13.80 20.32
N GLY A 708 -25.42 -15.11 20.12
CA GLY A 708 -26.25 -16.17 20.74
C GLY A 708 -27.72 -16.04 20.37
N CYS A 709 -28.08 -15.30 19.32
CA CYS A 709 -29.49 -14.93 19.07
C CYS A 709 -30.15 -16.03 18.23
N GLN A 710 -30.31 -17.18 18.87
CA GLN A 710 -30.75 -18.46 18.28
C GLN A 710 -32.16 -18.35 17.71
N ARG A 711 -33.04 -17.54 18.29
CA ARG A 711 -34.44 -17.37 17.78
C ARG A 711 -34.43 -16.82 16.35
N LEU A 712 -33.43 -16.01 15.99
CA LEU A 712 -33.31 -15.44 14.61
C LEU A 712 -33.02 -16.57 13.61
N LEU A 713 -32.12 -17.49 13.94
CA LEU A 713 -31.88 -18.72 13.12
C LEU A 713 -33.19 -19.51 13.04
N ASP A 714 -33.89 -19.65 14.17
CA ASP A 714 -35.10 -20.51 14.31
C ASP A 714 -36.25 -19.94 13.46
N GLU A 715 -36.37 -18.61 13.28
CA GLU A 715 -37.48 -18.01 12.47
C GLU A 715 -37.13 -17.98 10.97
N MET A 716 -35.84 -18.03 10.63
CA MET A 716 -35.41 -18.13 9.22
C MET A 716 -35.74 -19.55 8.69
N ASN A 717 -35.90 -19.67 7.38
CA ASN A 717 -36.01 -20.95 6.63
C ASN A 717 -34.63 -21.22 6.02
N ILE A 718 -33.75 -21.83 6.83
CA ILE A 718 -32.35 -22.16 6.47
C ILE A 718 -32.32 -23.50 5.75
N VAL A 719 -31.88 -23.51 4.51
CA VAL A 719 -31.92 -24.66 3.54
C VAL A 719 -30.50 -25.20 3.38
N PRO A 720 -30.32 -26.50 3.04
CA PRO A 720 -29.00 -27.08 2.75
C PRO A 720 -28.26 -26.44 1.57
N ASP B 22 13.84 -25.13 -2.15
CA ASP B 22 13.99 -25.96 -0.92
C ASP B 22 15.04 -25.36 0.02
N GLU B 23 15.01 -25.79 1.28
CA GLU B 23 15.88 -25.30 2.37
C GLU B 23 17.33 -25.67 2.06
N GLY B 24 18.24 -24.77 2.34
CA GLY B 24 19.64 -25.14 2.53
C GLY B 24 20.55 -24.34 1.65
N MET B 25 21.62 -23.85 2.27
CA MET B 25 22.79 -23.24 1.61
C MET B 25 23.94 -24.24 1.77
N TRP B 26 24.09 -25.06 0.74
CA TRP B 26 24.81 -26.36 0.81
C TRP B 26 26.25 -26.18 0.39
N LEU B 27 27.15 -26.81 1.11
CA LEU B 27 28.56 -26.95 0.68
C LEU B 27 28.60 -27.65 -0.68
N MET B 28 29.60 -27.34 -1.50
CA MET B 28 29.90 -28.12 -2.73
C MET B 28 30.16 -29.59 -2.33
N GLN B 29 30.91 -29.85 -1.25
CA GLN B 29 31.20 -31.22 -0.72
C GLN B 29 29.85 -31.94 -0.51
N GLN B 30 28.73 -31.22 -0.32
CA GLN B 30 27.40 -31.80 0.04
C GLN B 30 26.55 -32.01 -1.22
N LEU B 31 27.06 -31.75 -2.44
CA LEU B 31 26.31 -32.01 -3.70
C LEU B 31 25.96 -33.51 -3.80
N GLY B 32 26.94 -34.39 -3.59
CA GLY B 32 26.76 -35.85 -3.53
C GLY B 32 25.57 -36.22 -2.67
N ARG B 33 25.44 -35.58 -1.51
CA ARG B 33 24.42 -35.87 -0.46
C ARG B 33 23.04 -35.28 -0.80
N LYS B 34 22.92 -34.34 -1.75
CA LYS B 34 21.62 -33.66 -2.05
C LYS B 34 21.16 -33.99 -3.47
N TYR B 35 22.06 -34.48 -4.33
CA TYR B 35 21.82 -34.72 -5.79
C TYR B 35 20.48 -35.41 -6.05
N ALA B 36 20.22 -36.55 -5.40
CA ALA B 36 18.97 -37.33 -5.58
C ALA B 36 17.76 -36.43 -5.29
N GLN B 37 17.78 -35.68 -4.17
CA GLN B 37 16.68 -34.73 -3.81
C GLN B 37 16.53 -33.68 -4.92
N MET B 38 17.61 -33.34 -5.63
CA MET B 38 17.60 -32.31 -6.71
C MET B 38 17.13 -32.94 -8.03
N LYS B 39 17.44 -34.21 -8.25
CA LYS B 39 16.92 -34.99 -9.41
C LYS B 39 15.40 -35.06 -9.28
N GLU B 40 14.89 -35.37 -8.07
CA GLU B 40 13.42 -35.36 -7.76
C GLU B 40 12.83 -34.02 -8.23
N ARG B 41 13.52 -32.92 -7.95
CA ARG B 41 12.95 -31.57 -8.18
C ARG B 41 13.12 -31.19 -9.66
N GLY B 42 13.78 -32.03 -10.47
CA GLY B 42 13.85 -31.86 -11.94
C GLY B 42 15.25 -31.64 -12.49
N LEU B 43 16.29 -31.75 -11.66
CA LEU B 43 17.71 -31.63 -12.11
C LEU B 43 18.02 -32.72 -13.13
N LYS B 44 18.69 -32.38 -14.24
CA LYS B 44 18.99 -33.32 -15.34
C LYS B 44 20.51 -33.41 -15.61
N MET B 45 21.30 -32.39 -15.26
CA MET B 45 22.78 -32.41 -15.30
C MET B 45 23.30 -33.61 -14.51
N LYS B 46 24.41 -34.17 -14.94
CA LYS B 46 25.13 -35.14 -14.08
C LYS B 46 25.93 -34.31 -13.05
N GLU B 47 26.13 -34.88 -11.86
CA GLU B 47 26.77 -34.26 -10.68
C GLU B 47 28.05 -33.52 -11.09
N TYR B 48 28.94 -34.19 -11.82
CA TYR B 48 30.34 -33.77 -12.00
C TYR B 48 30.43 -32.65 -13.04
N ASP B 49 29.37 -32.42 -13.83
CA ASP B 49 29.28 -31.24 -14.76
C ASP B 49 28.87 -29.99 -13.95
N LEU B 50 28.16 -30.16 -12.82
CA LEU B 50 27.79 -29.02 -11.95
C LEU B 50 28.98 -28.70 -11.03
N TYR B 51 29.37 -29.65 -10.19
CA TYR B 51 30.60 -29.50 -9.37
C TYR B 51 31.47 -30.76 -9.46
N ASN B 52 32.70 -30.55 -9.90
CA ASN B 52 33.77 -31.58 -9.98
C ASN B 52 34.91 -31.21 -9.04
N PRO B 53 35.23 -32.03 -8.02
CA PRO B 53 36.30 -31.68 -7.08
C PRO B 53 37.71 -31.77 -7.66
N ASN B 54 37.90 -32.43 -8.82
CA ASN B 54 39.24 -32.53 -9.47
C ASN B 54 39.06 -32.43 -11.01
N GLY B 55 38.33 -31.44 -11.51
CA GLY B 55 38.27 -31.10 -12.95
C GLY B 55 37.30 -29.96 -13.23
N THR B 56 37.35 -29.37 -14.41
CA THR B 56 36.46 -28.27 -14.86
C THR B 56 34.99 -28.64 -14.61
N SER B 57 34.21 -27.69 -14.10
CA SER B 57 32.76 -27.85 -13.80
C SER B 57 32.06 -26.49 -13.87
N LEU B 58 30.74 -26.48 -13.83
CA LEU B 58 29.96 -25.23 -14.04
C LEU B 58 30.33 -24.23 -12.92
N LYS B 59 30.64 -24.73 -11.73
CA LYS B 59 31.17 -23.93 -10.61
C LYS B 59 32.31 -23.00 -11.07
N ASP B 60 33.16 -23.44 -11.99
CA ASP B 60 34.35 -22.63 -12.42
C ASP B 60 33.89 -21.36 -13.15
N ALA B 61 32.58 -21.22 -13.43
CA ALA B 61 31.97 -20.03 -14.08
C ALA B 61 31.39 -19.01 -13.07
N VAL B 62 31.47 -19.30 -11.77
CA VAL B 62 30.90 -18.42 -10.68
C VAL B 62 32.04 -17.63 -10.07
N VAL B 63 31.83 -16.34 -9.77
CA VAL B 63 32.86 -15.51 -9.10
C VAL B 63 32.24 -14.81 -7.90
N LEU B 64 33.05 -14.60 -6.86
CA LEU B 64 32.80 -13.55 -5.85
C LEU B 64 33.16 -12.22 -6.52
N PHE B 65 32.18 -11.35 -6.76
CA PHE B 65 32.33 -10.08 -7.50
C PHE B 65 32.55 -8.93 -6.51
N ASP B 66 33.72 -8.32 -6.56
CA ASP B 66 34.09 -7.14 -5.75
C ASP B 66 33.83 -7.41 -4.27
N GLY B 67 34.07 -8.64 -3.82
CA GLY B 67 34.19 -8.95 -2.38
C GLY B 67 32.86 -9.15 -1.65
N GLY B 68 31.70 -8.82 -2.21
CA GLY B 68 30.42 -8.97 -1.49
C GLY B 68 29.30 -9.55 -2.34
N CYS B 69 29.37 -9.34 -3.65
CA CYS B 69 28.36 -9.79 -4.62
C CYS B 69 28.83 -11.11 -5.24
N THR B 70 27.90 -11.80 -5.89
CA THR B 70 28.17 -12.92 -6.80
C THR B 70 28.12 -12.37 -8.23
N GLY B 71 28.84 -13.01 -9.14
CA GLY B 71 28.76 -12.74 -10.58
C GLY B 71 28.99 -14.03 -11.32
N GLU B 72 28.97 -13.99 -12.65
CA GLU B 72 29.17 -15.23 -13.43
C GLU B 72 29.75 -14.93 -14.81
N VAL B 73 30.65 -15.81 -15.26
CA VAL B 73 31.31 -15.68 -16.58
C VAL B 73 30.30 -16.16 -17.64
N VAL B 74 30.02 -15.32 -18.64
CA VAL B 74 28.96 -15.62 -19.66
C VAL B 74 29.50 -15.52 -21.09
N SER B 75 30.83 -15.59 -21.31
CA SER B 75 31.43 -15.75 -22.66
C SER B 75 32.83 -16.35 -22.55
N ASP B 76 33.43 -16.72 -23.69
CA ASP B 76 34.82 -17.28 -23.75
C ASP B 76 35.83 -16.13 -23.81
N ARG B 77 35.36 -14.89 -23.70
CA ARG B 77 36.25 -13.72 -23.60
C ARG B 77 36.03 -13.03 -22.24
N GLY B 78 35.66 -13.79 -21.21
CA GLY B 78 35.70 -13.33 -19.81
C GLY B 78 34.63 -12.30 -19.46
N LEU B 79 33.51 -12.33 -20.16
CA LEU B 79 32.36 -11.44 -19.89
C LEU B 79 31.68 -11.85 -18.58
N VAL B 80 31.37 -10.89 -17.72
CA VAL B 80 30.81 -11.17 -16.37
C VAL B 80 29.50 -10.40 -16.23
N LEU B 81 28.46 -11.11 -15.78
CA LEU B 81 27.14 -10.56 -15.42
C LEU B 81 27.07 -10.47 -13.90
N THR B 82 26.59 -9.36 -13.36
CA THR B 82 26.22 -9.24 -11.93
C THR B 82 25.07 -8.22 -11.84
N ASN B 83 24.68 -7.81 -10.65
CA ASN B 83 23.55 -6.87 -10.49
C ASN B 83 24.04 -5.48 -10.87
N HIS B 84 23.08 -4.58 -11.12
CA HIS B 84 23.32 -3.13 -11.28
C HIS B 84 23.79 -2.56 -9.93
N HIS B 85 23.18 -2.99 -8.84
CA HIS B 85 23.56 -2.51 -7.48
C HIS B 85 24.97 -3.00 -7.15
N CYS B 86 25.45 -4.05 -7.82
CA CYS B 86 26.82 -4.60 -7.63
C CYS B 86 27.83 -3.78 -8.45
N GLY B 87 27.42 -3.24 -9.60
CA GLY B 87 28.30 -2.46 -10.49
C GLY B 87 28.21 -0.96 -10.21
N TYR B 88 27.36 -0.57 -9.27
CA TYR B 88 26.91 0.84 -9.08
C TYR B 88 28.11 1.78 -8.90
N ASP B 89 29.02 1.46 -7.97
CA ASP B 89 30.11 2.39 -7.60
C ASP B 89 31.02 2.53 -8.82
N MET B 90 31.20 1.46 -9.60
CA MET B 90 32.07 1.50 -10.80
C MET B 90 31.40 2.40 -11.85
N ILE B 91 30.08 2.29 -12.02
CA ILE B 91 29.31 3.09 -13.01
C ILE B 91 29.36 4.57 -12.61
N GLN B 92 29.28 4.88 -11.31
CA GLN B 92 29.24 6.27 -10.77
C GLN B 92 30.63 6.92 -10.89
N ALA B 93 31.68 6.15 -10.65
CA ALA B 93 33.09 6.61 -10.66
C ALA B 93 33.50 7.04 -12.08
N HIS B 94 32.93 6.44 -13.11
CA HIS B 94 33.21 6.73 -14.54
C HIS B 94 32.20 7.75 -15.09
N SER B 95 31.13 8.04 -14.33
CA SER B 95 30.09 9.05 -14.69
C SER B 95 30.64 10.45 -14.40
N THR B 96 30.48 11.35 -15.36
CA THR B 96 30.66 12.83 -15.20
C THR B 96 29.34 13.49 -15.58
N LEU B 97 29.24 14.81 -15.42
CA LEU B 97 28.02 15.60 -15.74
C LEU B 97 27.79 15.56 -17.27
N GLU B 98 28.86 15.48 -18.07
CA GLU B 98 28.86 15.57 -19.56
C GLU B 98 28.59 14.20 -20.19
N HIS B 99 29.05 13.11 -19.56
CA HIS B 99 28.62 11.73 -19.87
C HIS B 99 28.17 11.08 -18.55
N ASN B 100 26.86 11.08 -18.28
CA ASN B 100 26.29 10.52 -17.02
C ASN B 100 25.82 9.08 -17.29
N TYR B 101 26.74 8.12 -17.17
CA TYR B 101 26.55 6.68 -17.47
C TYR B 101 25.54 6.07 -16.48
N LEU B 102 25.53 6.55 -15.23
CA LEU B 102 24.57 6.14 -14.18
C LEU B 102 23.15 6.31 -14.71
N GLU B 103 22.80 7.51 -15.17
CA GLU B 103 21.45 7.90 -15.69
C GLU B 103 21.15 7.19 -17.00
N ASN B 104 22.07 7.27 -17.96
CA ASN B 104 21.81 7.00 -19.41
C ASN B 104 22.23 5.58 -19.79
N GLY B 105 22.98 4.90 -18.92
CA GLY B 105 23.60 3.60 -19.20
C GLY B 105 24.99 3.77 -19.78
N PHE B 106 25.68 2.66 -20.02
CA PHE B 106 27.03 2.67 -20.61
C PHE B 106 27.11 1.45 -21.50
N TRP B 107 27.53 1.61 -22.76
CA TRP B 107 27.67 0.49 -23.72
C TRP B 107 28.94 0.71 -24.55
N ALA B 108 30.05 0.16 -24.07
CA ALA B 108 31.33 0.05 -24.79
C ALA B 108 31.04 -0.67 -26.11
N MET B 109 31.28 -0.01 -27.24
CA MET B 109 30.95 -0.57 -28.58
C MET B 109 32.17 -1.34 -29.10
N ARG B 110 33.34 -1.18 -28.47
CA ARG B 110 34.50 -2.09 -28.68
C ARG B 110 35.25 -2.35 -27.36
N GLU B 111 35.98 -3.46 -27.32
CA GLU B 111 36.72 -3.97 -26.13
C GLU B 111 37.70 -2.92 -25.59
N ALA B 112 38.21 -2.01 -26.41
CA ALA B 112 39.26 -1.05 -26.00
C ALA B 112 38.61 0.17 -25.34
N ASP B 113 37.29 0.31 -25.49
CA ASP B 113 36.49 1.39 -24.85
C ASP B 113 35.92 0.89 -23.52
N GLU B 114 36.07 -0.40 -23.21
CA GLU B 114 35.70 -0.95 -21.88
C GLU B 114 36.56 -0.24 -20.83
N LEU B 115 35.90 0.23 -19.76
CA LEU B 115 36.51 1.10 -18.74
C LEU B 115 37.05 0.22 -17.62
N PRO B 116 38.35 0.37 -17.26
CA PRO B 116 38.92 -0.32 -16.09
C PRO B 116 38.51 0.33 -14.77
N ASN B 117 38.72 -0.38 -13.66
CA ASN B 117 38.18 0.01 -12.32
C ASN B 117 39.24 -0.22 -11.25
N LYS B 118 39.69 0.84 -10.57
CA LYS B 118 40.59 0.74 -9.39
C LYS B 118 39.83 0.00 -8.28
N ASP B 119 40.50 -0.90 -7.56
CA ASP B 119 40.01 -1.48 -6.28
C ASP B 119 38.93 -2.54 -6.57
N ILE B 120 38.85 -3.04 -7.80
CA ILE B 120 37.89 -4.11 -8.15
C ILE B 120 38.59 -5.47 -8.04
N SER B 121 37.84 -6.53 -7.77
CA SER B 121 38.35 -7.92 -7.88
C SER B 121 37.24 -8.86 -8.34
N VAL B 122 37.63 -9.97 -8.99
CA VAL B 122 36.80 -11.20 -9.10
C VAL B 122 37.64 -12.36 -8.58
N VAL B 123 36.99 -13.25 -7.83
CA VAL B 123 37.66 -14.42 -7.20
C VAL B 123 36.96 -15.68 -7.71
N PHE B 124 37.72 -16.62 -8.27
CA PHE B 124 37.27 -17.96 -8.71
C PHE B 124 37.60 -18.93 -7.60
N ILE B 125 36.69 -19.84 -7.27
CA ILE B 125 36.98 -20.89 -6.26
C ILE B 125 37.59 -22.07 -7.01
N ASP B 126 38.91 -22.07 -7.12
CA ASP B 126 39.67 -23.06 -7.94
C ASP B 126 39.51 -24.45 -7.33
N LYS B 127 39.80 -24.63 -6.06
CA LYS B 127 39.64 -25.95 -5.39
C LYS B 127 39.05 -25.75 -4.00
N ILE B 128 38.43 -26.81 -3.49
CA ILE B 128 37.86 -26.87 -2.12
C ILE B 128 38.24 -28.23 -1.52
N GLU B 129 38.83 -28.24 -0.34
CA GLU B 129 39.15 -29.51 0.37
C GLU B 129 38.66 -29.44 1.80
N ASP B 130 38.14 -30.55 2.27
CA ASP B 130 37.83 -30.71 3.71
C ASP B 130 39.18 -30.84 4.43
N VAL B 131 39.48 -29.97 5.41
CA VAL B 131 40.73 -30.06 6.22
C VAL B 131 40.37 -30.13 7.72
N THR B 132 39.21 -30.72 8.03
CA THR B 132 38.68 -30.82 9.41
C THR B 132 39.72 -31.52 10.29
N ASP B 133 40.16 -32.72 9.92
CA ASP B 133 41.07 -33.58 10.74
C ASP B 133 42.42 -32.88 10.92
N TYR B 134 42.95 -32.30 9.86
CA TYR B 134 44.20 -31.49 9.88
C TYR B 134 44.05 -30.39 10.95
N VAL B 135 42.99 -29.58 10.87
CA VAL B 135 42.80 -28.40 11.76
C VAL B 135 42.59 -28.91 13.20
N LYS B 136 41.78 -29.96 13.37
CA LYS B 136 41.44 -30.53 14.69
C LYS B 136 42.70 -31.07 15.36
N LYS B 137 43.64 -31.59 14.56
CA LYS B 137 44.95 -32.09 15.03
C LYS B 137 45.83 -30.91 15.46
N GLU B 138 45.84 -29.80 14.69
CA GLU B 138 46.67 -28.61 15.03
C GLU B 138 46.13 -27.97 16.32
N LEU B 139 44.80 -28.01 16.50
CA LEU B 139 44.10 -27.44 17.69
C LEU B 139 44.41 -28.26 18.96
N LYS B 140 44.76 -29.54 18.81
CA LYS B 140 45.16 -30.43 19.94
C LYS B 140 46.31 -29.76 20.72
N ALA B 141 47.26 -29.14 20.02
CA ALA B 141 48.50 -28.53 20.56
C ALA B 141 48.21 -27.32 21.46
N ILE B 142 47.05 -26.69 21.35
CA ILE B 142 46.69 -25.43 22.09
C ILE B 142 46.10 -25.81 23.46
N LYS B 143 46.68 -25.29 24.53
CA LYS B 143 46.44 -25.78 25.92
C LYS B 143 45.07 -25.30 26.43
N ASP B 144 44.82 -23.98 26.45
CA ASP B 144 43.60 -23.33 27.01
C ASP B 144 42.34 -23.89 26.33
N PRO B 145 41.50 -24.68 27.04
CA PRO B 145 40.25 -25.17 26.47
C PRO B 145 39.30 -24.08 25.96
N ASN B 146 39.57 -22.81 26.31
CA ASN B 146 38.68 -21.66 26.05
C ASN B 146 39.22 -20.82 24.88
N SER B 147 40.40 -21.17 24.35
CA SER B 147 41.04 -20.49 23.19
C SER B 147 40.02 -20.34 22.05
N MET B 148 39.95 -19.16 21.43
CA MET B 148 39.05 -18.89 20.28
C MET B 148 39.88 -18.98 19.00
N ASP B 149 41.04 -19.64 19.10
CA ASP B 149 41.96 -19.85 17.95
C ASP B 149 41.26 -20.68 16.88
N TYR B 150 40.28 -21.51 17.27
CA TYR B 150 39.54 -22.42 16.35
C TYR B 150 38.65 -21.63 15.38
N LEU B 151 38.48 -20.33 15.62
CA LEU B 151 37.67 -19.41 14.78
C LEU B 151 38.51 -18.21 14.36
N SER B 152 39.81 -18.19 14.67
CA SER B 152 40.70 -17.02 14.43
C SER B 152 41.16 -17.01 12.97
N PRO B 153 40.83 -15.98 12.18
CA PRO B 153 41.36 -15.90 10.82
C PRO B 153 42.90 -15.92 10.85
N LYS B 154 43.50 -15.25 11.83
CA LYS B 154 44.97 -15.22 12.05
C LYS B 154 45.50 -16.67 12.16
N TYR B 155 44.93 -17.44 13.07
CA TYR B 155 45.36 -18.84 13.31
C TYR B 155 45.07 -19.72 12.09
N LEU B 156 43.87 -19.62 11.50
CA LEU B 156 43.44 -20.55 10.42
C LEU B 156 44.27 -20.29 9.14
N GLN B 157 44.69 -19.05 8.93
CA GLN B 157 45.63 -18.65 7.84
C GLN B 157 47.01 -19.26 8.10
N LYS B 158 47.55 -19.21 9.32
CA LYS B 158 48.87 -19.87 9.58
C LYS B 158 48.72 -21.34 9.19
N LEU B 159 47.59 -21.93 9.53
CA LEU B 159 47.28 -23.35 9.23
C LEU B 159 47.20 -23.54 7.70
N ALA B 160 46.57 -22.60 6.98
CA ALA B 160 46.45 -22.64 5.51
C ALA B 160 47.84 -22.55 4.87
N ASP B 161 48.64 -21.56 5.27
CA ASP B 161 50.00 -21.31 4.70
C ASP B 161 50.85 -22.59 4.87
N LYS B 162 50.83 -23.21 6.05
CA LYS B 162 51.66 -24.40 6.37
C LYS B 162 51.24 -25.59 5.49
N LYS B 163 49.94 -25.74 5.29
CA LYS B 163 49.31 -26.83 4.48
C LYS B 163 49.69 -26.63 3.01
N ALA B 164 49.72 -25.39 2.52
CA ALA B 164 49.85 -25.09 1.08
C ALA B 164 51.30 -25.21 0.62
N GLY B 165 52.26 -24.91 1.50
CA GLY B 165 53.67 -24.67 1.16
C GLY B 165 54.07 -23.23 1.45
N LYS B 166 55.35 -23.01 1.75
CA LYS B 166 55.88 -21.69 2.21
C LYS B 166 55.87 -20.70 1.03
N ASN B 167 56.34 -21.12 -0.14
CA ASN B 167 56.45 -20.25 -1.34
C ASN B 167 55.23 -20.46 -2.26
N PHE B 168 54.05 -20.73 -1.71
CA PHE B 168 52.92 -21.26 -2.50
C PHE B 168 52.49 -20.25 -3.57
N SER B 169 52.26 -18.99 -3.19
CA SER B 169 51.65 -17.96 -4.06
C SER B 169 52.67 -17.53 -5.13
N ALA B 170 53.97 -17.62 -4.84
CA ALA B 170 55.06 -17.36 -5.82
C ALA B 170 55.24 -18.56 -6.76
N LYS B 171 55.01 -19.78 -6.27
CA LYS B 171 55.18 -21.04 -7.05
C LYS B 171 53.95 -21.25 -7.97
N ASN B 172 52.76 -20.79 -7.56
CA ASN B 172 51.49 -20.80 -8.36
C ASN B 172 50.91 -19.39 -8.41
N PRO B 173 51.32 -18.50 -9.36
CA PRO B 173 50.91 -17.10 -9.29
C PRO B 173 49.41 -16.92 -9.62
N GLY B 174 48.79 -15.92 -8.98
CA GLY B 174 47.33 -15.72 -9.00
C GLY B 174 46.58 -16.51 -7.93
N LEU B 175 47.15 -17.61 -7.44
CA LEU B 175 46.51 -18.50 -6.43
C LEU B 175 46.87 -18.01 -5.01
N SER B 176 45.94 -18.22 -4.07
CA SER B 176 46.14 -18.05 -2.60
C SER B 176 45.19 -19.03 -1.90
N VAL B 177 45.40 -19.24 -0.61
CA VAL B 177 44.63 -20.28 0.12
C VAL B 177 44.07 -19.64 1.40
N GLU B 178 42.96 -20.20 1.89
CA GLU B 178 42.20 -19.70 3.04
C GLU B 178 41.50 -20.89 3.68
N ILE B 179 41.50 -20.97 5.01
CA ILE B 179 40.67 -21.97 5.76
C ILE B 179 39.57 -21.22 6.47
N LYS B 180 38.36 -21.78 6.45
CA LYS B 180 37.18 -21.23 7.14
C LYS B 180 36.57 -22.32 8.01
N ALA B 181 36.09 -21.91 9.18
CA ALA B 181 35.25 -22.72 10.09
C ALA B 181 33.82 -22.80 9.55
N PHE B 182 33.19 -23.96 9.74
CA PHE B 182 31.79 -24.27 9.37
C PHE B 182 31.18 -24.98 10.57
N TYR B 183 29.86 -24.92 10.72
CA TYR B 183 29.13 -25.76 11.69
C TYR B 183 29.61 -25.45 13.11
N GLY B 184 29.82 -24.17 13.42
CA GLY B 184 30.26 -23.72 14.76
C GLY B 184 31.66 -24.19 15.12
N GLY B 185 32.48 -24.65 14.14
CA GLY B 185 33.86 -25.16 14.33
C GLY B 185 33.98 -26.68 14.32
N ASN B 186 32.98 -27.41 13.79
CA ASN B 186 32.98 -28.89 13.69
C ASN B 186 33.46 -29.34 12.29
N LEU B 187 33.69 -28.38 11.40
CA LEU B 187 34.11 -28.69 10.02
C LEU B 187 34.90 -27.50 9.47
N TYR B 188 36.01 -27.78 8.79
CA TYR B 188 36.90 -26.80 8.14
C TYR B 188 37.14 -27.18 6.69
N LEU B 189 37.06 -26.19 5.79
CA LEU B 189 37.40 -26.28 4.36
C LEU B 189 38.52 -25.30 4.03
N MET B 190 39.38 -25.68 3.09
CA MET B 190 40.47 -24.86 2.55
C MET B 190 40.11 -24.53 1.10
N PHE B 191 40.09 -23.25 0.78
CA PHE B 191 39.72 -22.73 -0.53
C PHE B 191 41.03 -22.35 -1.21
N THR B 192 41.28 -22.86 -2.41
CA THR B 192 42.28 -22.26 -3.32
C THR B 192 41.55 -21.30 -4.26
N LYS B 193 41.87 -20.02 -4.11
CA LYS B 193 41.20 -18.88 -4.76
C LYS B 193 42.11 -18.37 -5.87
N LYS B 194 41.57 -18.14 -7.06
CA LYS B 194 42.25 -17.38 -8.14
C LYS B 194 41.58 -15.98 -8.23
N THR B 195 42.40 -14.93 -8.21
CA THR B 195 41.97 -13.55 -7.97
C THR B 195 42.47 -12.70 -9.12
N TYR B 196 41.56 -12.13 -9.88
CA TYR B 196 41.85 -11.13 -10.93
C TYR B 196 41.41 -9.76 -10.42
N THR B 197 42.09 -8.74 -10.91
CA THR B 197 42.14 -7.38 -10.35
C THR B 197 41.92 -6.34 -11.46
N ASP B 198 41.93 -6.77 -12.70
CA ASP B 198 41.68 -5.92 -13.89
C ASP B 198 40.31 -6.36 -14.44
N VAL B 199 39.25 -5.67 -14.03
CA VAL B 199 37.85 -6.04 -14.35
C VAL B 199 37.14 -4.78 -14.86
N ARG B 200 36.74 -4.81 -16.12
CA ARG B 200 36.37 -3.57 -16.83
C ARG B 200 34.85 -3.54 -16.99
N LEU B 201 34.28 -2.36 -16.77
CA LEU B 201 32.87 -2.02 -17.08
C LEU B 201 32.69 -2.08 -18.59
N VAL B 202 31.67 -2.81 -19.05
CA VAL B 202 31.32 -3.06 -20.47
C VAL B 202 29.95 -2.44 -20.76
N GLY B 203 28.95 -2.87 -20.00
CA GLY B 203 27.53 -2.54 -20.23
C GLY B 203 26.79 -2.28 -18.93
N ALA B 204 25.89 -1.31 -18.94
CA ALA B 204 24.99 -0.95 -17.83
C ALA B 204 23.70 -0.36 -18.40
N PRO B 205 22.54 -0.82 -17.92
CA PRO B 205 21.29 -0.18 -18.28
C PRO B 205 21.26 1.18 -17.62
N PRO B 206 20.40 2.11 -18.09
CA PRO B 206 20.16 3.35 -17.35
C PRO B 206 19.63 2.98 -15.96
N SER B 207 19.90 3.86 -14.99
CA SER B 207 19.42 3.78 -13.59
C SER B 207 17.92 3.47 -13.59
N SER B 208 17.17 4.06 -14.51
CA SER B 208 15.72 3.89 -14.70
C SER B 208 15.31 2.42 -14.68
N ILE B 209 16.11 1.55 -15.34
CA ILE B 209 15.86 0.09 -15.45
C ILE B 209 16.55 -0.68 -14.30
N GLY B 210 17.83 -0.39 -14.02
CA GLY B 210 18.62 -1.06 -12.97
C GLY B 210 18.04 -0.83 -11.57
N LYS B 211 17.40 0.33 -11.35
CA LYS B 211 16.83 0.70 -10.03
C LYS B 211 15.32 0.97 -10.15
N PHE B 212 14.62 0.46 -11.15
CA PHE B 212 13.15 0.66 -11.26
C PHE B 212 12.51 0.37 -9.90
N GLY B 213 11.97 1.39 -9.24
CA GLY B 213 11.33 1.26 -7.91
C GLY B 213 12.32 0.90 -6.81
N ALA B 214 13.58 1.32 -6.95
CA ALA B 214 14.65 1.08 -5.96
C ALA B 214 14.10 1.05 -4.52
N ASP B 215 13.59 2.19 -4.03
CA ASP B 215 13.21 2.37 -2.60
C ASP B 215 11.85 1.70 -2.35
N THR B 216 10.83 2.00 -3.19
CA THR B 216 9.42 1.63 -2.94
C THR B 216 9.20 0.11 -3.10
N ASP B 217 9.88 -0.52 -4.06
CA ASP B 217 9.73 -1.96 -4.43
C ASP B 217 10.85 -2.82 -3.81
N ASN B 218 11.72 -2.21 -3.01
CA ASN B 218 12.86 -2.88 -2.32
C ASN B 218 12.29 -3.95 -1.37
N TRP B 219 12.84 -5.16 -1.42
CA TRP B 219 12.31 -6.35 -0.68
C TRP B 219 10.90 -6.71 -1.17
N ILE B 220 10.46 -6.24 -2.35
CA ILE B 220 9.03 -6.44 -2.78
C ILE B 220 8.96 -7.36 -4.00
N TRP B 221 8.09 -8.36 -3.87
CA TRP B 221 7.52 -9.16 -4.98
C TRP B 221 6.03 -8.90 -5.02
N PRO B 222 5.41 -8.57 -6.18
CA PRO B 222 6.07 -8.53 -7.49
C PRO B 222 7.18 -7.49 -7.69
N ARG B 223 8.10 -7.73 -8.62
CA ARG B 223 9.23 -6.79 -8.90
C ARG B 223 9.37 -6.60 -10.43
N HIS B 224 9.81 -5.42 -10.87
CA HIS B 224 9.88 -5.02 -12.30
C HIS B 224 11.23 -4.37 -12.63
N THR B 225 12.29 -4.71 -11.89
CA THR B 225 13.64 -4.08 -11.97
C THR B 225 14.57 -4.95 -12.80
N GLY B 226 15.23 -4.37 -13.81
CA GLY B 226 16.25 -5.06 -14.63
C GLY B 226 17.63 -4.84 -14.04
N ASP B 227 17.85 -5.47 -12.88
CA ASP B 227 19.01 -5.20 -11.97
C ASP B 227 20.23 -6.00 -12.47
N PHE B 228 20.93 -5.47 -13.48
CA PHE B 228 22.12 -6.14 -14.04
C PHE B 228 23.15 -5.08 -14.44
N SER B 229 24.42 -5.49 -14.49
CA SER B 229 25.54 -4.76 -15.16
C SER B 229 26.53 -5.80 -15.66
N ILE B 230 27.47 -5.37 -16.49
CA ILE B 230 28.33 -6.28 -17.29
C ILE B 230 29.79 -5.80 -17.22
N PHE B 231 30.70 -6.74 -17.02
CA PHE B 231 32.15 -6.45 -16.88
C PHE B 231 32.88 -7.43 -17.76
N ARG B 232 34.19 -7.22 -17.92
CA ARG B 232 35.07 -8.25 -18.50
C ARG B 232 36.31 -8.40 -17.62
N ILE B 233 36.73 -9.64 -17.41
CA ILE B 233 38.00 -10.03 -16.73
C ILE B 233 39.12 -9.95 -17.75
N TYR B 234 40.07 -9.05 -17.52
CA TYR B 234 41.34 -8.94 -18.27
C TYR B 234 42.46 -9.62 -17.45
N ALA B 235 43.47 -10.12 -18.16
CA ALA B 235 44.54 -11.03 -17.67
C ALA B 235 45.78 -10.82 -18.52
N ASP B 236 46.88 -11.49 -18.20
CA ASP B 236 48.17 -11.35 -18.93
C ASP B 236 48.08 -12.20 -20.19
N LYS B 237 49.16 -12.21 -20.97
CA LYS B 237 49.32 -13.00 -22.22
C LYS B 237 48.79 -14.43 -22.01
N ASN B 238 48.91 -15.02 -20.81
CA ASN B 238 48.65 -16.46 -20.55
C ASN B 238 47.34 -16.68 -19.80
N GLY B 239 46.59 -15.61 -19.52
CA GLY B 239 45.30 -15.69 -18.80
C GLY B 239 45.53 -15.91 -17.32
N ASN B 240 46.69 -15.46 -16.84
CA ASN B 240 47.06 -15.37 -15.41
C ASN B 240 46.75 -13.96 -14.91
N PRO B 241 46.30 -13.83 -13.64
CA PRO B 241 46.02 -12.52 -13.05
C PRO B 241 47.19 -11.54 -13.20
N ALA B 242 46.85 -10.28 -13.49
CA ALA B 242 47.77 -9.11 -13.50
C ALA B 242 46.98 -7.85 -13.20
N PRO B 243 47.56 -6.89 -12.42
CA PRO B 243 46.95 -5.58 -12.21
C PRO B 243 46.67 -4.93 -13.58
N TYR B 244 45.78 -3.93 -13.61
CA TYR B 244 45.46 -3.15 -14.83
C TYR B 244 46.75 -2.90 -15.62
N SER B 245 46.69 -3.03 -16.94
CA SER B 245 47.69 -2.47 -17.88
C SER B 245 47.12 -2.44 -19.31
N GLU B 246 47.55 -1.46 -20.11
CA GLU B 246 47.21 -1.32 -21.54
C GLU B 246 47.43 -2.67 -22.25
N ASP B 247 48.40 -3.46 -21.80
CA ASP B 247 48.84 -4.72 -22.47
C ASP B 247 47.94 -5.91 -22.15
N ASN B 248 47.04 -5.82 -21.15
CA ASN B 248 46.24 -6.99 -20.70
C ASN B 248 45.14 -7.33 -21.72
N VAL B 249 44.72 -8.58 -21.76
CA VAL B 249 43.77 -9.10 -22.79
C VAL B 249 42.66 -9.90 -22.10
N PRO B 250 41.45 -9.89 -22.68
CA PRO B 250 40.33 -10.61 -22.08
C PRO B 250 40.72 -12.04 -21.70
N LEU B 251 40.28 -12.46 -20.52
CA LEU B 251 40.49 -13.83 -20.00
C LEU B 251 39.66 -14.80 -20.84
N LYS B 252 40.31 -15.86 -21.32
CA LYS B 252 39.66 -17.03 -21.95
C LYS B 252 39.46 -18.02 -20.82
N PRO B 253 38.25 -18.08 -20.20
CA PRO B 253 38.07 -18.88 -18.98
C PRO B 253 37.81 -20.35 -19.33
N LYS B 254 38.07 -21.24 -18.38
CA LYS B 254 37.88 -22.71 -18.49
C LYS B 254 36.41 -23.05 -18.71
N ARG B 255 35.51 -22.23 -18.17
CA ARG B 255 34.04 -22.48 -18.21
C ARG B 255 33.26 -21.16 -18.21
N PHE B 256 32.21 -21.09 -19.02
CA PHE B 256 31.25 -19.96 -19.08
C PHE B 256 29.86 -20.57 -19.18
N PHE B 257 28.83 -19.83 -18.77
CA PHE B 257 27.40 -20.25 -18.87
C PHE B 257 26.89 -20.09 -20.30
N ASN B 258 26.14 -21.07 -20.79
CA ASN B 258 25.24 -20.80 -21.93
C ASN B 258 24.03 -20.00 -21.41
N ILE B 259 23.51 -19.08 -22.23
CA ILE B 259 22.25 -18.33 -21.99
C ILE B 259 21.10 -19.14 -22.60
N SER B 260 20.14 -19.65 -21.81
CA SER B 260 18.88 -20.24 -22.34
C SER B 260 17.94 -19.13 -22.83
N LEU B 261 17.29 -19.32 -23.99
CA LEU B 261 16.17 -18.47 -24.48
C LEU B 261 14.83 -19.20 -24.24
N GLY B 262 14.83 -20.37 -23.61
CA GLY B 262 13.63 -21.21 -23.44
C GLY B 262 12.72 -20.72 -22.33
N GLY B 263 13.19 -19.76 -21.54
CA GLY B 263 12.40 -19.11 -20.48
C GLY B 263 12.14 -20.03 -19.30
N VAL B 264 11.18 -19.65 -18.46
CA VAL B 264 10.78 -20.44 -17.28
C VAL B 264 9.27 -20.65 -17.34
N GLN B 265 8.75 -21.49 -16.46
CA GLN B 265 7.33 -21.87 -16.36
C GLN B 265 7.07 -22.30 -14.94
N GLU B 266 5.85 -22.11 -14.47
CA GLU B 266 5.53 -22.52 -13.10
C GLU B 266 6.11 -23.93 -12.92
N ASN B 267 6.92 -24.11 -11.87
CA ASN B 267 7.39 -25.41 -11.30
C ASN B 267 8.71 -25.89 -11.91
N ASP B 268 9.22 -25.25 -12.96
CA ASP B 268 10.59 -25.50 -13.50
C ASP B 268 11.57 -25.59 -12.33
N TYR B 269 12.45 -26.59 -12.35
CA TYR B 269 13.62 -26.69 -11.45
C TYR B 269 14.43 -25.40 -11.64
N ALA B 270 14.90 -24.84 -10.54
CA ALA B 270 15.87 -23.74 -10.56
C ALA B 270 16.94 -24.02 -9.50
N MET B 271 18.12 -23.46 -9.72
CA MET B 271 19.38 -23.79 -9.04
C MET B 271 20.18 -22.50 -9.01
N ILE B 272 20.83 -22.19 -7.88
CA ILE B 272 21.68 -20.98 -7.72
C ILE B 272 22.99 -21.41 -7.07
N MET B 273 24.10 -20.84 -7.54
CA MET B 273 25.42 -20.85 -6.86
C MET B 273 25.81 -19.39 -6.55
N GLY B 274 26.30 -19.13 -5.34
CA GLY B 274 26.77 -17.80 -4.95
C GLY B 274 27.32 -17.82 -3.55
N PHE B 275 27.48 -16.65 -2.93
CA PHE B 275 28.26 -16.44 -1.69
C PHE B 275 27.36 -15.86 -0.60
N PRO B 276 26.38 -16.62 -0.06
CA PRO B 276 25.49 -16.10 0.98
C PRO B 276 26.38 -15.68 2.14
N GLY B 277 26.05 -14.58 2.81
CA GLY B 277 26.94 -13.95 3.81
C GLY B 277 26.80 -14.57 5.19
N THR B 278 25.60 -14.51 5.76
CA THR B 278 25.34 -14.80 7.19
C THR B 278 23.97 -15.45 7.34
N THR B 279 23.85 -16.53 8.12
CA THR B 279 22.54 -17.07 8.58
C THR B 279 22.65 -17.38 10.06
N HIS B 280 21.52 -17.73 10.68
CA HIS B 280 21.42 -18.04 12.12
C HIS B 280 20.51 -19.26 12.30
N ARG B 281 20.79 -20.30 11.51
CA ARG B 281 20.02 -21.57 11.46
C ARG B 281 20.02 -22.22 12.85
N TYR B 282 21.03 -21.98 13.70
CA TYR B 282 21.23 -22.73 14.98
C TYR B 282 21.02 -21.82 16.21
N PHE B 283 20.30 -20.70 16.03
CA PHE B 283 19.90 -19.78 17.13
C PHE B 283 19.10 -20.62 18.12
N THR B 284 19.33 -20.41 19.41
CA THR B 284 18.42 -20.85 20.50
C THR B 284 17.15 -20.02 20.45
N ALA B 285 16.08 -20.54 21.04
CA ALA B 285 14.84 -19.79 21.33
C ALA B 285 15.17 -18.46 22.03
N SER B 286 16.11 -18.47 22.99
CA SER B 286 16.49 -17.27 23.77
C SER B 286 17.12 -16.21 22.85
N GLU B 287 17.79 -16.65 21.79
CA GLU B 287 18.47 -15.75 20.85
C GLU B 287 17.41 -15.16 19.89
N VAL B 288 16.40 -15.96 19.58
CA VAL B 288 15.24 -15.46 18.80
C VAL B 288 14.57 -14.34 19.61
N ASP B 289 14.30 -14.55 20.90
CA ASP B 289 13.60 -13.57 21.76
C ASP B 289 14.42 -12.29 21.81
N GLU B 290 15.73 -12.44 22.01
CA GLU B 290 16.69 -11.31 22.04
C GLU B 290 16.60 -10.52 20.74
N TRP B 291 16.65 -11.24 19.61
CA TRP B 291 16.65 -10.66 18.25
C TRP B 291 15.35 -9.84 18.07
N LYS B 292 14.20 -10.37 18.48
CA LYS B 292 12.90 -9.63 18.45
C LYS B 292 12.98 -8.45 19.45
N SER B 293 13.14 -8.72 20.75
CA SER B 293 12.76 -7.79 21.85
C SER B 293 13.82 -6.68 22.03
N ILE B 294 15.03 -6.86 21.51
CA ILE B 294 16.11 -5.84 21.57
C ILE B 294 16.43 -5.35 20.16
N ASP B 295 17.14 -6.17 19.37
CA ASP B 295 17.70 -5.77 18.05
C ASP B 295 16.58 -5.14 17.23
N ASN B 296 15.54 -5.90 16.92
CA ASN B 296 14.46 -5.45 16.00
C ASN B 296 13.58 -4.37 16.67
N ASP B 297 13.03 -4.58 17.86
CA ASP B 297 12.04 -3.65 18.47
C ASP B 297 12.69 -2.26 18.58
N ILE B 298 13.98 -2.21 18.91
CA ILE B 298 14.68 -0.90 19.17
C ILE B 298 15.00 -0.25 17.83
N ARG B 299 15.49 -1.00 16.86
CA ARG B 299 15.75 -0.46 15.50
C ARG B 299 14.44 0.10 14.93
N ILE B 300 13.34 -0.61 15.15
CA ILE B 300 12.02 -0.28 14.56
C ILE B 300 11.51 1.00 15.21
N ARG B 301 11.52 1.05 16.53
CA ARG B 301 11.05 2.21 17.36
C ARG B 301 11.85 3.47 17.02
N MET B 302 13.18 3.38 17.07
CA MET B 302 14.07 4.57 16.91
C MET B 302 14.00 5.09 15.47
N ARG B 303 13.98 4.21 14.47
CA ARG B 303 14.00 4.63 13.04
C ARG B 303 12.65 5.24 12.67
N ASP B 304 11.58 4.73 13.26
CA ASP B 304 10.21 5.30 13.11
C ASP B 304 10.17 6.72 13.68
N ILE B 305 10.81 6.98 14.82
CA ILE B 305 10.89 8.36 15.34
C ILE B 305 11.70 9.21 14.35
N ARG B 306 12.85 8.72 13.89
CA ARG B 306 13.79 9.47 13.02
C ARG B 306 13.13 9.81 11.68
N GLN B 307 12.57 8.78 11.04
CA GLN B 307 11.94 8.85 9.71
C GLN B 307 10.75 9.79 9.78
N GLY B 308 9.96 9.70 10.86
CA GLY B 308 8.78 10.55 11.12
C GLY B 308 9.13 12.02 11.11
N VAL B 309 10.28 12.39 11.67
CA VAL B 309 10.69 13.83 11.77
C VAL B 309 11.32 14.27 10.43
N MET B 310 12.22 13.48 9.85
CA MET B 310 12.76 13.76 8.50
C MET B 310 11.59 13.93 7.52
N LEU B 311 10.59 13.04 7.52
CA LEU B 311 9.51 13.08 6.50
C LEU B 311 8.73 14.40 6.64
N ARG B 312 8.23 14.68 7.84
CA ARG B 312 7.54 15.94 8.17
C ARG B 312 8.31 17.07 7.47
N GLU B 313 9.64 17.14 7.70
CA GLU B 313 10.47 18.32 7.35
C GLU B 313 10.72 18.32 5.85
N MET B 314 10.93 17.12 5.28
CA MET B 314 11.09 16.91 3.82
C MET B 314 9.84 17.39 3.08
N LEU B 315 8.66 17.10 3.60
CA LEU B 315 7.38 17.49 2.94
C LEU B 315 7.17 19.02 3.05
N ALA B 316 7.69 19.69 4.09
CA ALA B 316 7.47 21.15 4.30
C ALA B 316 8.40 21.99 3.41
N ASP B 317 9.47 21.41 2.83
CA ASP B 317 10.54 22.19 2.17
C ASP B 317 11.18 21.37 1.06
N PRO B 318 11.03 21.76 -0.24
CA PRO B 318 11.68 21.01 -1.32
C PRO B 318 13.20 20.88 -1.17
N GLN B 319 13.88 21.87 -0.58
CA GLN B 319 15.36 21.85 -0.37
C GLN B 319 15.72 20.71 0.61
N ILE B 320 14.95 20.57 1.70
CA ILE B 320 15.15 19.50 2.72
C ILE B 320 14.90 18.13 2.08
N LYS B 321 13.95 18.00 1.16
CA LYS B 321 13.71 16.72 0.43
C LYS B 321 14.95 16.36 -0.39
N ILE B 322 15.56 17.32 -1.08
CA ILE B 322 16.81 17.09 -1.85
C ILE B 322 17.88 16.64 -0.84
N MET B 323 18.06 17.43 0.22
CA MET B 323 19.16 17.27 1.20
C MET B 323 19.02 15.95 1.99
N TYR B 324 17.81 15.44 2.25
CA TYR B 324 17.60 14.33 3.23
C TYR B 324 17.11 13.04 2.56
N SER B 325 16.65 13.05 1.30
CA SER B 325 15.92 11.86 0.77
C SER B 325 16.83 10.63 0.70
N ALA B 326 18.15 10.81 0.51
CA ALA B 326 19.13 9.69 0.48
C ALA B 326 19.27 9.10 1.91
N LYS B 327 19.37 10.00 2.91
CA LYS B 327 19.49 9.67 4.35
C LYS B 327 18.20 8.98 4.84
N TYR B 328 17.03 9.49 4.44
CA TYR B 328 15.71 8.87 4.71
C TYR B 328 15.69 7.43 4.15
N ALA B 329 15.96 7.29 2.85
CA ALA B 329 15.99 6.02 2.11
C ALA B 329 16.97 5.04 2.79
N ALA B 330 18.18 5.49 3.16
CA ALA B 330 19.18 4.67 3.89
C ALA B 330 18.60 4.18 5.24
N SER B 331 17.97 5.04 6.07
CA SER B 331 17.35 4.58 7.34
C SER B 331 16.25 3.55 7.02
N GLN B 332 15.47 3.73 5.96
CA GLN B 332 14.30 2.83 5.68
C GLN B 332 14.75 1.38 5.41
N ASN B 333 15.90 1.16 4.77
CA ASN B 333 16.34 -0.18 4.29
C ASN B 333 16.26 -1.20 5.44
N ALA B 334 16.99 -0.99 6.55
CA ALA B 334 17.13 -1.99 7.63
C ALA B 334 15.91 -1.90 8.57
N TYR B 335 15.26 -0.74 8.65
CA TYR B 335 13.90 -0.58 9.20
C TYR B 335 12.99 -1.67 8.60
N LYS B 336 12.86 -1.66 7.28
CA LYS B 336 11.95 -2.61 6.59
C LYS B 336 12.41 -4.06 6.85
N ARG B 337 13.71 -4.38 6.71
CA ARG B 337 14.28 -5.71 7.07
C ARG B 337 13.74 -6.14 8.44
N ALA B 338 13.91 -5.29 9.44
CA ALA B 338 13.51 -5.54 10.84
C ALA B 338 12.00 -5.80 10.90
N ILE B 339 11.15 -4.99 10.25
CA ILE B 339 9.69 -5.25 10.26
C ILE B 339 9.45 -6.65 9.65
N GLY B 340 10.09 -6.95 8.52
CA GLY B 340 10.02 -8.27 7.86
C GLY B 340 10.40 -9.38 8.83
N ALA B 341 11.50 -9.18 9.54
CA ALA B 341 12.05 -10.10 10.54
C ALA B 341 10.99 -10.36 11.60
N ASN B 342 10.46 -9.27 12.19
CA ASN B 342 9.48 -9.35 13.32
C ASN B 342 8.21 -10.03 12.81
N TRP B 343 7.80 -9.78 11.58
CA TRP B 343 6.60 -10.47 11.04
C TRP B 343 6.83 -11.99 11.09
N ALA B 344 8.02 -12.47 10.70
CA ALA B 344 8.35 -13.92 10.70
C ALA B 344 8.34 -14.45 12.14
N ILE B 345 8.90 -13.70 13.10
CA ILE B 345 8.92 -14.15 14.52
C ILE B 345 7.48 -14.24 15.06
N LYS B 346 6.61 -13.29 14.73
CA LYS B 346 5.22 -13.23 15.28
C LYS B 346 4.36 -14.34 14.66
N THR B 347 4.65 -14.72 13.44
CA THR B 347 3.67 -15.30 12.49
C THR B 347 4.02 -16.74 12.11
N ARG B 348 5.31 -17.13 12.12
CA ARG B 348 5.75 -18.41 11.49
C ARG B 348 6.35 -19.34 12.54
N GLY B 349 6.21 -19.03 13.82
CA GLY B 349 6.67 -19.85 14.94
C GLY B 349 8.19 -20.07 15.00
N LEU B 350 9.01 -19.06 14.71
CA LEU B 350 10.48 -19.20 14.75
C LEU B 350 10.96 -19.57 16.16
N ARG B 351 10.47 -18.90 17.19
CA ARG B 351 10.86 -19.20 18.60
C ARG B 351 10.57 -20.68 18.89
N GLN B 352 9.34 -21.12 18.59
CA GLN B 352 8.76 -22.43 18.97
C GLN B 352 9.56 -23.53 18.24
N ASN B 353 10.00 -23.25 17.01
CA ASN B 353 10.70 -24.25 16.16
C ASN B 353 12.13 -24.43 16.67
N LYS B 354 12.78 -23.37 17.14
CA LYS B 354 14.10 -23.46 17.80
C LYS B 354 13.96 -24.13 19.16
N GLN B 355 12.91 -23.80 19.93
CA GLN B 355 12.69 -24.42 21.27
C GLN B 355 12.53 -25.94 21.10
N ALA B 356 11.78 -26.41 20.09
CA ALA B 356 11.49 -27.84 19.83
C ALA B 356 12.77 -28.60 19.44
N MET B 357 13.56 -28.00 18.55
CA MET B 357 14.89 -28.48 18.08
C MET B 357 15.84 -28.65 19.27
N GLN B 358 15.96 -27.64 20.12
CA GLN B 358 16.66 -27.70 21.42
C GLN B 358 16.20 -28.94 22.22
N ASP B 359 14.88 -29.07 22.40
CA ASP B 359 14.27 -30.09 23.30
C ASP B 359 14.54 -31.50 22.77
N ARG B 360 14.49 -31.70 21.45
CA ARG B 360 14.77 -33.02 20.82
C ARG B 360 16.20 -33.41 21.18
N LEU B 361 17.14 -32.47 21.02
CA LEU B 361 18.56 -32.75 21.32
C LEU B 361 18.70 -33.07 22.81
N ILE B 362 18.04 -32.32 23.68
CA ILE B 362 18.19 -32.46 25.16
C ILE B 362 17.69 -33.86 25.57
N ALA B 363 16.55 -34.29 25.02
CA ALA B 363 15.91 -35.61 25.28
C ALA B 363 16.88 -36.72 24.83
N TRP B 364 17.44 -36.58 23.63
CA TRP B 364 18.42 -37.51 23.02
C TRP B 364 19.68 -37.60 23.89
N GLY B 365 20.21 -36.48 24.39
CA GLY B 365 21.44 -36.44 25.22
C GLY B 365 21.24 -37.13 26.55
N ALA B 366 20.08 -36.93 27.17
CA ALA B 366 19.59 -37.67 28.36
C ALA B 366 19.57 -39.18 28.04
N LYS B 367 18.91 -39.58 26.96
CA LYS B 367 18.72 -40.99 26.52
C LYS B 367 20.09 -41.67 26.33
N GLN B 368 21.19 -40.92 26.20
CA GLN B 368 22.54 -41.49 25.95
C GLN B 368 23.49 -41.20 27.12
N GLY B 369 23.01 -40.60 28.21
CA GLY B 369 23.78 -40.20 29.40
C GLY B 369 24.86 -39.18 29.11
N THR B 370 24.66 -38.27 28.14
CA THR B 370 25.58 -37.15 27.83
C THR B 370 24.86 -35.83 28.07
N PRO B 371 25.05 -35.17 29.23
CA PRO B 371 24.43 -33.85 29.47
C PRO B 371 25.15 -32.65 28.80
N ARG B 372 26.21 -32.90 28.02
CA ARG B 372 27.03 -31.85 27.33
C ARG B 372 26.13 -30.90 26.51
N TYR B 373 25.12 -31.44 25.81
CA TYR B 373 24.33 -30.68 24.81
C TYR B 373 23.34 -29.79 25.54
N GLU B 374 22.65 -30.35 26.53
CA GLU B 374 21.80 -29.61 27.49
C GLU B 374 22.63 -28.51 28.18
N GLU B 375 23.84 -28.83 28.65
CA GLU B 375 24.69 -27.85 29.37
C GLU B 375 25.00 -26.67 28.44
N ALA B 376 25.26 -26.92 27.16
CA ALA B 376 25.57 -25.92 26.12
C ALA B 376 24.39 -24.96 25.87
N VAL B 377 23.18 -25.51 25.73
CA VAL B 377 21.93 -24.70 25.58
C VAL B 377 21.83 -23.76 26.79
N HIS B 378 21.78 -24.31 28.01
CA HIS B 378 21.60 -23.53 29.26
C HIS B 378 22.67 -22.43 29.38
N GLU B 379 23.92 -22.69 28.93
CA GLU B 379 25.04 -21.71 28.86
C GLU B 379 24.61 -20.53 27.95
N ILE B 380 24.09 -20.83 26.76
CA ILE B 380 23.67 -19.78 25.79
C ILE B 380 22.53 -18.98 26.43
N ASP B 381 21.49 -19.65 26.94
CA ASP B 381 20.33 -19.03 27.64
C ASP B 381 20.83 -18.10 28.75
N ALA B 382 21.82 -18.53 29.52
CA ALA B 382 22.39 -17.80 30.67
C ALA B 382 23.15 -16.56 30.18
N THR B 383 23.97 -16.69 29.14
CA THR B 383 24.75 -15.58 28.58
C THR B 383 23.79 -14.55 27.98
N VAL B 384 22.80 -14.98 27.21
CA VAL B 384 21.80 -14.06 26.59
C VAL B 384 21.06 -13.31 27.70
N ALA B 385 20.62 -14.01 28.73
CA ALA B 385 19.92 -13.40 29.89
C ALA B 385 20.84 -12.34 30.52
N LYS B 386 22.13 -12.62 30.73
CA LYS B 386 23.03 -11.76 31.54
C LYS B 386 23.38 -10.48 30.75
N ARG B 387 23.42 -10.52 29.41
CA ARG B 387 23.86 -9.36 28.60
C ARG B 387 22.66 -8.49 28.19
N ALA B 388 21.45 -8.83 28.64
CA ALA B 388 20.17 -8.24 28.19
C ALA B 388 20.15 -6.72 28.42
N ASP B 389 20.47 -6.21 29.62
CA ASP B 389 20.40 -4.74 29.81
C ASP B 389 21.55 -4.07 29.07
N LEU B 390 22.76 -4.62 29.11
CA LEU B 390 23.91 -4.10 28.29
C LEU B 390 23.52 -3.99 26.80
N ARG B 391 22.98 -5.06 26.24
CA ARG B 391 22.70 -5.15 24.78
C ARG B 391 21.59 -4.13 24.45
N ARG B 392 20.59 -4.02 25.32
CA ARG B 392 19.49 -3.02 25.16
C ARG B 392 20.10 -1.61 25.14
N ARG B 393 21.00 -1.31 26.07
CA ARG B 393 21.65 0.02 26.18
C ARG B 393 22.48 0.27 24.91
N TYR B 394 23.19 -0.74 24.40
CA TYR B 394 23.97 -0.64 23.15
C TYR B 394 23.06 -0.30 21.94
N TRP B 395 22.00 -1.08 21.73
CA TRP B 395 21.08 -0.85 20.57
C TRP B 395 20.42 0.53 20.73
N MET B 396 20.12 0.91 21.95
CA MET B 396 19.42 2.19 22.23
C MET B 396 20.35 3.36 21.87
N ILE B 397 21.64 3.32 22.24
CA ILE B 397 22.56 4.43 21.89
C ILE B 397 22.94 4.36 20.40
N GLU B 398 23.16 3.17 19.85
CA GLU B 398 23.53 2.99 18.42
C GLU B 398 22.38 3.56 17.56
N GLU B 399 21.15 3.14 17.79
CA GLU B 399 20.00 3.48 16.92
C GLU B 399 19.58 4.91 17.22
N GLY B 400 19.56 5.28 18.49
CA GLY B 400 18.99 6.55 18.97
C GLY B 400 19.90 7.72 18.65
N ILE B 401 21.22 7.54 18.79
CA ILE B 401 22.20 8.67 18.82
C ILE B 401 23.25 8.51 17.72
N ILE B 402 23.95 7.38 17.68
CA ILE B 402 25.15 7.22 16.81
C ILE B 402 24.67 7.30 15.35
N ARG B 403 23.60 6.59 15.00
CA ARG B 403 22.95 6.66 13.65
C ARG B 403 21.87 7.73 13.63
N GLY B 404 21.25 8.06 14.77
CA GLY B 404 19.99 8.83 14.82
C GLY B 404 20.20 10.34 14.83
N ILE B 405 21.25 10.82 15.48
CA ILE B 405 21.53 12.29 15.56
C ILE B 405 22.81 12.59 14.80
N GLU B 406 22.72 13.41 13.76
CA GLU B 406 23.84 13.72 12.86
C GLU B 406 24.98 14.41 13.63
N PHE B 407 24.68 15.28 14.61
CA PHE B 407 25.73 16.03 15.33
C PHE B 407 26.42 15.13 16.35
N ALA B 408 26.02 13.87 16.45
CA ALA B 408 26.77 12.83 17.21
C ALA B 408 28.11 12.64 16.50
N ARG B 409 28.12 12.77 15.16
CA ARG B 409 29.30 12.52 14.29
C ARG B 409 29.99 13.84 13.93
N SER B 410 29.80 14.89 14.74
CA SER B 410 30.47 16.19 14.53
C SER B 410 31.93 16.06 14.98
N PRO B 411 32.83 17.02 14.66
CA PRO B 411 34.26 16.76 14.79
C PRO B 411 34.68 16.80 16.26
N ILE B 412 35.57 15.87 16.63
CA ILE B 412 36.24 15.83 17.96
C ILE B 412 37.70 16.16 17.72
N PRO B 413 38.24 17.22 18.37
CA PRO B 413 39.64 17.57 18.22
C PRO B 413 40.52 16.36 18.60
N THR B 414 41.37 15.96 17.65
CA THR B 414 42.45 14.95 17.78
C THR B 414 43.37 15.41 18.94
N GLU B 415 44.23 14.52 19.48
CA GLU B 415 45.15 14.83 20.61
C GLU B 415 46.37 15.63 20.11
N ASP B 416 46.82 15.36 18.87
CA ASP B 416 47.76 16.20 18.07
C ASP B 416 47.24 17.65 17.94
N GLU B 417 45.95 17.80 17.65
CA GLU B 417 45.28 19.08 17.30
C GLU B 417 45.13 19.89 18.60
N THR B 418 44.78 19.23 19.70
CA THR B 418 44.65 19.82 21.06
C THR B 418 45.99 20.44 21.48
N LYS B 419 47.05 19.62 21.47
CA LYS B 419 48.43 20.02 21.85
C LYS B 419 48.85 21.23 21.00
N ALA B 420 48.83 21.10 19.67
CA ALA B 420 49.28 22.12 18.69
C ALA B 420 48.55 23.47 18.89
N LEU B 421 47.39 23.50 19.55
CA LEU B 421 46.58 24.74 19.78
C LEU B 421 47.10 25.48 21.02
N GLN B 422 47.69 24.77 21.99
CA GLN B 422 48.49 25.34 23.11
C GLN B 422 49.87 25.74 22.57
N GLY B 423 50.57 24.80 21.91
CA GLY B 423 51.94 24.92 21.38
C GLY B 423 52.18 26.23 20.64
N ASN B 424 53.36 26.83 20.86
CA ASN B 424 53.75 28.18 20.37
C ASN B 424 53.62 28.27 18.83
N ASP B 425 53.92 27.18 18.13
CA ASP B 425 54.10 27.16 16.65
C ASP B 425 52.81 27.63 15.97
N ALA B 426 52.80 28.87 15.44
CA ALA B 426 51.73 29.49 14.62
C ALA B 426 51.48 28.66 13.35
N SER B 427 52.47 27.85 12.97
CA SER B 427 52.46 26.96 11.77
C SER B 427 51.57 25.74 12.06
N ALA B 428 51.77 25.07 13.20
CA ALA B 428 50.95 23.93 13.67
C ALA B 428 49.52 24.42 13.92
N ARG B 429 49.36 25.39 14.84
CA ARG B 429 48.12 26.18 15.06
C ARG B 429 47.26 26.21 13.79
N LYS B 430 47.80 26.76 12.69
CA LYS B 430 47.01 27.00 11.44
C LYS B 430 46.69 25.66 10.75
N GLU B 431 47.57 24.66 10.89
CA GLU B 431 47.40 23.34 10.20
C GLU B 431 46.36 22.52 10.95
N ALA B 432 46.23 22.70 12.27
CA ALA B 432 45.23 22.03 13.11
C ALA B 432 43.83 22.57 12.76
N ILE B 433 43.67 23.90 12.75
CA ILE B 433 42.40 24.59 12.37
C ILE B 433 41.96 24.10 10.99
N ASP B 434 42.90 23.86 10.09
CA ASP B 434 42.59 23.52 8.67
C ASP B 434 42.04 22.09 8.60
N LYS B 435 42.60 21.17 9.39
CA LYS B 435 42.11 19.77 9.50
C LYS B 435 40.70 19.78 10.11
N ILE B 436 40.51 20.54 11.19
CA ILE B 436 39.20 20.67 11.89
C ILE B 436 38.19 21.38 10.96
N ARG B 437 38.62 22.41 10.22
CA ARG B 437 37.73 23.05 9.21
C ARG B 437 37.30 21.98 8.19
N THR B 438 38.24 21.20 7.65
CA THR B 438 37.94 20.14 6.64
C THR B 438 36.87 19.18 7.20
N ARG B 439 36.98 18.78 8.47
CA ARG B 439 36.02 17.86 9.13
C ARG B 439 34.68 18.60 9.39
N TYR B 440 34.72 19.81 9.93
CA TYR B 440 33.51 20.64 10.16
C TYR B 440 32.70 20.68 8.85
N SER B 441 33.37 20.85 7.71
CA SER B 441 32.77 21.06 6.37
C SER B 441 32.09 19.79 5.85
N LYS B 442 32.69 18.62 6.10
CA LYS B 442 32.12 17.31 5.71
C LYS B 442 30.94 16.98 6.64
N PHE B 443 30.97 17.48 7.88
CA PHE B 443 29.82 17.36 8.82
C PHE B 443 28.70 18.32 8.39
N ALA B 444 28.96 19.63 8.28
CA ALA B 444 27.99 20.64 7.80
C ALA B 444 28.10 20.83 6.28
N ASN B 445 27.89 19.77 5.50
CA ASN B 445 27.99 19.72 4.01
C ASN B 445 26.73 20.30 3.35
N LYS B 446 26.66 20.23 2.02
CA LYS B 446 25.49 20.65 1.20
C LYS B 446 24.20 20.07 1.78
N ASP B 447 24.26 18.85 2.36
CA ASP B 447 23.06 18.02 2.64
C ASP B 447 22.67 18.14 4.11
N TYR B 448 23.42 18.89 4.93
CA TYR B 448 23.18 18.99 6.39
C TYR B 448 22.35 20.24 6.71
N SER B 449 21.27 20.07 7.47
CA SER B 449 20.45 21.19 8.01
C SER B 449 20.53 21.11 9.52
N ALA B 450 21.14 22.09 10.13
CA ALA B 450 21.18 22.26 11.60
C ALA B 450 19.74 22.20 12.18
N GLU B 451 18.75 22.75 11.47
CA GLU B 451 17.36 22.92 11.98
C GLU B 451 16.69 21.54 12.02
N VAL B 452 16.84 20.76 10.96
CA VAL B 452 16.27 19.38 10.89
C VAL B 452 16.95 18.50 11.98
N ASP B 453 18.29 18.56 12.11
CA ASP B 453 19.06 17.77 13.09
C ASP B 453 18.60 18.13 14.52
N LYS B 454 18.36 19.41 14.80
CA LYS B 454 17.87 19.87 16.13
C LYS B 454 16.52 19.19 16.41
N LYS B 455 15.60 19.20 15.46
CA LYS B 455 14.26 18.61 15.61
C LYS B 455 14.38 17.08 15.75
N VAL B 456 15.21 16.43 14.95
CA VAL B 456 15.43 14.95 15.01
C VAL B 456 16.05 14.64 16.38
N ALA B 457 17.09 15.33 16.79
CA ALA B 457 17.74 15.11 18.11
C ALA B 457 16.72 15.28 19.24
N VAL B 458 15.82 16.25 19.18
CA VAL B 458 14.87 16.48 20.32
C VAL B 458 13.92 15.28 20.44
N ALA B 459 13.32 14.85 19.34
CA ALA B 459 12.47 13.64 19.37
C ALA B 459 13.29 12.41 19.82
N MET B 460 14.50 12.20 19.27
CA MET B 460 15.28 10.95 19.51
C MET B 460 15.72 10.90 20.97
N LEU B 461 16.20 12.01 21.51
CA LEU B 461 16.76 12.09 22.88
C LEU B 461 15.62 11.96 23.89
N THR B 462 14.43 12.45 23.54
CA THR B 462 13.20 12.35 24.39
C THR B 462 12.86 10.86 24.58
N GLU B 463 12.93 10.06 23.51
CA GLU B 463 12.80 8.58 23.60
C GLU B 463 14.01 8.02 24.37
N TYR B 464 15.25 8.41 24.08
CA TYR B 464 16.43 7.77 24.73
C TYR B 464 16.39 8.02 26.25
N LEU B 465 16.04 9.24 26.66
CA LEU B 465 16.05 9.68 28.10
C LEU B 465 14.98 8.93 28.93
N LYS B 466 13.84 8.60 28.29
CA LYS B 466 12.73 7.77 28.82
C LYS B 466 13.19 6.33 29.07
N GLU B 467 14.05 5.77 28.20
CA GLU B 467 14.41 4.33 28.16
C GLU B 467 15.70 4.07 28.91
N ILE B 468 16.54 5.09 29.09
CA ILE B 468 17.88 4.92 29.70
C ILE B 468 17.93 5.76 30.96
N PRO B 469 18.05 5.14 32.15
CA PRO B 469 18.01 5.90 33.41
C PRO B 469 19.29 6.73 33.64
N TYR B 470 19.19 7.75 34.49
CA TYR B 470 20.25 8.76 34.75
C TYR B 470 21.64 8.10 34.87
N GLU B 471 21.77 7.01 35.62
CA GLU B 471 23.08 6.44 36.02
C GLU B 471 23.70 5.64 34.86
N ASN B 472 22.94 5.35 33.79
CA ASN B 472 23.48 4.72 32.56
C ASN B 472 23.57 5.72 31.40
N LEU B 473 23.28 7.01 31.62
CA LEU B 473 23.36 8.02 30.53
C LEU B 473 24.83 8.27 30.21
N PRO B 474 25.15 8.62 28.95
CA PRO B 474 26.40 9.31 28.64
C PRO B 474 26.54 10.55 29.56
N LEU B 475 27.73 10.81 30.06
CA LEU B 475 27.96 11.87 31.09
C LEU B 475 27.26 13.17 30.65
N HIS B 476 27.45 13.60 29.40
CA HIS B 476 26.92 14.91 28.92
C HIS B 476 25.37 14.96 29.01
N LEU B 477 24.67 13.85 28.74
CA LEU B 477 23.18 13.81 28.73
C LEU B 477 22.62 13.93 30.15
N ARG B 478 23.44 13.77 31.18
CA ARG B 478 23.01 14.03 32.58
C ARG B 478 22.61 15.50 32.72
N LEU B 479 23.15 16.38 31.88
CA LEU B 479 22.90 17.83 31.98
C LEU B 479 21.42 18.14 31.69
N VAL B 480 20.71 17.32 30.92
CA VAL B 480 19.25 17.56 30.65
C VAL B 480 18.53 17.65 32.00
N LYS B 481 18.74 16.70 32.90
CA LYS B 481 18.09 16.65 34.25
C LYS B 481 18.66 17.79 35.10
N ASP B 482 19.98 17.77 35.31
CA ASP B 482 20.72 18.64 36.27
C ASP B 482 20.52 20.12 35.89
N ARG B 483 21.05 20.58 34.76
CA ARG B 483 21.19 22.02 34.46
C ARG B 483 20.08 22.55 33.52
N PHE B 484 19.18 21.74 32.93
CA PHE B 484 18.14 22.25 32.00
C PHE B 484 16.72 21.85 32.43
N ALA B 485 16.52 21.47 33.71
CA ALA B 485 15.17 21.20 34.26
C ALA B 485 14.41 20.19 33.40
N GLY B 486 15.09 19.20 32.81
CA GLY B 486 14.45 18.18 31.98
C GLY B 486 13.93 18.73 30.66
N ASP B 487 14.33 19.96 30.29
CA ASP B 487 13.94 20.60 29.00
C ASP B 487 14.95 20.18 27.91
N VAL B 488 14.62 19.16 27.13
CA VAL B 488 15.51 18.60 26.07
C VAL B 488 15.69 19.66 24.97
N GLN B 489 14.62 20.39 24.64
CA GLN B 489 14.66 21.49 23.65
C GLN B 489 15.75 22.49 24.09
N ALA B 490 15.78 22.88 25.36
CA ALA B 490 16.78 23.86 25.88
C ALA B 490 18.19 23.30 25.68
N TYR B 491 18.40 22.04 26.10
CA TYR B 491 19.71 21.34 26.06
C TYR B 491 20.22 21.30 24.63
N VAL B 492 19.35 21.03 23.65
CA VAL B 492 19.78 20.95 22.23
C VAL B 492 20.06 22.38 21.74
N ASP B 493 19.10 23.29 21.94
CA ASP B 493 19.24 24.74 21.65
C ASP B 493 20.61 25.24 22.18
N ASP B 494 20.99 24.89 23.42
CA ASP B 494 22.23 25.44 24.05
C ASP B 494 23.46 24.85 23.35
N ILE B 495 23.38 23.59 22.90
CA ILE B 495 24.52 22.93 22.18
C ILE B 495 24.86 23.79 20.94
N PHE B 496 23.87 24.10 20.11
CA PHE B 496 24.06 24.81 18.82
C PHE B 496 24.36 26.31 19.06
N ALA B 497 23.74 26.93 20.05
CA ALA B 497 23.91 28.38 20.34
C ALA B 497 25.39 28.62 20.69
N ARG B 498 25.95 27.85 21.61
CA ARG B 498 27.26 28.12 22.22
C ARG B 498 28.38 27.31 21.56
N SER B 499 28.10 26.46 20.57
CA SER B 499 29.15 25.55 20.02
C SER B 499 29.82 26.19 18.82
N VAL B 500 31.15 26.01 18.74
CA VAL B 500 32.00 26.42 17.58
C VAL B 500 31.56 25.69 16.30
N PHE B 501 30.69 24.67 16.38
CA PHE B 501 30.25 23.91 15.19
C PHE B 501 28.75 24.10 14.91
N GLY B 502 28.08 25.01 15.61
CA GLY B 502 26.64 25.31 15.43
C GLY B 502 26.31 26.08 14.15
N SER B 503 27.30 26.76 13.56
CA SER B 503 27.14 27.60 12.33
C SER B 503 28.52 27.95 11.79
N GLU B 504 28.57 28.28 10.50
CA GLU B 504 29.77 28.83 9.81
C GLU B 504 30.33 29.98 10.66
N ALA B 505 29.52 30.98 10.99
CA ALA B 505 29.93 32.19 11.74
C ALA B 505 30.62 31.78 13.05
N GLN B 506 30.05 30.78 13.74
CA GLN B 506 30.54 30.43 15.11
C GLN B 506 31.87 29.70 14.94
N PHE B 507 32.02 28.93 13.88
CA PHE B 507 33.30 28.27 13.58
C PHE B 507 34.38 29.28 13.18
N ASP B 508 34.04 30.27 12.33
CA ASP B 508 35.04 31.24 11.79
C ASP B 508 35.58 32.08 12.97
N ALA B 509 34.72 32.53 13.88
CA ALA B 509 35.14 33.28 15.10
C ALA B 509 36.11 32.41 15.91
N PHE B 510 35.75 31.16 16.18
CA PHE B 510 36.67 30.22 16.88
C PHE B 510 38.01 30.10 16.13
N ALA B 511 37.97 29.80 14.83
CA ALA B 511 39.16 29.61 13.97
C ALA B 511 40.13 30.81 14.03
N ALA B 512 39.64 32.05 14.15
CA ALA B 512 40.47 33.29 14.25
C ALA B 512 41.14 33.40 15.63
N VAL B 513 40.48 32.97 16.70
CA VAL B 513 41.04 33.02 18.09
C VAL B 513 40.94 31.64 18.72
N PRO B 514 41.68 30.63 18.20
CA PRO B 514 41.57 29.24 18.67
C PRO B 514 42.03 29.05 20.12
N SER B 515 41.11 28.85 21.04
CA SER B 515 41.34 28.62 22.48
C SER B 515 41.06 27.13 22.76
N VAL B 516 42.08 26.35 23.13
CA VAL B 516 41.96 24.91 23.53
C VAL B 516 40.97 24.76 24.70
N GLU B 517 40.76 25.81 25.51
CA GLU B 517 39.82 25.85 26.67
C GLU B 517 38.37 25.93 26.17
N LYS B 518 38.16 26.44 24.95
CA LYS B 518 36.82 26.59 24.31
C LYS B 518 36.42 25.26 23.66
N LEU B 519 37.35 24.56 23.01
CA LEU B 519 37.12 23.20 22.43
C LEU B 519 36.80 22.21 23.55
N ALA B 520 37.60 22.22 24.62
CA ALA B 520 37.51 21.26 25.75
C ALA B 520 36.20 21.45 26.52
N GLU B 521 35.55 22.61 26.35
CA GLU B 521 34.30 22.99 27.08
C GLU B 521 33.16 23.18 26.06
N ASP B 522 33.36 22.81 24.78
CA ASP B 522 32.34 23.00 23.72
C ASP B 522 31.23 21.96 23.91
N PRO B 523 29.98 22.40 24.11
CA PRO B 523 28.89 21.47 24.47
C PRO B 523 28.63 20.40 23.39
N MET B 524 28.87 20.72 22.12
CA MET B 524 28.70 19.74 21.03
C MET B 524 29.87 18.75 21.04
N VAL B 525 31.08 19.21 21.34
CA VAL B 525 32.25 18.30 21.47
C VAL B 525 32.04 17.37 22.68
N LEU B 526 31.63 17.91 23.83
CA LEU B 526 31.35 17.12 25.06
C LEU B 526 30.27 16.09 24.72
N PHE B 527 29.18 16.51 24.05
CA PHE B 527 28.06 15.63 23.65
C PHE B 527 28.62 14.49 22.81
N ALA B 528 29.35 14.81 21.74
CA ALA B 528 29.81 13.83 20.73
C ALA B 528 30.75 12.81 21.36
N SER B 529 31.65 13.25 22.25
CA SER B 529 32.72 12.36 22.75
C SER B 529 32.19 11.54 23.94
N SER B 530 31.30 12.13 24.73
CA SER B 530 30.60 11.45 25.85
C SER B 530 29.78 10.29 25.28
N VAL B 531 29.14 10.55 24.14
CA VAL B 531 28.17 9.62 23.51
C VAL B 531 28.95 8.48 22.85
N PHE B 532 30.10 8.76 22.24
CA PHE B 532 30.99 7.74 21.65
C PHE B 532 31.72 6.96 22.76
N ASP B 533 32.03 7.59 23.88
CA ASP B 533 32.66 6.87 25.01
C ASP B 533 31.69 5.78 25.50
N GLU B 534 30.42 6.10 25.68
CA GLU B 534 29.40 5.13 26.15
C GLU B 534 29.26 4.02 25.09
N TYR B 535 29.19 4.41 23.82
CA TYR B 535 29.02 3.48 22.68
C TYR B 535 30.16 2.44 22.75
N ARG B 536 31.40 2.93 22.85
CA ARG B 536 32.66 2.15 22.87
C ARG B 536 32.72 1.35 24.17
N LYS B 537 32.40 1.96 25.30
CA LYS B 537 32.42 1.29 26.63
C LYS B 537 31.46 0.10 26.61
N LEU B 538 30.26 0.24 26.02
CA LEU B 538 29.25 -0.86 25.98
C LEU B 538 29.75 -1.95 25.03
N TYR B 539 30.40 -1.58 23.91
CA TYR B 539 30.86 -2.55 22.92
C TYR B 539 31.83 -3.49 23.64
N ASN B 540 32.77 -2.89 24.37
CA ASN B 540 33.88 -3.58 25.09
C ASN B 540 33.31 -4.47 26.21
N GLU B 541 32.23 -4.08 26.88
CA GLU B 541 31.63 -4.88 27.97
C GLU B 541 30.87 -6.08 27.38
N LEU B 542 30.27 -5.91 26.20
CA LEU B 542 29.46 -6.96 25.53
C LEU B 542 30.35 -7.97 24.81
N ARG B 543 31.53 -7.58 24.30
CA ARG B 543 32.32 -8.47 23.40
C ARG B 543 32.60 -9.80 24.13
N PRO B 544 33.07 -9.83 25.39
CA PRO B 544 33.32 -11.09 26.11
C PRO B 544 32.17 -12.10 26.16
N TYR B 545 30.91 -11.63 26.09
CA TYR B 545 29.71 -12.51 26.09
C TYR B 545 29.62 -13.30 24.77
N ASP B 546 30.37 -12.94 23.74
CA ASP B 546 30.30 -13.65 22.44
C ASP B 546 30.91 -15.05 22.58
N ASP B 547 31.99 -15.17 23.33
CA ASP B 547 32.84 -16.39 23.41
C ASP B 547 32.08 -17.57 24.02
N PRO B 548 31.52 -17.44 25.24
CA PRO B 548 30.77 -18.53 25.84
C PRO B 548 29.73 -19.08 24.85
N ILE B 549 28.96 -18.20 24.21
CA ILE B 549 27.90 -18.57 23.22
C ILE B 549 28.55 -19.38 22.10
N LEU B 550 29.63 -18.83 21.50
CA LEU B 550 30.37 -19.45 20.38
C LEU B 550 30.86 -20.85 20.80
N ARG B 551 31.52 -20.98 21.95
CA ARG B 551 32.02 -22.29 22.45
C ARG B 551 30.86 -23.28 22.67
N ALA B 552 29.73 -22.82 23.22
CA ALA B 552 28.53 -23.64 23.47
C ALA B 552 27.91 -24.05 22.13
N GLN B 553 27.91 -23.17 21.13
CA GLN B 553 27.39 -23.46 19.76
C GLN B 553 28.19 -24.61 19.16
N ARG B 554 29.50 -24.65 19.35
CA ARG B 554 30.35 -25.72 18.74
C ARG B 554 29.82 -27.06 19.24
N THR B 555 29.46 -27.11 20.52
CA THR B 555 28.95 -28.32 21.21
C THR B 555 27.51 -28.58 20.80
N TYR B 556 26.68 -27.54 20.74
CA TYR B 556 25.26 -27.63 20.32
C TYR B 556 25.14 -28.20 18.90
N ILE B 557 25.90 -27.65 17.95
CA ILE B 557 25.81 -28.07 16.52
C ILE B 557 26.41 -29.47 16.37
N ALA B 558 27.52 -29.78 17.06
CA ALA B 558 28.12 -31.13 17.08
C ALA B 558 27.04 -32.14 17.49
N GLY B 559 26.30 -31.81 18.55
CA GLY B 559 25.16 -32.59 19.04
C GLY B 559 24.09 -32.77 17.98
N LEU B 560 23.72 -31.72 17.25
CA LEU B 560 22.60 -31.80 16.30
C LEU B 560 23.04 -32.63 15.09
N LEU B 561 24.32 -32.54 14.75
CA LEU B 561 24.93 -33.30 13.64
C LEU B 561 24.99 -34.80 14.02
N GLU B 562 25.42 -35.13 15.25
CA GLU B 562 25.59 -36.54 15.68
C GLU B 562 24.20 -37.20 15.73
N MET B 563 23.20 -36.50 16.24
CA MET B 563 21.79 -36.96 16.36
C MET B 563 21.17 -37.22 14.98
N ASP B 564 21.12 -36.22 14.08
CA ASP B 564 20.32 -36.27 12.82
C ASP B 564 21.17 -36.22 11.54
N GLY B 565 22.49 -36.01 11.64
CA GLY B 565 23.38 -35.83 10.47
C GLY B 565 23.12 -34.53 9.71
N ASP B 566 23.86 -34.32 8.62
CA ASP B 566 23.94 -33.01 7.90
C ASP B 566 22.91 -32.96 6.77
N GLN B 567 22.18 -34.05 6.51
CA GLN B 567 21.24 -34.13 5.36
C GLN B 567 20.26 -32.94 5.42
N ASP B 568 19.53 -32.74 6.52
CA ASP B 568 18.53 -31.64 6.66
C ASP B 568 18.99 -30.57 7.67
N GLN B 569 20.27 -30.16 7.60
CA GLN B 569 20.93 -29.22 8.55
C GLN B 569 22.17 -28.60 7.88
N PHE B 570 21.94 -27.53 7.12
CA PHE B 570 22.98 -26.88 6.28
C PHE B 570 23.85 -26.04 7.22
N PRO B 571 25.15 -25.84 6.92
CA PRO B 571 25.99 -24.98 7.76
C PRO B 571 25.66 -23.48 7.56
N ASP B 572 25.61 -22.70 8.65
CA ASP B 572 25.36 -21.23 8.54
C ASP B 572 26.25 -20.69 7.42
N ALA B 573 25.71 -19.78 6.61
CA ALA B 573 26.49 -19.00 5.61
C ALA B 573 27.63 -18.25 6.30
N ASN B 574 28.73 -18.06 5.59
CA ASN B 574 29.99 -17.45 6.08
C ASN B 574 30.80 -16.89 4.88
N LEU B 575 30.11 -16.31 3.89
CA LEU B 575 30.63 -15.78 2.60
C LEU B 575 31.48 -16.81 1.86
N THR B 576 31.11 -18.09 1.87
CA THR B 576 31.74 -19.12 1.00
C THR B 576 30.71 -19.65 -0.01
N LEU B 577 31.21 -20.23 -1.11
CA LEU B 577 30.42 -20.76 -2.25
C LEU B 577 29.43 -21.83 -1.77
N ARG B 578 28.15 -21.67 -2.10
CA ARG B 578 27.06 -22.61 -1.76
C ARG B 578 26.17 -22.76 -2.99
N PHE B 579 25.52 -23.90 -3.13
CA PHE B 579 24.40 -24.07 -4.09
C PHE B 579 23.12 -24.17 -3.25
N THR B 580 22.03 -23.74 -3.85
CA THR B 580 20.64 -23.89 -3.36
C THR B 580 19.82 -24.28 -4.59
N TYR B 581 18.75 -25.04 -4.38
CA TYR B 581 17.85 -25.49 -5.46
C TYR B 581 16.43 -25.30 -4.94
N GLY B 582 15.51 -25.13 -5.89
CA GLY B 582 14.06 -25.19 -5.67
C GLY B 582 13.35 -25.12 -6.99
N GLN B 583 12.31 -24.30 -7.06
CA GLN B 583 11.39 -24.27 -8.23
C GLN B 583 10.88 -22.85 -8.45
N VAL B 584 10.70 -22.50 -9.72
CA VAL B 584 10.10 -21.22 -10.14
C VAL B 584 8.64 -21.25 -9.66
N LYS B 585 8.28 -20.43 -8.67
CA LYS B 585 6.96 -20.57 -8.01
C LYS B 585 6.59 -19.31 -7.22
N GLY B 586 5.35 -18.87 -7.40
CA GLY B 586 4.80 -17.75 -6.61
C GLY B 586 4.33 -18.26 -5.26
N TYR B 587 3.53 -17.45 -4.56
CA TYR B 587 3.04 -17.71 -3.19
C TYR B 587 1.84 -16.80 -2.90
N SER B 588 1.05 -17.16 -1.89
CA SER B 588 -0.03 -16.32 -1.31
C SER B 588 0.52 -15.53 -0.12
N PRO B 589 0.71 -14.21 -0.23
CA PRO B 589 1.18 -13.40 0.90
C PRO B 589 0.17 -13.29 2.05
N ARG B 590 -1.12 -13.41 1.72
CA ARG B 590 -2.23 -13.20 2.67
C ARG B 590 -3.51 -13.73 2.05
N ASP B 591 -4.56 -13.77 2.84
CA ASP B 591 -5.87 -14.39 2.50
C ASP B 591 -6.31 -13.87 1.14
N ASN B 592 -6.56 -14.79 0.21
CA ASN B 592 -7.23 -14.49 -1.07
C ASN B 592 -6.36 -13.58 -1.96
N VAL B 593 -5.06 -13.46 -1.71
CA VAL B 593 -4.12 -12.82 -2.68
C VAL B 593 -3.12 -13.88 -3.12
N TYR B 594 -2.82 -13.94 -4.41
CA TYR B 594 -1.73 -14.78 -4.97
C TYR B 594 -0.86 -13.90 -5.88
N TYR B 595 0.46 -13.99 -5.66
CA TYR B 595 1.53 -13.45 -6.51
C TYR B 595 2.06 -14.59 -7.36
N GLY B 596 2.13 -14.40 -8.69
CA GLY B 596 2.58 -15.48 -9.61
C GLY B 596 4.09 -15.57 -9.70
N HIS B 597 4.57 -16.60 -10.38
CA HIS B 597 6.02 -16.89 -10.56
C HIS B 597 6.69 -15.83 -11.45
N GLN B 598 5.97 -15.07 -12.28
CA GLN B 598 6.60 -14.21 -13.34
C GLN B 598 5.92 -12.82 -13.41
N THR B 599 6.72 -11.75 -13.52
CA THR B 599 6.31 -10.37 -13.85
C THR B 599 6.66 -10.10 -15.32
N THR B 600 6.00 -9.10 -15.91
CA THR B 600 6.12 -8.80 -17.36
C THR B 600 6.35 -7.32 -17.53
N LEU B 601 6.71 -6.91 -18.73
CA LEU B 601 7.01 -5.49 -19.05
C LEU B 601 5.73 -4.66 -18.95
N ASP B 602 4.56 -5.31 -18.95
CA ASP B 602 3.25 -4.63 -18.71
C ASP B 602 3.24 -4.01 -17.30
N GLY B 603 3.80 -4.70 -16.30
CA GLY B 603 3.88 -4.20 -14.92
C GLY B 603 4.73 -2.94 -14.81
N VAL B 604 5.79 -2.83 -15.62
CA VAL B 604 6.66 -1.63 -15.67
C VAL B 604 5.80 -0.46 -16.14
N MET B 605 5.05 -0.67 -17.22
CA MET B 605 4.21 0.37 -17.85
C MET B 605 3.09 0.78 -16.88
N GLU B 606 2.51 -0.17 -16.16
CA GLU B 606 1.48 0.07 -15.11
C GLU B 606 2.03 0.99 -14.02
N LYS B 607 3.31 0.86 -13.67
CA LYS B 607 3.93 1.50 -12.48
C LYS B 607 4.51 2.86 -12.87
N GLU B 608 4.61 3.13 -14.18
CA GLU B 608 5.24 4.38 -14.70
C GLU B 608 4.64 5.61 -14.03
N ASP B 609 5.51 6.53 -13.60
CA ASP B 609 5.13 7.81 -12.95
C ASP B 609 6.25 8.81 -13.26
N PRO B 610 6.13 9.63 -14.33
CA PRO B 610 7.20 10.56 -14.71
C PRO B 610 7.60 11.59 -13.64
N ASP B 611 6.78 11.80 -12.59
CA ASP B 611 7.08 12.77 -11.50
C ASP B 611 7.85 12.07 -10.36
N ASN B 612 7.95 10.74 -10.37
CA ASN B 612 8.66 9.94 -9.34
C ASN B 612 9.93 9.35 -9.93
N TRP B 613 11.11 9.84 -9.54
CA TRP B 613 12.42 9.42 -10.13
C TRP B 613 12.53 7.88 -10.21
N GLU B 614 12.01 7.15 -9.21
CA GLU B 614 12.13 5.68 -9.09
C GLU B 614 11.35 4.96 -10.20
N PHE B 615 10.32 5.60 -10.75
CA PHE B 615 9.35 4.98 -11.70
C PHE B 615 9.41 5.72 -13.04
N VAL B 616 10.49 6.44 -13.30
CA VAL B 616 10.76 6.97 -14.67
C VAL B 616 10.83 5.73 -15.57
N VAL B 617 10.17 5.74 -16.73
CA VAL B 617 10.35 4.66 -17.74
C VAL B 617 11.17 5.20 -18.92
N ASP B 618 12.22 4.45 -19.26
CA ASP B 618 13.22 4.86 -20.28
C ASP B 618 12.53 4.96 -21.63
N PRO B 619 12.71 6.07 -22.37
CA PRO B 619 11.99 6.25 -23.63
C PRO B 619 12.14 5.06 -24.59
N LYS B 620 13.35 4.52 -24.74
CA LYS B 620 13.62 3.43 -25.72
C LYS B 620 12.92 2.15 -25.23
N LEU B 621 12.78 1.98 -23.91
CA LEU B 621 12.05 0.81 -23.35
C LEU B 621 10.55 0.97 -23.61
N LYS B 622 10.00 2.15 -23.30
CA LYS B 622 8.58 2.51 -23.58
C LYS B 622 8.26 2.17 -25.05
N ALA B 623 9.13 2.61 -25.97
CA ALA B 623 9.03 2.42 -27.43
C ALA B 623 8.97 0.91 -27.75
N VAL B 624 9.99 0.17 -27.33
CA VAL B 624 10.05 -1.31 -27.46
C VAL B 624 8.71 -1.90 -27.01
N TYR B 625 8.17 -1.43 -25.89
CA TYR B 625 6.91 -1.96 -25.33
C TYR B 625 5.74 -1.72 -26.31
N GLU B 626 5.61 -0.49 -26.82
CA GLU B 626 4.51 -0.06 -27.71
C GLU B 626 4.61 -0.79 -29.05
N ARG B 627 5.81 -0.82 -29.63
CA ARG B 627 6.16 -1.46 -30.92
C ARG B 627 6.15 -2.99 -30.81
N LYS B 628 6.06 -3.56 -29.60
CA LYS B 628 6.14 -5.03 -29.38
C LYS B 628 7.44 -5.58 -29.98
N ASP B 629 8.49 -4.77 -29.98
CA ASP B 629 9.83 -5.03 -30.59
C ASP B 629 10.64 -5.90 -29.63
N PHE B 630 10.16 -7.12 -29.33
CA PHE B 630 10.67 -8.04 -28.29
C PHE B 630 11.57 -9.14 -28.89
N GLY B 631 11.90 -9.09 -30.20
CA GLY B 631 12.62 -10.15 -30.95
C GLY B 631 12.28 -11.57 -30.47
N ARG B 632 13.31 -12.38 -30.22
CA ARG B 632 13.17 -13.82 -29.84
C ARG B 632 13.05 -13.95 -28.31
N TYR B 633 12.98 -12.83 -27.58
CA TYR B 633 13.08 -12.79 -26.10
C TYR B 633 11.69 -12.82 -25.45
N ALA B 634 10.59 -12.56 -26.17
CA ALA B 634 9.22 -12.60 -25.62
C ALA B 634 8.82 -14.04 -25.34
N ASP B 635 7.78 -14.25 -24.54
CA ASP B 635 7.32 -15.59 -24.10
C ASP B 635 6.30 -16.11 -25.12
N ARG B 636 5.84 -17.35 -24.91
CA ARG B 636 4.96 -18.11 -25.84
C ARG B 636 3.76 -17.23 -26.24
N SER B 637 3.16 -16.52 -25.28
CA SER B 637 1.91 -15.74 -25.43
C SER B 637 2.15 -14.37 -26.09
N GLY B 638 3.40 -13.91 -26.19
CA GLY B 638 3.77 -12.58 -26.75
C GLY B 638 3.95 -11.53 -25.66
N ARG B 639 3.78 -11.91 -24.39
CA ARG B 639 4.15 -11.06 -23.22
C ARG B 639 5.69 -11.02 -23.07
N MET B 640 6.27 -9.85 -22.80
CA MET B 640 7.73 -9.69 -22.56
C MET B 640 8.02 -9.91 -21.08
N PRO B 641 8.76 -10.97 -20.67
CA PRO B 641 9.01 -11.23 -19.26
C PRO B 641 10.10 -10.28 -18.73
N VAL B 642 10.11 -10.06 -17.41
CA VAL B 642 11.06 -9.13 -16.72
C VAL B 642 11.76 -9.88 -15.59
N ALA B 643 11.00 -10.45 -14.66
CA ALA B 643 11.57 -11.10 -13.48
C ALA B 643 10.69 -12.29 -13.08
N PHE B 644 11.27 -13.22 -12.32
CA PHE B 644 10.56 -14.39 -11.76
C PHE B 644 11.07 -14.59 -10.34
N CYS B 645 10.44 -15.50 -9.62
CA CYS B 645 10.80 -15.78 -8.22
C CYS B 645 10.91 -17.30 -8.06
N ALA B 646 11.73 -17.75 -7.11
CA ALA B 646 12.00 -19.18 -6.86
C ALA B 646 12.05 -19.45 -5.35
N THR B 647 11.77 -20.72 -5.01
CA THR B 647 11.80 -21.30 -3.65
C THR B 647 13.24 -21.63 -3.26
N THR B 648 14.19 -21.00 -3.90
CA THR B 648 15.63 -21.15 -3.64
C THR B 648 15.93 -20.43 -2.30
N HIS B 649 16.97 -20.85 -1.56
CA HIS B 649 17.32 -20.34 -0.21
C HIS B 649 18.54 -19.41 -0.29
N THR B 650 18.30 -18.11 -0.21
CA THR B 650 19.27 -17.02 -0.49
C THR B 650 19.26 -16.02 0.67
N THR B 651 20.35 -15.26 0.77
CA THR B 651 20.49 -14.15 1.74
C THR B 651 21.49 -13.18 1.14
N GLY B 652 21.68 -12.05 1.80
CA GLY B 652 22.63 -11.04 1.32
C GLY B 652 23.95 -11.73 1.06
N GLY B 653 24.61 -11.38 -0.04
CA GLY B 653 25.77 -12.09 -0.57
C GLY B 653 25.42 -12.78 -1.87
N ASN B 654 24.13 -13.12 -2.07
CA ASN B 654 23.63 -13.83 -3.27
C ASN B 654 23.23 -12.82 -4.38
N SER B 655 23.42 -11.52 -4.17
CA SER B 655 23.27 -10.51 -5.25
C SER B 655 24.07 -10.98 -6.48
N GLY B 656 23.42 -11.08 -7.65
CA GLY B 656 24.09 -11.25 -8.96
C GLY B 656 24.44 -12.70 -9.26
N SER B 657 23.95 -13.62 -8.41
CA SER B 657 24.17 -15.08 -8.54
C SER B 657 23.48 -15.59 -9.80
N PRO B 658 24.14 -16.52 -10.55
CA PRO B 658 23.55 -17.10 -11.74
C PRO B 658 22.38 -17.99 -11.31
N VAL B 659 21.25 -17.89 -12.01
CA VAL B 659 20.11 -18.83 -11.86
C VAL B 659 20.17 -19.79 -13.08
N MET B 660 20.18 -21.08 -12.78
CA MET B 660 20.32 -22.18 -13.78
C MET B 660 19.02 -22.98 -13.81
N ASN B 661 18.65 -23.44 -15.01
CA ASN B 661 17.56 -24.42 -15.26
C ASN B 661 18.09 -25.83 -15.01
N ALA B 662 17.33 -26.85 -15.42
CA ALA B 662 17.61 -28.27 -15.11
C ALA B 662 18.90 -28.72 -15.80
N ASN B 663 19.26 -28.09 -16.93
CA ASN B 663 20.45 -28.43 -17.74
C ASN B 663 21.57 -27.40 -17.49
N GLY B 664 21.56 -26.70 -16.35
CA GLY B 664 22.63 -25.76 -15.95
C GLY B 664 22.84 -24.55 -16.86
N GLU B 665 21.87 -24.19 -17.69
CA GLU B 665 22.05 -22.97 -18.52
C GLU B 665 21.44 -21.79 -17.79
N LEU B 666 21.88 -20.57 -18.07
CA LEU B 666 21.50 -19.37 -17.30
C LEU B 666 20.10 -18.91 -17.70
N ILE B 667 19.18 -18.81 -16.72
CA ILE B 667 17.77 -18.35 -16.94
C ILE B 667 17.54 -17.00 -16.24
N GLY B 668 18.35 -16.64 -15.24
CA GLY B 668 18.22 -15.33 -14.56
C GLY B 668 19.45 -14.94 -13.73
N LEU B 669 19.43 -13.71 -13.21
CA LEU B 669 20.30 -13.20 -12.12
C LEU B 669 19.46 -12.95 -10.89
N ASN B 670 19.82 -13.57 -9.77
CA ASN B 670 19.27 -13.24 -8.44
C ASN B 670 19.61 -11.79 -8.13
N PHE B 671 18.70 -10.99 -7.55
CA PHE B 671 19.05 -9.61 -7.13
C PHE B 671 18.34 -9.16 -5.85
N ASP B 672 17.42 -9.96 -5.31
CA ASP B 672 16.72 -9.61 -4.05
C ASP B 672 16.00 -10.83 -3.51
N ARG B 673 15.38 -10.62 -2.35
CA ARG B 673 14.60 -11.60 -1.55
C ARG B 673 13.37 -10.80 -1.06
N ASN B 674 12.18 -11.41 -0.97
CA ASN B 674 10.97 -10.68 -0.55
C ASN B 674 11.06 -10.52 0.96
N TRP B 675 10.48 -9.44 1.50
CA TRP B 675 10.49 -9.09 2.94
C TRP B 675 9.91 -10.23 3.76
N GLU B 676 8.89 -10.93 3.26
CA GLU B 676 8.30 -12.11 3.95
C GLU B 676 9.35 -13.20 4.17
N GLY B 677 10.53 -13.12 3.55
CA GLY B 677 11.56 -14.17 3.57
C GLY B 677 12.76 -13.78 4.42
N VAL B 678 12.68 -12.69 5.17
CA VAL B 678 13.88 -12.15 5.88
C VAL B 678 14.18 -13.08 7.05
N GLY B 679 13.13 -13.57 7.72
CA GLY B 679 13.23 -14.55 8.81
C GLY B 679 13.86 -15.85 8.35
N GLY B 680 14.03 -16.00 7.04
CA GLY B 680 14.55 -17.20 6.37
C GLY B 680 16.01 -17.43 6.71
N ASP B 681 16.70 -16.37 7.13
CA ASP B 681 18.06 -16.44 7.73
C ASP B 681 18.01 -17.29 9.01
N ILE B 682 16.88 -17.37 9.71
CA ILE B 682 16.75 -18.16 10.98
C ILE B 682 16.01 -19.48 10.67
N GLN B 683 14.90 -19.41 9.96
CA GLN B 683 14.06 -20.58 9.63
C GLN B 683 13.56 -20.39 8.21
N TYR B 684 13.83 -21.37 7.35
CA TYR B 684 13.41 -21.36 5.94
C TYR B 684 11.89 -21.37 5.92
N LEU B 685 11.31 -20.48 5.14
CA LEU B 685 9.83 -20.27 5.11
C LEU B 685 9.31 -20.70 3.75
N ALA B 686 9.05 -22.02 3.55
CA ALA B 686 8.71 -22.65 2.25
C ALA B 686 7.52 -21.94 1.58
N ASP B 687 6.51 -21.49 2.32
CA ASP B 687 5.25 -20.95 1.72
C ASP B 687 5.30 -19.43 1.53
N TYR B 688 6.42 -18.76 1.84
CA TYR B 688 6.52 -17.26 1.73
C TYR B 688 7.89 -16.82 1.18
N GLN B 689 8.99 -17.35 1.70
CA GLN B 689 10.35 -16.94 1.28
C GLN B 689 10.53 -17.14 -0.24
N ARG B 690 10.98 -16.14 -0.98
CA ARG B 690 11.33 -16.35 -2.40
C ARG B 690 12.56 -15.53 -2.77
N SER B 691 13.42 -16.07 -3.64
CA SER B 691 14.50 -15.33 -4.36
C SER B 691 13.88 -14.59 -5.54
N ILE B 692 14.27 -13.33 -5.73
CA ILE B 692 13.71 -12.44 -6.77
C ILE B 692 14.81 -12.25 -7.82
N ILE B 693 14.46 -12.58 -9.06
CA ILE B 693 15.43 -12.94 -10.13
C ILE B 693 15.02 -12.19 -11.40
N VAL B 694 15.93 -11.43 -11.98
CA VAL B 694 15.67 -10.78 -13.29
C VAL B 694 15.86 -11.86 -14.34
N ASP B 695 14.84 -12.02 -15.19
CA ASP B 695 14.77 -13.02 -16.29
C ASP B 695 15.87 -12.65 -17.29
N ILE B 696 16.66 -13.63 -17.75
CA ILE B 696 17.82 -13.39 -18.67
C ILE B 696 17.29 -12.85 -20.01
N ARG B 697 16.10 -13.28 -20.42
CA ARG B 697 15.43 -12.77 -21.64
C ARG B 697 15.37 -11.24 -21.55
N TYR B 698 15.03 -10.68 -20.39
CA TYR B 698 14.90 -9.22 -20.17
C TYR B 698 16.28 -8.55 -20.18
N VAL B 699 17.32 -9.21 -19.65
CA VAL B 699 18.72 -8.71 -19.75
C VAL B 699 19.09 -8.58 -21.23
N LEU B 700 18.87 -9.64 -22.01
CA LEU B 700 19.19 -9.67 -23.46
C LEU B 700 18.38 -8.58 -24.16
N LEU B 701 17.07 -8.51 -23.92
CA LEU B 701 16.22 -7.46 -24.55
C LEU B 701 16.89 -6.11 -24.28
N VAL B 702 17.29 -5.84 -23.04
CA VAL B 702 17.78 -4.47 -22.68
C VAL B 702 19.11 -4.26 -23.39
N ILE B 703 19.96 -5.28 -23.42
CA ILE B 703 21.29 -5.18 -24.08
C ILE B 703 21.04 -4.85 -25.55
N ASP B 704 20.18 -5.67 -26.18
CA ASP B 704 19.89 -5.61 -27.65
C ASP B 704 19.19 -4.29 -28.01
N LYS B 705 18.02 -4.03 -27.41
CA LYS B 705 17.05 -3.03 -27.92
C LYS B 705 17.27 -1.67 -27.24
N VAL B 706 17.98 -1.60 -26.12
CA VAL B 706 18.14 -0.33 -25.36
C VAL B 706 19.59 0.16 -25.47
N GLY B 707 20.56 -0.74 -25.36
CA GLY B 707 21.99 -0.41 -25.49
C GLY B 707 22.45 -0.46 -26.94
N GLY B 708 21.83 -1.33 -27.75
CA GLY B 708 22.18 -1.54 -29.18
C GLY B 708 23.55 -2.16 -29.29
N CYS B 709 23.90 -3.00 -28.32
CA CYS B 709 25.28 -3.49 -28.12
C CYS B 709 25.34 -4.95 -28.59
N GLN B 710 25.12 -5.14 -29.89
CA GLN B 710 24.96 -6.45 -30.55
C GLN B 710 26.21 -7.32 -30.25
N ARG B 711 27.42 -6.74 -30.26
CA ARG B 711 28.68 -7.50 -30.11
C ARG B 711 28.63 -8.40 -28.87
N LEU B 712 27.91 -7.97 -27.81
CA LEU B 712 27.80 -8.70 -26.53
C LEU B 712 26.91 -9.93 -26.72
N LEU B 713 25.83 -9.82 -27.50
CA LEU B 713 24.97 -10.98 -27.88
C LEU B 713 25.85 -12.01 -28.60
N ASP B 714 26.57 -11.56 -29.64
CA ASP B 714 27.39 -12.36 -30.59
C ASP B 714 28.42 -13.19 -29.80
N GLU B 715 29.08 -12.53 -28.85
CA GLU B 715 30.14 -13.07 -27.95
C GLU B 715 29.55 -14.18 -27.07
N MET B 716 28.30 -14.06 -26.62
CA MET B 716 27.71 -15.05 -25.70
C MET B 716 27.37 -16.31 -26.49
N ASN B 717 27.13 -17.44 -25.82
CA ASN B 717 26.63 -18.67 -26.48
C ASN B 717 25.14 -18.83 -26.13
N ILE B 718 24.27 -18.19 -26.93
CA ILE B 718 22.80 -18.21 -26.74
C ILE B 718 22.23 -19.47 -27.41
N VAL B 719 21.41 -20.22 -26.67
CA VAL B 719 20.90 -21.56 -27.07
C VAL B 719 19.39 -21.61 -26.81
N PRO B 720 18.67 -22.52 -27.53
CA PRO B 720 17.24 -22.75 -27.30
C PRO B 720 16.87 -23.21 -25.87
C1 GOL C . -25.12 21.46 -13.31
O1 GOL C . -26.02 22.55 -13.08
C2 GOL C . -23.67 21.83 -13.04
O2 GOL C . -23.61 23.18 -12.59
C3 GOL C . -22.99 20.91 -12.03
O3 GOL C . -21.62 20.64 -12.35
OAI C8O D . -19.32 3.57 -2.67
CAE C8O D . -19.99 2.94 -3.53
OAM C8O D . -19.90 3.28 -4.75
CAB C8O D . -20.81 1.85 -3.13
CAC C8O D . -21.21 0.95 -4.14
CAD C8O D . -22.01 -0.13 -3.87
NAA C8O D . -22.40 -1.04 -4.80
OAH C8O D . -21.81 -1.20 -5.95
OAG C8O D . -23.37 -1.83 -4.51
CAJ C8O D . -22.42 -0.30 -2.55
CAK C8O D . -22.05 0.57 -1.55
CAF C8O D . -21.24 1.64 -1.81
NAL C8O D . -20.86 2.50 -0.83
CAO C8O D . -21.04 2.29 0.65
CAP C8O D . -19.79 2.63 1.48
NAN C8O D . -18.97 1.39 1.51
OAI C8O E . 18.99 -9.80 2.22
CAE C8O E . 19.02 -8.99 1.21
OAM C8O E . 19.00 -7.75 1.39
CAB C8O E . 19.27 -9.41 -0.08
CAC C8O E . 19.17 -10.78 -0.33
CAD C8O E . 19.48 -11.25 -1.60
NAA C8O E . 19.42 -12.53 -1.91
OAH C8O E . 20.20 -12.90 -2.83
OAG C8O E . 18.54 -13.38 -1.27
CAJ C8O E . 19.91 -10.42 -2.62
CAK C8O E . 20.00 -9.08 -2.40
CAF C8O E . 19.68 -8.55 -1.16
NAL C8O E . 19.88 -7.23 -1.08
CAO C8O E . 19.04 -6.22 -0.51
CAP C8O E . 18.51 -5.30 -1.57
NAN C8O E . 17.21 -4.97 -0.94
#